data_4NPA
#
_entry.id   4NPA
#
_cell.length_a   58.330
_cell.length_b   96.340
_cell.length_c   333.260
_cell.angle_alpha   90.00
_cell.angle_beta   90.00
_cell.angle_gamma   90.00
#
_symmetry.space_group_name_H-M   'P 2 21 21'
#
loop_
_entity.id
_entity.type
_entity.pdbx_description
1 polymer 'Putative uncharacterized protein'
2 non-polymer 'SULFATE ION'
3 non-polymer 'PHOSPHATE ION'
4 non-polymer DI(HYDROXYETHYL)ETHER
5 water water
#
_entity_poly.entity_id   1
_entity_poly.type   'polypeptide(L)'
_entity_poly.pdbx_seq_one_letter_code
;MSLIIQVSPAGSMDLLSQLEVERLKKTASSDLYQLYRNCSLAVLNSGSHTDNSKELLDKYKNFDITVMRRERGIKLELAN
PPEHAFVDGQIIKGIQEHLFSVLRDIVYVNMHLADSQRLNLTNATHITNLVFGILRNAGALIPGATPNLVVCWGGHSINE
VEYQYTREVGHELGLRELNICTGCGPGAMEGPMKGAAVGHAKQRYSEYRYLGLTEPSIIAAEPPNPIVNELVIMPDIEKR
LEAFVRMAHGIIIFPGGPGTAEELLYILGIMMHPENADQPMPIVLTGPKQSEAYFRSLDKFITDTLGEAARKHYSIAIDN
PAEAARIMSNAMPLVRQHRKDKEDAYSFNWSLKIEPEFQLPFEPNHESMANLDLHLNQRPEVLAANLRRAFSGVVAGNVK
AEGIREIERHGPFEMHGDPVLMKKMDQLLNDFVAQNRMKLPGGSAYEPCYKIVTEG
;
_entity_poly.pdbx_strand_id   A,B,C,D
#
loop_
_chem_comp.id
_chem_comp.type
_chem_comp.name
_chem_comp.formula
PEG non-polymer DI(HYDROXYETHYL)ETHER 'C4 H10 O3'
PO4 non-polymer 'PHOSPHATE ION' 'O4 P -3'
SO4 non-polymer 'SULFATE ION' 'O4 S -2'
#
# COMPACT_ATOMS: atom_id res chain seq x y z
N SER A 2 -41.52 5.80 6.11
CA SER A 2 -40.52 5.05 5.30
C SER A 2 -39.17 5.72 5.50
N LEU A 3 -38.16 4.90 5.82
CA LEU A 3 -36.76 5.32 6.07
C LEU A 3 -35.93 4.97 4.83
N ILE A 4 -35.21 5.93 4.31
CA ILE A 4 -34.37 5.65 3.14
C ILE A 4 -32.91 5.72 3.60
N ILE A 5 -32.11 4.68 3.34
CA ILE A 5 -30.67 4.78 3.65
C ILE A 5 -29.99 4.53 2.30
N GLN A 6 -29.03 5.39 1.96
CA GLN A 6 -28.15 5.25 0.80
C GLN A 6 -26.92 4.49 1.13
N VAL A 7 -26.46 3.65 0.21
CA VAL A 7 -25.21 2.97 0.42
C VAL A 7 -24.27 3.34 -0.71
N SER A 8 -23.07 3.84 -0.37
CA SER A 8 -21.98 4.12 -1.34
C SER A 8 -21.04 2.90 -1.49
N PRO A 9 -20.55 2.57 -2.72
CA PRO A 9 -19.60 1.44 -2.51
C PRO A 9 -18.30 2.14 -2.24
N ALA A 10 -17.31 1.41 -1.72
CA ALA A 10 -15.94 1.92 -1.77
C ALA A 10 -15.40 1.55 -3.17
N GLY A 11 -14.26 0.87 -3.21
CA GLY A 11 -13.93 0.05 -4.38
C GLY A 11 -14.66 -1.28 -4.26
N SER A 12 -14.13 -2.30 -4.93
CA SER A 12 -14.80 -3.61 -4.88
C SER A 12 -16.31 -3.47 -5.25
N MET A 13 -16.58 -2.54 -6.19
CA MET A 13 -17.63 -2.71 -7.19
C MET A 13 -17.50 -2.00 -8.52
N ASP A 14 -17.36 -2.78 -9.57
CA ASP A 14 -17.33 -2.27 -10.94
C ASP A 14 -18.53 -1.48 -11.35
N LEU A 15 -18.30 -0.71 -12.40
CA LEU A 15 -19.37 -0.06 -13.04
C LEU A 15 -20.24 -1.16 -13.70
N LEU A 16 -21.53 -0.83 -13.80
CA LEU A 16 -22.47 -1.64 -14.53
C LEU A 16 -23.17 -0.80 -15.52
N SER A 17 -23.63 -1.43 -16.59
CA SER A 17 -24.35 -0.72 -17.65
C SER A 17 -25.79 -0.71 -17.27
N GLN A 18 -26.55 0.12 -17.98
CA GLN A 18 -28.00 0.22 -17.85
C GLN A 18 -28.62 -1.08 -18.25
N LEU A 19 -28.13 -1.71 -19.31
CA LEU A 19 -28.63 -3.05 -19.72
C LEU A 19 -28.58 -3.99 -18.52
N GLU A 20 -27.47 -3.96 -17.78
CA GLU A 20 -27.32 -4.76 -16.57
C GLU A 20 -28.28 -4.38 -15.44
N VAL A 21 -28.51 -3.09 -15.20
CA VAL A 21 -29.32 -2.70 -14.04
C VAL A 21 -30.85 -2.90 -14.23
N GLU A 22 -31.31 -2.62 -15.46
CA GLU A 22 -32.73 -2.57 -15.74
C GLU A 22 -33.24 -3.96 -15.43
N ARG A 23 -32.39 -4.99 -15.60
CA ARG A 23 -32.79 -6.33 -15.23
C ARG A 23 -33.34 -6.36 -13.75
N LEU A 24 -32.88 -5.48 -12.86
CA LEU A 24 -33.31 -5.47 -11.44
C LEU A 24 -34.23 -4.32 -11.01
N LYS A 25 -34.93 -3.66 -11.93
CA LYS A 25 -36.00 -2.71 -11.53
C LYS A 25 -37.07 -3.46 -10.68
N LYS A 26 -37.63 -2.80 -9.66
CA LYS A 26 -38.80 -3.32 -8.91
C LYS A 26 -40.03 -3.51 -9.83
N THR A 27 -40.27 -4.76 -10.20
CA THR A 27 -41.34 -5.14 -11.12
C THR A 27 -42.38 -5.98 -10.39
N ALA A 28 -43.58 -6.03 -10.99
CA ALA A 28 -44.73 -6.81 -10.52
C ALA A 28 -44.32 -8.14 -9.85
N SER A 29 -43.56 -8.94 -10.58
CA SER A 29 -42.70 -9.97 -10.00
C SER A 29 -41.88 -10.63 -11.09
N SER A 30 -40.71 -10.00 -11.29
CA SER A 30 -39.59 -10.59 -11.94
C SER A 30 -39.00 -11.36 -10.80
N ASP A 31 -38.67 -12.63 -11.06
CA ASP A 31 -38.13 -13.43 -10.03
C ASP A 31 -36.83 -12.74 -9.59
N LEU A 32 -36.08 -12.24 -10.57
CA LEU A 32 -34.80 -11.56 -10.41
C LEU A 32 -34.80 -10.42 -9.36
N TYR A 33 -35.69 -9.42 -9.48
CA TYR A 33 -35.80 -8.46 -8.39
C TYR A 33 -36.00 -9.18 -7.05
N GLN A 34 -37.06 -9.99 -6.96
CA GLN A 34 -37.34 -10.63 -5.69
C GLN A 34 -36.14 -11.37 -5.18
N LEU A 35 -35.37 -11.96 -6.07
CA LEU A 35 -34.31 -12.72 -5.54
C LEU A 35 -33.17 -11.76 -5.07
N TYR A 36 -32.73 -10.84 -5.93
CA TYR A 36 -31.80 -9.81 -5.46
C TYR A 36 -32.27 -9.21 -4.15
N ARG A 37 -33.58 -8.91 -4.03
CA ARG A 37 -34.14 -8.23 -2.82
C ARG A 37 -34.05 -9.07 -1.60
N ASN A 38 -34.33 -10.37 -1.76
CA ASN A 38 -34.28 -11.32 -0.64
C ASN A 38 -32.88 -11.50 -0.12
N CYS A 39 -31.95 -11.61 -1.07
CA CYS A 39 -30.57 -11.82 -0.80
C CYS A 39 -30.02 -10.60 -0.06
N SER A 40 -30.50 -9.40 -0.41
CA SER A 40 -29.99 -8.14 0.15
C SER A 40 -30.52 -7.97 1.55
N LEU A 41 -31.76 -8.41 1.70
CA LEU A 41 -32.46 -8.35 2.97
C LEU A 41 -31.84 -9.36 3.96
N ALA A 42 -31.44 -10.54 3.48
CA ALA A 42 -30.81 -11.52 4.39
C ALA A 42 -29.49 -10.99 4.95
N VAL A 43 -28.71 -10.30 4.11
CA VAL A 43 -27.44 -9.67 4.49
C VAL A 43 -27.70 -8.50 5.48
N LEU A 44 -28.76 -7.78 5.33
CA LEU A 44 -29.07 -6.74 6.30
C LEU A 44 -29.59 -7.36 7.59
N ASN A 45 -29.92 -8.64 7.53
CA ASN A 45 -30.63 -9.18 8.66
C ASN A 45 -29.73 -9.96 9.52
N SER A 46 -28.48 -10.02 9.10
CA SER A 46 -27.50 -10.79 9.80
C SER A 46 -27.41 -10.15 11.13
N GLY A 47 -27.22 -10.98 12.16
CA GLY A 47 -27.33 -10.56 13.58
C GLY A 47 -28.58 -11.04 14.36
N LEU A 57 -39.98 -12.88 8.42
CA LEU A 57 -39.70 -12.58 6.99
C LEU A 57 -40.71 -11.59 6.42
N ASP A 58 -42.00 -11.83 6.69
CA ASP A 58 -43.05 -10.83 6.42
C ASP A 58 -42.84 -9.69 7.43
N LYS A 59 -41.87 -9.89 8.33
CA LYS A 59 -41.39 -8.85 9.26
C LYS A 59 -40.97 -7.55 8.52
N TYR A 60 -40.21 -7.72 7.42
CA TYR A 60 -39.73 -6.61 6.56
C TYR A 60 -40.40 -6.64 5.22
N LYS A 61 -41.69 -7.00 5.20
CA LYS A 61 -42.47 -6.90 3.96
C LYS A 61 -42.25 -5.55 3.26
N ASN A 62 -42.14 -4.44 4.00
CA ASN A 62 -42.00 -3.16 3.30
C ASN A 62 -40.51 -2.74 3.02
N PHE A 63 -39.61 -3.72 3.01
CA PHE A 63 -38.24 -3.48 2.59
C PHE A 63 -38.22 -3.44 1.09
N ASP A 64 -37.48 -2.48 0.54
CA ASP A 64 -37.13 -2.61 -0.88
C ASP A 64 -35.76 -2.00 -1.10
N ILE A 65 -35.13 -2.37 -2.22
CA ILE A 65 -33.81 -1.88 -2.61
C ILE A 65 -33.82 -1.43 -4.07
N THR A 66 -33.15 -0.32 -4.35
CA THR A 66 -33.08 0.20 -5.68
C THR A 66 -31.61 0.39 -6.03
N VAL A 67 -31.20 -0.17 -7.13
CA VAL A 67 -29.89 0.02 -7.65
C VAL A 67 -29.84 1.32 -8.46
N MET A 68 -28.85 2.18 -8.20
CA MET A 68 -28.69 3.41 -8.99
C MET A 68 -27.32 3.51 -9.61
N ARG A 69 -27.29 3.85 -10.89
CA ARG A 69 -26.12 4.20 -11.60
C ARG A 69 -25.88 5.68 -11.42
N ARG A 70 -24.73 5.99 -10.82
CA ARG A 70 -24.43 7.31 -10.32
C ARG A 70 -22.99 7.66 -10.70
N GLU A 71 -22.48 8.83 -10.29
CA GLU A 71 -21.23 9.29 -10.93
C GLU A 71 -19.99 8.46 -10.66
N ARG A 72 -19.93 7.83 -9.47
CA ARG A 72 -18.85 6.91 -9.05
C ARG A 72 -19.25 5.44 -9.05
N GLY A 73 -20.33 5.10 -9.73
CA GLY A 73 -20.71 3.72 -9.92
C GLY A 73 -22.04 3.62 -9.20
N ILE A 74 -22.32 2.42 -8.74
CA ILE A 74 -23.59 2.06 -8.16
C ILE A 74 -23.74 2.69 -6.77
N LYS A 75 -24.94 3.15 -6.45
CA LYS A 75 -25.30 3.44 -5.08
C LYS A 75 -26.55 2.63 -4.77
N LEU A 76 -26.78 2.17 -3.57
CA LEU A 76 -28.00 1.40 -3.33
C LEU A 76 -28.90 2.26 -2.48
N GLU A 77 -30.21 2.24 -2.76
CA GLU A 77 -31.14 2.94 -1.87
C GLU A 77 -32.02 1.92 -1.21
N LEU A 78 -31.94 1.89 0.11
CA LEU A 78 -32.61 0.94 0.98
C LEU A 78 -33.86 1.61 1.47
N ALA A 79 -34.99 1.00 1.11
CA ALA A 79 -36.24 1.50 1.62
C ALA A 79 -36.57 0.56 2.79
N ASN A 80 -36.50 1.11 3.99
CA ASN A 80 -36.89 0.42 5.29
C ASN A 80 -36.07 -0.81 5.63
N PRO A 81 -34.74 -0.72 5.65
CA PRO A 81 -34.00 -1.91 5.98
C PRO A 81 -34.23 -2.27 7.42
N PRO A 82 -33.92 -3.52 7.79
CA PRO A 82 -33.71 -3.87 9.19
C PRO A 82 -32.65 -2.92 9.72
N GLU A 83 -32.83 -2.42 10.93
CA GLU A 83 -31.95 -1.42 11.49
C GLU A 83 -31.27 -2.08 12.68
N HIS A 84 -31.79 -3.22 13.10
CA HIS A 84 -31.22 -3.91 14.27
C HIS A 84 -29.70 -4.14 14.25
N ALA A 85 -29.05 -4.21 13.08
CA ALA A 85 -27.57 -4.42 13.06
C ALA A 85 -26.71 -3.24 12.79
N PHE A 86 -27.30 -2.03 12.70
CA PHE A 86 -26.55 -0.78 12.45
C PHE A 86 -25.65 -0.51 13.64
N VAL A 87 -24.56 0.22 13.45
CA VAL A 87 -23.77 0.67 14.62
C VAL A 87 -23.83 2.21 14.68
N ASP A 88 -24.46 2.75 15.72
CA ASP A 88 -24.55 4.22 15.83
C ASP A 88 -25.10 4.77 14.55
N GLY A 89 -26.27 4.24 14.22
CA GLY A 89 -26.97 4.53 13.02
C GLY A 89 -26.40 4.19 11.66
N GLN A 90 -25.26 3.48 11.54
CA GLN A 90 -24.61 3.25 10.24
C GLN A 90 -24.53 1.77 9.92
N ILE A 91 -24.52 1.46 8.64
CA ILE A 91 -24.33 0.05 8.26
C ILE A 91 -22.86 -0.34 8.40
N ILE A 92 -22.60 -1.33 9.23
CA ILE A 92 -21.19 -1.82 9.45
C ILE A 92 -20.63 -2.04 8.09
N LYS A 93 -19.39 -1.60 7.86
CA LYS A 93 -18.78 -1.64 6.54
C LYS A 93 -18.78 -3.06 5.90
N GLY A 94 -18.60 -4.09 6.71
CA GLY A 94 -18.57 -5.43 6.10
C GLY A 94 -19.93 -5.74 5.47
N ILE A 95 -20.97 -5.21 6.10
CA ILE A 95 -22.36 -5.41 5.56
C ILE A 95 -22.59 -4.67 4.24
N GLN A 96 -22.05 -3.46 4.19
CA GLN A 96 -22.12 -2.70 2.96
C GLN A 96 -21.38 -3.54 1.87
N GLU A 97 -20.20 -4.06 2.17
CA GLU A 97 -19.50 -4.88 1.11
C GLU A 97 -20.35 -6.07 0.69
N HIS A 98 -20.95 -6.76 1.65
CA HIS A 98 -21.82 -7.88 1.26
C HIS A 98 -22.88 -7.49 0.24
N LEU A 99 -23.43 -6.28 0.38
CA LEU A 99 -24.56 -5.86 -0.48
C LEU A 99 -24.10 -5.74 -1.88
N PHE A 100 -22.88 -5.28 -2.07
CA PHE A 100 -22.27 -5.20 -3.39
C PHE A 100 -21.77 -6.52 -3.94
N SER A 101 -21.34 -7.40 -3.01
CA SER A 101 -21.06 -8.79 -3.43
C SER A 101 -22.37 -9.45 -3.98
N VAL A 102 -23.48 -9.35 -3.26
CA VAL A 102 -24.75 -9.87 -3.79
C VAL A 102 -25.02 -9.30 -5.23
N LEU A 103 -25.02 -7.97 -5.37
CA LEU A 103 -25.23 -7.35 -6.68
C LEU A 103 -24.29 -7.95 -7.70
N ARG A 104 -22.99 -8.01 -7.43
CA ARG A 104 -22.02 -8.50 -8.38
C ARG A 104 -22.48 -9.88 -8.77
N ASP A 105 -22.81 -10.72 -7.80
CA ASP A 105 -23.00 -12.11 -8.16
C ASP A 105 -24.37 -12.41 -8.86
N ILE A 106 -25.41 -11.70 -8.43
CA ILE A 106 -26.74 -11.80 -9.14
C ILE A 106 -26.58 -11.34 -10.59
N VAL A 107 -25.81 -10.30 -10.80
CA VAL A 107 -25.67 -9.77 -12.11
C VAL A 107 -24.84 -10.74 -12.93
N TYR A 108 -23.78 -11.33 -12.37
CA TYR A 108 -22.91 -12.20 -13.21
C TYR A 108 -23.64 -13.49 -13.64
N VAL A 109 -24.32 -14.16 -12.70
CA VAL A 109 -25.10 -15.35 -13.03
C VAL A 109 -26.28 -14.99 -13.96
N ASN A 110 -26.93 -13.86 -13.77
CA ASN A 110 -27.98 -13.50 -14.71
C ASN A 110 -27.50 -13.03 -16.09
N MET A 111 -26.21 -12.74 -16.28
CA MET A 111 -25.63 -12.68 -17.65
C MET A 111 -25.06 -13.99 -18.20
N HIS A 112 -25.19 -15.07 -17.43
CA HIS A 112 -24.74 -16.38 -17.85
C HIS A 112 -25.91 -17.39 -17.78
N ASN A 123 -20.77 -30.42 -20.47
CA ASN A 123 -21.92 -30.16 -19.62
C ASN A 123 -21.69 -30.46 -18.11
N ALA A 124 -21.04 -31.57 -17.79
CA ALA A 124 -20.29 -31.65 -16.56
C ALA A 124 -19.23 -30.53 -16.62
N THR A 125 -18.57 -30.47 -17.80
CA THR A 125 -17.59 -29.47 -18.10
C THR A 125 -18.26 -28.15 -18.01
N HIS A 126 -19.48 -28.05 -18.51
CA HIS A 126 -20.12 -26.75 -18.45
C HIS A 126 -20.39 -26.34 -16.99
N ILE A 127 -20.80 -27.30 -16.18
CA ILE A 127 -21.09 -26.96 -14.81
C ILE A 127 -19.80 -26.50 -14.09
N THR A 128 -18.74 -27.25 -14.24
CA THR A 128 -17.53 -26.82 -13.62
C THR A 128 -16.99 -25.48 -14.11
N ASN A 129 -17.14 -25.22 -15.41
CA ASN A 129 -16.62 -23.97 -15.96
C ASN A 129 -17.43 -22.80 -15.44
N LEU A 130 -18.70 -23.05 -15.18
CA LEU A 130 -19.57 -22.00 -14.59
C LEU A 130 -19.13 -21.62 -13.15
N VAL A 131 -18.86 -22.68 -12.39
CA VAL A 131 -18.39 -22.50 -10.99
C VAL A 131 -17.12 -21.65 -10.94
N PHE A 132 -16.20 -22.01 -11.80
CA PHE A 132 -14.92 -21.36 -11.98
C PHE A 132 -15.13 -19.89 -12.30
N GLY A 133 -15.95 -19.61 -13.33
CA GLY A 133 -16.26 -18.27 -13.78
C GLY A 133 -16.95 -17.44 -12.72
N ILE A 134 -17.84 -18.04 -11.95
CA ILE A 134 -18.47 -17.25 -10.87
C ILE A 134 -17.40 -16.88 -9.85
N LEU A 135 -16.55 -17.85 -9.52
CA LEU A 135 -15.52 -17.61 -8.47
C LEU A 135 -14.47 -16.64 -8.97
N ARG A 136 -13.94 -16.90 -10.17
CA ARG A 136 -13.08 -15.94 -10.83
C ARG A 136 -13.67 -14.53 -10.83
N ASN A 137 -14.92 -14.40 -11.26
CA ASN A 137 -15.55 -13.05 -11.31
C ASN A 137 -15.64 -12.42 -9.93
N ALA A 138 -15.76 -13.25 -8.90
CA ALA A 138 -15.91 -12.71 -7.54
C ALA A 138 -14.58 -12.29 -6.91
N GLY A 139 -13.46 -12.51 -7.59
CA GLY A 139 -12.16 -12.21 -6.95
C GLY A 139 -11.72 -13.40 -6.07
N ALA A 140 -12.51 -14.43 -6.05
CA ALA A 140 -12.29 -15.46 -5.11
C ALA A 140 -11.15 -16.43 -5.49
N LEU A 141 -10.60 -16.34 -6.71
CA LEU A 141 -9.45 -17.16 -7.13
C LEU A 141 -8.27 -16.24 -7.44
N ILE A 142 -7.36 -16.16 -6.49
CA ILE A 142 -6.21 -15.30 -6.56
C ILE A 142 -5.03 -15.94 -7.29
N PRO A 143 -4.67 -15.44 -8.49
CA PRO A 143 -3.60 -16.09 -9.27
C PRO A 143 -2.42 -16.45 -8.36
N GLY A 144 -1.79 -15.42 -7.79
CA GLY A 144 -0.45 -15.69 -7.26
C GLY A 144 -0.38 -16.60 -6.04
N ALA A 145 -1.51 -16.94 -5.47
CA ALA A 145 -1.57 -17.38 -4.12
C ALA A 145 -1.12 -18.87 -4.01
N THR A 146 -0.31 -19.10 -3.01
CA THR A 146 0.08 -20.41 -2.58
C THR A 146 -1.06 -21.05 -1.76
N PRO A 147 -1.24 -22.37 -1.86
CA PRO A 147 -2.29 -23.05 -1.08
C PRO A 147 -2.28 -22.73 0.40
N ASN A 148 -3.40 -22.22 0.89
CA ASN A 148 -3.56 -21.97 2.30
C ASN A 148 -5.03 -21.87 2.73
N LEU A 149 -5.96 -22.42 1.94
CA LEU A 149 -7.41 -22.24 2.20
C LEU A 149 -8.03 -23.51 2.84
N VAL A 150 -8.66 -23.34 4.00
CA VAL A 150 -9.19 -24.48 4.79
C VAL A 150 -10.70 -24.26 4.76
N VAL A 151 -11.42 -25.24 4.22
CA VAL A 151 -12.88 -25.23 4.32
C VAL A 151 -13.25 -25.79 5.65
N CYS A 152 -14.06 -25.01 6.43
CA CYS A 152 -14.65 -25.46 7.63
C CYS A 152 -16.17 -25.67 7.41
N TRP A 153 -16.58 -26.85 7.78
CA TRP A 153 -18.01 -27.22 7.81
C TRP A 153 -18.45 -27.54 9.25
N GLY A 154 -19.74 -27.39 9.58
CA GLY A 154 -20.13 -27.52 11.04
C GLY A 154 -21.53 -27.04 11.25
N GLY A 155 -22.13 -27.34 12.41
CA GLY A 155 -23.62 -27.10 12.57
C GLY A 155 -23.92 -25.61 12.66
N HIS A 156 -24.99 -25.17 12.05
CA HIS A 156 -25.44 -23.78 12.26
C HIS A 156 -25.97 -23.61 13.67
N SER A 157 -26.43 -24.71 14.24
CA SER A 157 -27.07 -24.71 15.54
C SER A 157 -26.29 -25.49 16.59
N ILE A 158 -25.40 -24.82 17.32
CA ILE A 158 -24.46 -25.55 18.21
C ILE A 158 -24.40 -24.89 19.60
N ASN A 159 -24.07 -25.66 20.63
CA ASN A 159 -23.98 -25.10 21.97
C ASN A 159 -22.65 -24.43 22.17
N GLU A 160 -22.51 -23.83 23.37
CA GLU A 160 -21.40 -22.91 23.74
C GLU A 160 -20.11 -23.63 23.83
N VAL A 161 -20.16 -24.85 24.36
CA VAL A 161 -18.95 -25.66 24.35
C VAL A 161 -18.48 -25.88 22.90
N GLU A 162 -19.34 -26.41 22.03
CA GLU A 162 -18.91 -26.61 20.62
C GLU A 162 -18.47 -25.30 19.93
N TYR A 163 -19.20 -24.21 20.16
CA TYR A 163 -18.90 -22.94 19.53
C TYR A 163 -17.52 -22.42 19.97
N GLN A 164 -17.27 -22.42 21.27
CA GLN A 164 -15.95 -22.05 21.79
C GLN A 164 -14.82 -22.97 21.16
N TYR A 165 -15.09 -24.27 21.02
CA TYR A 165 -14.10 -25.14 20.34
C TYR A 165 -13.85 -24.67 18.90
N THR A 166 -14.91 -24.26 18.16
CA THR A 166 -14.70 -23.83 16.77
C THR A 166 -13.87 -22.54 16.79
N ARG A 167 -14.14 -21.65 17.73
CA ARG A 167 -13.35 -20.46 17.79
C ARG A 167 -11.82 -20.75 18.09
N GLU A 168 -11.54 -21.68 18.99
CA GLU A 168 -10.15 -21.95 19.22
C GLU A 168 -9.49 -22.61 18.01
N VAL A 169 -10.28 -23.31 17.18
CA VAL A 169 -9.66 -23.91 15.95
C VAL A 169 -9.35 -22.77 15.05
N GLY A 170 -10.33 -21.79 14.94
CA GLY A 170 -10.07 -20.65 14.05
C GLY A 170 -8.78 -19.91 14.51
N HIS A 171 -8.62 -19.71 15.81
CA HIS A 171 -7.42 -19.08 16.42
C HIS A 171 -6.07 -19.78 15.95
N GLU A 172 -6.10 -21.12 16.05
CA GLU A 172 -4.98 -21.97 15.68
C GLU A 172 -4.77 -21.94 14.16
N LEU A 173 -5.87 -21.86 13.36
CA LEU A 173 -5.71 -21.53 11.89
C LEU A 173 -5.04 -20.19 11.64
N GLY A 174 -5.48 -19.11 12.34
CA GLY A 174 -4.88 -17.79 12.13
C GLY A 174 -3.41 -17.75 12.53
N LEU A 175 -3.09 -18.31 13.70
CA LEU A 175 -1.63 -18.49 14.14
C LEU A 175 -0.80 -19.13 13.03
N ARG A 176 -1.40 -19.96 12.20
CA ARG A 176 -0.58 -20.63 11.17
C ARG A 176 -0.75 -19.96 9.82
N GLU A 177 -1.36 -18.77 9.81
CA GLU A 177 -1.50 -18.01 8.52
C GLU A 177 -2.29 -18.77 7.46
N LEU A 178 -3.30 -19.51 7.89
CA LEU A 178 -4.24 -20.17 6.98
C LEU A 178 -5.50 -19.36 6.76
N ASN A 179 -6.13 -19.44 5.55
CA ASN A 179 -7.42 -18.75 5.36
C ASN A 179 -8.60 -19.67 5.58
N ILE A 180 -9.81 -19.10 5.73
CA ILE A 180 -10.99 -19.90 5.99
C ILE A 180 -12.02 -19.73 4.91
N CYS A 181 -12.59 -20.86 4.45
CA CYS A 181 -13.71 -20.83 3.52
C CYS A 181 -14.77 -21.65 4.17
N THR A 182 -15.97 -21.09 4.24
CA THR A 182 -17.04 -21.70 4.98
C THR A 182 -18.43 -21.36 4.41
N GLY A 183 -19.49 -21.92 5.01
CA GLY A 183 -20.88 -21.65 4.63
C GLY A 183 -21.13 -20.30 5.33
N CYS A 184 -22.22 -19.59 5.06
CA CYS A 184 -22.63 -18.49 5.98
C CYS A 184 -23.45 -18.89 7.18
N GLY A 185 -23.71 -17.94 8.09
CA GLY A 185 -24.73 -18.14 9.09
C GLY A 185 -24.05 -18.16 10.45
N PRO A 186 -24.79 -18.52 11.51
CA PRO A 186 -24.37 -18.61 12.89
C PRO A 186 -23.60 -19.92 13.16
N GLY A 187 -23.23 -20.14 14.40
CA GLY A 187 -22.65 -21.39 14.92
C GLY A 187 -21.26 -21.66 14.38
N ALA A 188 -21.07 -22.85 13.80
CA ALA A 188 -19.73 -23.26 13.35
C ALA A 188 -19.33 -22.50 12.08
N MET A 189 -20.28 -21.78 11.53
CA MET A 189 -19.99 -20.94 10.35
C MET A 189 -19.33 -19.56 10.69
N GLU A 190 -19.46 -19.12 11.95
CA GLU A 190 -18.85 -17.84 12.40
C GLU A 190 -17.72 -17.94 13.39
N GLY A 191 -17.81 -18.87 14.35
CA GLY A 191 -16.79 -19.10 15.42
C GLY A 191 -15.38 -19.12 14.91
N PRO A 192 -15.09 -19.98 13.94
CA PRO A 192 -13.74 -19.95 13.48
C PRO A 192 -13.21 -18.58 12.91
N MET A 193 -13.95 -17.85 12.09
CA MET A 193 -13.44 -16.57 11.65
C MET A 193 -13.16 -15.68 12.88
N LYS A 194 -13.99 -15.80 13.88
CA LYS A 194 -13.71 -15.04 15.12
C LYS A 194 -12.43 -15.39 15.85
N GLY A 195 -12.08 -16.68 15.93
CA GLY A 195 -10.78 -17.02 16.54
C GLY A 195 -9.67 -16.58 15.62
N ALA A 196 -9.85 -16.81 14.31
CA ALA A 196 -8.85 -16.42 13.33
C ALA A 196 -8.59 -14.90 13.38
N ALA A 197 -9.57 -14.06 13.76
CA ALA A 197 -9.27 -12.59 13.74
C ALA A 197 -8.15 -12.33 14.75
N VAL A 198 -8.21 -12.98 15.91
CA VAL A 198 -7.17 -12.89 16.95
C VAL A 198 -5.86 -13.57 16.56
N GLY A 199 -5.93 -14.84 16.12
CA GLY A 199 -4.73 -15.53 15.65
C GLY A 199 -4.10 -14.70 14.51
N HIS A 200 -4.89 -14.22 13.56
CA HIS A 200 -4.21 -13.50 12.41
C HIS A 200 -3.52 -12.21 12.85
N ALA A 201 -4.18 -11.57 13.83
CA ALA A 201 -3.62 -10.27 14.28
C ALA A 201 -2.30 -10.55 15.04
N LYS A 202 -2.26 -11.66 15.78
CA LYS A 202 -1.01 -12.07 16.46
C LYS A 202 0.10 -12.32 15.49
N GLN A 203 -0.27 -12.77 14.30
CA GLN A 203 0.71 -13.14 13.32
C GLN A 203 0.89 -12.04 12.33
N ARG A 204 0.21 -10.89 12.59
CA ARG A 204 0.29 -9.80 11.59
C ARG A 204 -0.18 -10.19 10.15
N TYR A 205 -1.08 -11.15 10.04
CA TYR A 205 -1.51 -11.66 8.70
C TYR A 205 -2.60 -10.74 8.16
N SER A 206 -2.28 -9.54 7.64
CA SER A 206 -3.34 -8.60 7.26
C SER A 206 -4.05 -9.03 6.02
N GLU A 207 -3.41 -9.89 5.22
CA GLU A 207 -4.04 -10.32 3.99
C GLU A 207 -4.98 -11.55 4.23
N TYR A 208 -5.50 -11.72 5.45
CA TYR A 208 -6.38 -12.86 5.73
C TYR A 208 -7.59 -12.87 4.78
N ARG A 209 -8.09 -14.06 4.51
CA ARG A 209 -9.26 -14.26 3.67
C ARG A 209 -10.33 -15.05 4.36
N TYR A 210 -11.53 -14.46 4.56
CA TYR A 210 -12.62 -15.19 5.13
C TYR A 210 -13.77 -15.30 4.13
N LEU A 211 -13.88 -16.43 3.43
CA LEU A 211 -14.76 -16.60 2.31
C LEU A 211 -16.00 -17.21 2.91
N GLY A 212 -17.17 -16.57 2.71
CA GLY A 212 -18.46 -17.12 3.14
C GLY A 212 -19.19 -17.33 1.84
N LEU A 213 -19.43 -18.61 1.50
CA LEU A 213 -20.29 -19.00 0.40
C LEU A 213 -21.72 -19.28 0.77
N THR A 214 -22.59 -18.96 -0.18
CA THR A 214 -23.97 -19.17 0.14
C THR A 214 -24.70 -19.26 -1.17
N GLU A 215 -26.03 -19.42 -1.09
CA GLU A 215 -26.84 -19.45 -2.31
C GLU A 215 -28.21 -18.97 -1.97
N PRO A 216 -28.91 -18.39 -2.96
CA PRO A 216 -30.15 -17.63 -2.71
C PRO A 216 -31.22 -18.36 -1.87
N SER A 217 -31.33 -19.70 -1.93
CA SER A 217 -32.49 -20.27 -1.22
C SER A 217 -32.20 -20.56 0.25
N ILE A 218 -30.96 -20.37 0.69
CA ILE A 218 -30.66 -20.66 2.04
C ILE A 218 -30.08 -19.44 2.78
N ILE A 219 -29.82 -18.34 2.04
CA ILE A 219 -29.15 -17.16 2.61
C ILE A 219 -29.94 -16.47 3.72
N ALA A 220 -31.26 -16.34 3.58
CA ALA A 220 -32.10 -15.83 4.69
C ALA A 220 -32.05 -16.66 5.98
N ALA A 221 -31.88 -17.99 5.87
CA ALA A 221 -31.78 -18.86 7.06
C ALA A 221 -30.38 -18.88 7.62
N GLU A 222 -29.38 -18.65 6.76
CA GLU A 222 -27.95 -18.62 7.24
C GLU A 222 -27.27 -17.36 6.79
N PRO A 223 -27.59 -16.15 7.40
CA PRO A 223 -27.07 -14.94 6.81
C PRO A 223 -25.57 -14.72 7.12
N PRO A 224 -24.85 -14.08 6.21
CA PRO A 224 -23.40 -13.86 6.33
C PRO A 224 -23.11 -12.93 7.50
N ASN A 225 -22.10 -13.27 8.27
CA ASN A 225 -21.62 -12.39 9.33
C ASN A 225 -20.81 -11.26 8.70
N PRO A 226 -20.84 -10.02 9.30
CA PRO A 226 -20.01 -9.00 8.65
C PRO A 226 -18.54 -9.31 8.72
N ILE A 227 -18.12 -10.16 9.62
CA ILE A 227 -16.67 -10.52 9.63
C ILE A 227 -16.19 -11.24 8.33
N VAL A 228 -17.13 -11.84 7.60
CA VAL A 228 -16.74 -12.46 6.28
C VAL A 228 -16.21 -11.33 5.44
N ASN A 229 -15.09 -11.56 4.77
CA ASN A 229 -14.62 -10.48 3.91
C ASN A 229 -14.72 -10.87 2.45
N GLU A 230 -15.16 -12.07 2.15
CA GLU A 230 -15.38 -12.37 0.70
C GLU A 230 -16.67 -13.14 0.65
N LEU A 231 -17.81 -12.45 0.54
CA LEU A 231 -19.05 -13.20 0.38
C LEU A 231 -19.22 -13.63 -1.11
N VAL A 232 -19.61 -14.90 -1.40
CA VAL A 232 -19.91 -15.27 -2.78
C VAL A 232 -21.31 -15.92 -2.82
N ILE A 233 -22.18 -15.48 -3.74
CA ILE A 233 -23.52 -16.15 -3.91
C ILE A 233 -23.43 -17.11 -5.10
N MET A 234 -23.50 -18.43 -4.83
CA MET A 234 -23.40 -19.48 -5.86
C MET A 234 -24.85 -19.70 -6.28
N PRO A 235 -25.12 -20.43 -7.41
CA PRO A 235 -26.58 -20.38 -7.70
C PRO A 235 -27.36 -21.41 -6.99
N ASP A 236 -26.74 -22.47 -6.46
CA ASP A 236 -27.56 -23.50 -5.87
C ASP A 236 -26.65 -24.30 -4.96
N ILE A 237 -27.20 -25.24 -4.23
CA ILE A 237 -26.48 -25.97 -3.18
C ILE A 237 -25.37 -26.79 -3.83
N GLU A 238 -25.62 -27.36 -5.01
CA GLU A 238 -24.59 -28.24 -5.63
C GLU A 238 -23.36 -27.51 -6.14
N LYS A 239 -23.59 -26.30 -6.66
CA LYS A 239 -22.55 -25.49 -7.17
C LYS A 239 -21.75 -24.92 -6.01
N ARG A 240 -22.43 -24.58 -4.90
CA ARG A 240 -21.68 -24.23 -3.68
C ARG A 240 -20.73 -25.40 -3.20
N LEU A 241 -21.28 -26.60 -3.08
CA LEU A 241 -20.49 -27.83 -2.79
C LEU A 241 -19.34 -27.99 -3.72
N GLU A 242 -19.56 -27.74 -5.00
CA GLU A 242 -18.46 -27.90 -5.92
C GLU A 242 -17.42 -26.79 -5.66
N ALA A 243 -17.92 -25.57 -5.42
CA ALA A 243 -17.01 -24.45 -5.20
C ALA A 243 -16.19 -24.85 -3.97
N PHE A 244 -16.83 -25.41 -2.97
CA PHE A 244 -16.12 -25.68 -1.74
C PHE A 244 -14.96 -26.58 -2.03
N VAL A 245 -15.23 -27.66 -2.80
CA VAL A 245 -14.23 -28.75 -2.86
C VAL A 245 -13.15 -28.53 -3.92
N ARG A 246 -13.42 -27.65 -4.89
CA ARG A 246 -12.38 -27.29 -5.85
C ARG A 246 -11.52 -26.20 -5.24
N MET A 247 -12.08 -25.44 -4.31
CA MET A 247 -11.18 -24.37 -3.72
C MET A 247 -10.35 -24.89 -2.56
N ALA A 248 -10.88 -25.87 -1.83
CA ALA A 248 -10.23 -26.19 -0.58
C ALA A 248 -8.85 -26.64 -0.74
N HIS A 249 -8.07 -26.32 0.30
CA HIS A 249 -6.75 -27.00 0.52
C HIS A 249 -6.72 -28.07 1.58
N GLY A 250 -7.75 -28.02 2.42
CA GLY A 250 -7.89 -28.90 3.51
C GLY A 250 -9.29 -28.63 3.92
N ILE A 251 -9.82 -29.61 4.66
CA ILE A 251 -11.18 -29.47 5.19
C ILE A 251 -11.25 -29.87 6.64
N ILE A 252 -11.78 -28.98 7.46
CA ILE A 252 -12.15 -29.29 8.88
C ILE A 252 -13.61 -29.48 8.99
N ILE A 253 -14.04 -30.56 9.67
CA ILE A 253 -15.49 -30.78 9.84
C ILE A 253 -15.83 -30.89 11.32
N PHE A 254 -16.67 -29.97 11.83
CA PHE A 254 -17.07 -29.95 13.22
C PHE A 254 -18.41 -30.65 13.38
N PRO A 255 -18.84 -30.86 14.64
CA PRO A 255 -20.18 -31.52 14.60
C PRO A 255 -21.22 -30.62 14.01
N GLY A 256 -22.29 -31.21 13.50
CA GLY A 256 -23.33 -30.42 12.89
C GLY A 256 -24.55 -31.30 12.62
N GLY A 257 -25.55 -30.74 11.97
CA GLY A 257 -26.74 -31.55 11.61
C GLY A 257 -26.76 -32.09 10.19
N PRO A 258 -27.95 -32.06 9.58
CA PRO A 258 -28.11 -32.66 8.25
C PRO A 258 -27.38 -31.89 7.14
N GLY A 259 -27.23 -30.56 7.26
CA GLY A 259 -26.39 -29.79 6.27
C GLY A 259 -24.89 -30.16 6.29
N THR A 260 -24.34 -30.44 7.47
CA THR A 260 -22.94 -30.92 7.66
C THR A 260 -22.79 -32.41 7.23
N ALA A 261 -23.81 -33.21 7.53
CA ALA A 261 -23.89 -34.54 7.04
C ALA A 261 -23.89 -34.58 5.50
N GLU A 262 -24.65 -33.65 4.89
CA GLU A 262 -24.71 -33.53 3.42
C GLU A 262 -23.31 -33.29 2.81
N GLU A 263 -22.64 -32.29 3.38
CA GLU A 263 -21.26 -32.04 3.03
C GLU A 263 -20.26 -33.24 3.23
N LEU A 264 -20.38 -33.92 4.33
CA LEU A 264 -19.45 -35.03 4.65
C LEU A 264 -19.60 -36.10 3.55
N LEU A 265 -20.83 -36.54 3.32
CA LEU A 265 -21.16 -37.50 2.26
C LEU A 265 -20.76 -37.04 0.87
N TYR A 266 -21.02 -35.75 0.57
CA TYR A 266 -20.47 -35.20 -0.66
C TYR A 266 -18.95 -35.39 -0.86
N ILE A 267 -18.14 -34.98 0.11
CA ILE A 267 -16.71 -35.05 -0.08
C ILE A 267 -16.21 -36.50 0.00
N LEU A 268 -16.79 -37.32 0.89
CA LEU A 268 -16.35 -38.74 0.96
C LEU A 268 -16.64 -39.46 -0.36
N GLY A 269 -17.85 -39.22 -0.92
CA GLY A 269 -18.32 -39.88 -2.13
C GLY A 269 -17.39 -39.51 -3.25
N ILE A 270 -17.02 -38.23 -3.25
CA ILE A 270 -15.99 -37.83 -4.20
C ILE A 270 -14.59 -38.50 -3.95
N MET A 271 -14.11 -38.45 -2.71
CA MET A 271 -12.68 -38.79 -2.44
C MET A 271 -12.42 -40.35 -2.58
N MET A 272 -13.49 -41.15 -2.55
CA MET A 272 -13.36 -42.59 -2.77
C MET A 272 -13.20 -42.91 -4.24
N HIS A 273 -13.40 -41.95 -5.12
CA HIS A 273 -13.18 -42.26 -6.50
C HIS A 273 -11.72 -42.70 -6.75
N PRO A 274 -11.49 -43.83 -7.48
CA PRO A 274 -10.13 -44.30 -7.80
C PRO A 274 -9.20 -43.24 -8.27
N GLU A 275 -9.70 -42.42 -9.16
CA GLU A 275 -8.99 -41.27 -9.67
C GLU A 275 -8.67 -40.18 -8.68
N ASN A 276 -9.32 -40.14 -7.54
CA ASN A 276 -8.97 -39.11 -6.56
C ASN A 276 -8.09 -39.62 -5.45
N ALA A 277 -7.57 -40.85 -5.60
CA ALA A 277 -6.76 -41.49 -4.58
C ALA A 277 -5.52 -40.69 -4.23
N ASP A 278 -4.93 -39.96 -5.16
CA ASP A 278 -3.68 -39.20 -4.86
C ASP A 278 -4.03 -37.74 -4.42
N GLN A 279 -5.31 -37.45 -4.19
CA GLN A 279 -5.72 -36.07 -3.92
C GLN A 279 -5.44 -35.79 -2.45
N PRO A 280 -4.53 -34.87 -2.14
CA PRO A 280 -3.96 -35.01 -0.81
C PRO A 280 -4.69 -34.08 0.22
N MET A 281 -5.66 -33.31 -0.21
CA MET A 281 -6.41 -32.44 0.77
C MET A 281 -6.86 -33.20 2.03
N PRO A 282 -6.29 -32.87 3.19
CA PRO A 282 -6.76 -33.64 4.37
C PRO A 282 -8.15 -33.25 4.82
N ILE A 283 -8.84 -34.24 5.44
CA ILE A 283 -10.12 -34.02 5.98
C ILE A 283 -10.04 -34.45 7.40
N VAL A 284 -10.39 -33.54 8.30
CA VAL A 284 -10.27 -33.78 9.74
C VAL A 284 -11.58 -33.46 10.41
N LEU A 285 -12.15 -34.46 11.12
CA LEU A 285 -13.35 -34.24 11.89
C LEU A 285 -12.82 -33.93 13.26
N THR A 286 -13.30 -32.86 13.85
CA THR A 286 -12.76 -32.51 15.15
C THR A 286 -13.92 -31.81 15.88
N GLY A 287 -13.84 -31.90 17.19
CA GLY A 287 -14.84 -31.37 18.11
C GLY A 287 -14.24 -31.40 19.51
N PRO A 288 -14.93 -30.76 20.46
CA PRO A 288 -14.48 -30.83 21.84
C PRO A 288 -14.71 -32.21 22.46
N LYS A 289 -14.09 -32.42 23.64
CA LYS A 289 -14.23 -33.69 24.40
C LYS A 289 -15.70 -34.18 24.49
N GLN A 290 -16.63 -33.29 24.80
CA GLN A 290 -18.07 -33.67 24.83
C GLN A 290 -18.72 -34.26 23.57
N SER A 291 -18.17 -34.03 22.38
CA SER A 291 -18.62 -34.55 21.07
C SER A 291 -18.04 -35.97 20.73
N GLU A 292 -17.28 -36.57 21.64
CA GLU A 292 -16.75 -37.94 21.42
C GLU A 292 -17.84 -38.97 20.94
N ALA A 293 -18.99 -38.96 21.61
CA ALA A 293 -20.13 -39.89 21.32
C ALA A 293 -20.66 -39.65 19.90
N TYR A 294 -20.94 -38.38 19.64
CA TYR A 294 -21.31 -37.87 18.32
C TYR A 294 -20.37 -38.41 17.26
N PHE A 295 -19.08 -38.31 17.52
CA PHE A 295 -18.19 -38.70 16.53
C PHE A 295 -18.10 -40.26 16.32
N ARG A 296 -18.20 -41.01 17.43
CA ARG A 296 -18.17 -42.47 17.39
C ARG A 296 -19.35 -42.84 16.52
N SER A 297 -20.48 -42.30 16.90
CA SER A 297 -21.64 -42.53 16.12
C SER A 297 -21.58 -42.05 14.66
N LEU A 298 -21.00 -40.86 14.40
CA LEU A 298 -20.93 -40.42 12.99
C LEU A 298 -19.95 -41.30 12.21
N ASP A 299 -18.88 -41.65 12.87
CA ASP A 299 -17.91 -42.45 12.17
C ASP A 299 -18.42 -43.87 11.85
N LYS A 300 -19.23 -44.44 12.73
CA LYS A 300 -19.78 -45.74 12.39
C LYS A 300 -20.89 -45.60 11.34
N PHE A 301 -21.69 -44.51 11.37
CA PHE A 301 -22.60 -44.30 10.21
C PHE A 301 -21.83 -44.41 8.87
N ILE A 302 -20.68 -43.72 8.83
CA ILE A 302 -19.96 -43.58 7.60
C ILE A 302 -19.50 -45.00 7.23
N THR A 303 -18.90 -45.71 8.18
CA THR A 303 -18.28 -46.97 7.85
C THR A 303 -19.32 -48.06 7.58
N ASP A 304 -20.45 -48.03 8.30
CA ASP A 304 -21.54 -48.96 7.95
C ASP A 304 -22.15 -48.76 6.57
N THR A 305 -22.08 -47.57 6.03
CA THR A 305 -22.74 -47.34 4.82
C THR A 305 -21.80 -47.32 3.66
N LEU A 306 -20.73 -46.53 3.73
CA LEU A 306 -19.90 -46.36 2.55
C LEU A 306 -18.86 -47.47 2.60
N GLY A 307 -18.74 -48.11 3.76
CA GLY A 307 -17.77 -49.22 3.91
C GLY A 307 -16.48 -48.82 4.64
N GLU A 308 -15.69 -49.81 5.00
CA GLU A 308 -14.38 -49.60 5.65
C GLU A 308 -13.45 -48.77 4.79
N ALA A 309 -13.57 -48.93 3.47
CA ALA A 309 -12.76 -48.23 2.55
C ALA A 309 -12.86 -46.68 2.67
N ALA A 310 -13.93 -46.19 3.30
CA ALA A 310 -14.13 -44.78 3.54
C ALA A 310 -13.19 -44.24 4.60
N ARG A 311 -12.89 -45.02 5.64
CA ARG A 311 -12.15 -44.50 6.80
C ARG A 311 -10.78 -43.92 6.38
N LYS A 312 -10.23 -44.38 5.25
CA LYS A 312 -8.93 -43.97 4.90
C LYS A 312 -8.86 -42.48 4.49
N HIS A 313 -9.98 -41.88 4.13
CA HIS A 313 -9.97 -40.52 3.62
C HIS A 313 -10.09 -39.41 4.66
N TYR A 314 -10.25 -39.74 5.93
CA TYR A 314 -10.32 -38.71 6.94
C TYR A 314 -9.66 -39.21 8.15
N SER A 315 -9.36 -38.27 9.06
CA SER A 315 -9.22 -38.66 10.44
C SER A 315 -10.03 -37.87 11.48
N ILE A 316 -9.86 -38.23 12.75
CA ILE A 316 -10.71 -37.70 13.79
C ILE A 316 -9.80 -37.17 14.89
N ALA A 317 -9.94 -35.89 15.27
CA ALA A 317 -9.11 -35.30 16.29
C ALA A 317 -10.04 -34.60 17.31
N ILE A 318 -10.11 -35.18 18.50
CA ILE A 318 -11.08 -34.81 19.48
C ILE A 318 -10.28 -33.96 20.44
N ASP A 319 -10.89 -32.92 21.00
CA ASP A 319 -10.26 -32.15 22.08
C ASP A 319 -8.84 -31.67 21.74
N ASN A 320 -8.59 -31.12 20.54
CA ASN A 320 -7.26 -30.60 20.27
C ASN A 320 -7.21 -29.61 19.12
N PRO A 321 -7.46 -28.32 19.44
CA PRO A 321 -7.62 -27.33 18.33
C PRO A 321 -6.36 -27.14 17.53
N ALA A 322 -5.22 -27.09 18.20
CA ALA A 322 -3.93 -26.96 17.56
C ALA A 322 -3.74 -28.16 16.60
N GLU A 323 -4.18 -29.36 16.98
CA GLU A 323 -3.73 -30.50 16.15
C GLU A 323 -4.52 -30.47 14.82
N ALA A 324 -5.81 -30.22 14.90
CA ALA A 324 -6.57 -30.01 13.67
C ALA A 324 -5.92 -28.90 12.80
N ALA A 325 -5.62 -27.75 13.38
CA ALA A 325 -5.06 -26.72 12.50
C ALA A 325 -3.66 -27.15 11.93
N ARG A 326 -2.89 -27.85 12.75
CA ARG A 326 -1.53 -28.26 12.40
C ARG A 326 -1.62 -29.23 11.25
N ILE A 327 -2.61 -30.10 11.26
CA ILE A 327 -2.75 -31.03 10.10
C ILE A 327 -3.02 -30.28 8.81
N MET A 328 -3.89 -29.26 8.89
CA MET A 328 -4.09 -28.47 7.65
C MET A 328 -2.79 -27.81 7.19
N SER A 329 -2.12 -27.13 8.15
CA SER A 329 -0.94 -26.42 7.88
C SER A 329 0.18 -27.26 7.26
N ASN A 330 0.47 -28.36 7.91
CA ASN A 330 1.54 -29.30 7.47
C ASN A 330 1.25 -29.87 6.06
N ALA A 331 0.01 -29.74 5.61
CA ALA A 331 -0.42 -30.36 4.38
C ALA A 331 -0.29 -29.42 3.20
N MET A 332 -0.22 -28.13 3.49
CA MET A 332 -0.06 -27.09 2.44
C MET A 332 1.11 -27.39 1.44
N PRO A 333 2.29 -27.83 1.90
CA PRO A 333 3.34 -28.01 0.90
C PRO A 333 3.03 -29.26 0.04
N LEU A 334 2.24 -30.17 0.59
CA LEU A 334 1.83 -31.42 -0.10
C LEU A 334 0.80 -31.11 -1.21
N VAL A 335 -0.17 -30.29 -0.86
CA VAL A 335 -1.14 -29.80 -1.81
C VAL A 335 -0.48 -29.02 -2.92
N ARG A 336 0.46 -28.17 -2.55
CA ARG A 336 1.25 -27.43 -3.50
C ARG A 336 1.94 -28.45 -4.43
N GLN A 337 2.60 -29.47 -3.84
CA GLN A 337 3.44 -30.34 -4.73
C GLN A 337 2.53 -31.15 -5.70
N HIS A 338 1.41 -31.64 -5.14
CA HIS A 338 0.42 -32.33 -5.98
C HIS A 338 -0.19 -31.55 -7.15
N ARG A 339 -0.50 -30.27 -6.97
CA ARG A 339 -1.05 -29.49 -8.10
C ARG A 339 -0.03 -29.37 -9.17
N LYS A 340 1.24 -29.09 -8.80
CA LYS A 340 2.26 -29.12 -9.81
C LYS A 340 2.41 -30.50 -10.42
N ASP A 341 2.35 -31.60 -9.64
CA ASP A 341 2.46 -32.91 -10.27
C ASP A 341 1.31 -33.08 -11.23
N LYS A 342 0.08 -32.70 -10.87
CA LYS A 342 -1.02 -32.91 -11.88
C LYS A 342 -1.14 -31.76 -12.90
N GLU A 343 -0.13 -30.91 -12.95
CA GLU A 343 -0.18 -29.71 -13.76
C GLU A 343 -1.48 -28.95 -13.66
N ASP A 344 -1.88 -28.66 -12.43
CA ASP A 344 -3.19 -28.13 -12.15
C ASP A 344 -2.96 -26.79 -11.49
N ALA A 345 -4.00 -25.98 -11.29
CA ALA A 345 -3.91 -24.64 -10.65
C ALA A 345 -3.80 -24.80 -9.10
N TYR A 346 -3.20 -23.82 -8.43
CA TYR A 346 -3.25 -23.77 -6.96
C TYR A 346 -4.62 -23.40 -6.38
N SER A 347 -5.33 -22.44 -6.99
CA SER A 347 -6.59 -21.92 -6.46
C SER A 347 -7.79 -22.72 -6.83
N PHE A 348 -7.71 -23.55 -7.84
CA PHE A 348 -8.94 -24.19 -8.30
C PHE A 348 -8.55 -25.59 -8.80
N ASN A 349 -8.97 -26.59 -8.04
CA ASN A 349 -8.58 -27.97 -8.27
C ASN A 349 -9.32 -28.54 -9.51
N TRP A 350 -8.79 -28.28 -10.70
CA TRP A 350 -9.46 -28.62 -11.95
C TRP A 350 -9.33 -30.13 -12.04
N SER A 351 -8.25 -30.71 -11.52
CA SER A 351 -8.05 -32.16 -11.78
C SER A 351 -8.86 -33.12 -10.88
N LEU A 352 -9.46 -32.57 -9.82
CA LEU A 352 -10.24 -33.41 -8.98
C LEU A 352 -11.45 -33.90 -9.81
N LYS A 353 -11.76 -35.21 -9.69
CA LYS A 353 -12.81 -35.84 -10.46
C LYS A 353 -14.09 -35.84 -9.66
N ILE A 354 -15.11 -35.21 -10.20
CA ILE A 354 -16.39 -35.16 -9.51
C ILE A 354 -17.43 -35.74 -10.46
N GLU A 355 -18.06 -36.85 -10.10
CA GLU A 355 -18.98 -37.56 -11.02
C GLU A 355 -20.28 -36.72 -11.15
N PRO A 356 -21.01 -36.82 -12.31
CA PRO A 356 -22.31 -36.13 -12.47
C PRO A 356 -23.31 -36.31 -11.40
N GLU A 357 -23.31 -37.47 -10.75
CA GLU A 357 -24.23 -37.69 -9.62
C GLU A 357 -24.01 -36.66 -8.49
N PHE A 358 -22.80 -36.06 -8.41
CA PHE A 358 -22.49 -35.01 -7.39
C PHE A 358 -22.76 -33.61 -7.87
N GLN A 359 -22.92 -33.45 -9.19
CA GLN A 359 -23.21 -32.14 -9.79
C GLN A 359 -24.71 -31.85 -10.08
N LEU A 360 -25.45 -32.85 -10.59
CA LEU A 360 -26.82 -32.69 -11.03
C LEU A 360 -27.67 -32.00 -9.98
N PRO A 361 -28.32 -30.84 -10.27
CA PRO A 361 -29.00 -30.32 -9.06
C PRO A 361 -30.19 -31.12 -8.67
N PHE A 362 -30.46 -31.14 -7.37
CA PHE A 362 -31.54 -31.95 -6.87
C PHE A 362 -32.58 -31.00 -6.34
N GLU A 363 -33.78 -31.09 -6.90
CA GLU A 363 -34.92 -30.34 -6.37
C GLU A 363 -35.69 -31.30 -5.42
N PRO A 364 -35.59 -31.10 -4.09
CA PRO A 364 -36.31 -32.02 -3.20
C PRO A 364 -37.85 -31.81 -3.24
N ASN A 365 -38.58 -32.89 -3.61
CA ASN A 365 -40.06 -33.02 -3.38
C ASN A 365 -40.34 -34.44 -2.88
N HIS A 366 -41.59 -34.90 -2.93
CA HIS A 366 -41.88 -36.29 -2.48
C HIS A 366 -41.45 -37.36 -3.48
N GLU A 367 -41.56 -37.05 -4.78
CA GLU A 367 -41.22 -37.99 -5.87
C GLU A 367 -39.71 -38.18 -5.91
N SER A 368 -39.00 -37.05 -6.07
CA SER A 368 -37.53 -37.03 -6.14
C SER A 368 -36.96 -37.66 -4.89
N MET A 369 -37.50 -37.35 -3.72
CA MET A 369 -37.07 -38.04 -2.48
C MET A 369 -37.34 -39.58 -2.50
N ALA A 370 -38.52 -39.99 -3.00
CA ALA A 370 -38.90 -41.41 -3.03
C ALA A 370 -38.07 -42.14 -4.06
N ASN A 371 -37.69 -41.41 -5.12
CA ASN A 371 -36.86 -41.94 -6.17
C ASN A 371 -35.40 -42.23 -5.72
N LEU A 372 -34.93 -41.60 -4.64
CA LEU A 372 -33.55 -41.79 -4.19
C LEU A 372 -33.24 -43.28 -4.12
N ASP A 373 -32.17 -43.76 -4.77
CA ASP A 373 -31.76 -45.17 -4.61
C ASP A 373 -30.89 -45.33 -3.38
N LEU A 374 -31.55 -45.69 -2.27
CA LEU A 374 -30.82 -45.97 -1.03
C LEU A 374 -30.63 -47.50 -0.80
N HIS A 375 -30.46 -48.22 -1.93
CA HIS A 375 -30.27 -49.69 -2.01
C HIS A 375 -28.95 -50.09 -1.36
N LEU A 376 -28.93 -51.25 -0.71
CA LEU A 376 -27.70 -51.76 -0.10
C LEU A 376 -26.59 -51.98 -1.13
N ASN A 377 -26.96 -52.16 -2.41
CA ASN A 377 -26.13 -52.77 -3.50
C ASN A 377 -25.94 -51.88 -4.74
N GLN A 378 -24.79 -51.22 -4.79
CA GLN A 378 -24.62 -49.94 -5.50
C GLN A 378 -23.15 -49.65 -5.28
N ARG A 379 -22.52 -48.88 -6.16
CA ARG A 379 -21.16 -48.46 -5.84
C ARG A 379 -21.17 -47.49 -4.62
N PRO A 380 -20.27 -47.69 -3.63
CA PRO A 380 -20.15 -46.80 -2.46
C PRO A 380 -20.32 -45.29 -2.86
N GLU A 381 -19.67 -44.87 -3.95
CA GLU A 381 -19.61 -43.45 -4.37
C GLU A 381 -21.02 -43.04 -4.69
N VAL A 382 -21.76 -43.92 -5.38
CA VAL A 382 -23.14 -43.61 -5.82
C VAL A 382 -24.07 -43.66 -4.62
N LEU A 383 -23.79 -44.55 -3.68
CA LEU A 383 -24.60 -44.54 -2.47
C LEU A 383 -24.41 -43.17 -1.79
N ALA A 384 -23.16 -42.72 -1.71
CA ALA A 384 -22.84 -41.45 -1.04
C ALA A 384 -23.52 -40.30 -1.79
N ALA A 385 -23.61 -40.38 -3.13
CA ALA A 385 -24.30 -39.37 -3.89
C ALA A 385 -25.78 -39.29 -3.54
N ASN A 386 -26.39 -40.46 -3.28
CA ASN A 386 -27.85 -40.46 -2.98
C ASN A 386 -28.07 -40.06 -1.54
N LEU A 387 -27.21 -40.54 -0.64
CA LEU A 387 -27.24 -40.03 0.75
C LEU A 387 -27.04 -38.45 0.81
N ARG A 388 -26.12 -37.93 -0.02
CA ARG A 388 -25.92 -36.46 -0.16
C ARG A 388 -27.29 -35.80 -0.46
N ARG A 389 -27.96 -36.31 -1.51
CA ARG A 389 -29.31 -35.86 -1.87
C ARG A 389 -30.28 -35.96 -0.74
N ALA A 390 -30.28 -37.13 -0.08
CA ALA A 390 -31.20 -37.32 1.03
C ALA A 390 -31.10 -36.16 2.05
N PHE A 391 -29.89 -35.86 2.49
CA PHE A 391 -29.75 -34.88 3.58
C PHE A 391 -30.08 -33.47 3.07
N SER A 392 -29.77 -33.20 1.80
CA SER A 392 -30.10 -31.97 1.11
C SER A 392 -31.65 -31.80 1.21
N GLY A 393 -32.40 -32.89 0.98
CA GLY A 393 -33.90 -32.73 1.12
C GLY A 393 -34.35 -32.49 2.55
N VAL A 394 -33.68 -33.14 3.52
CA VAL A 394 -34.02 -32.93 4.91
C VAL A 394 -33.74 -31.45 5.25
N VAL A 395 -32.55 -30.96 4.89
CA VAL A 395 -32.26 -29.55 5.04
C VAL A 395 -33.37 -28.72 4.34
N ALA A 396 -33.64 -29.02 3.05
CA ALA A 396 -34.56 -28.16 2.24
C ALA A 396 -35.95 -27.99 2.85
N GLY A 397 -36.43 -29.05 3.49
CA GLY A 397 -37.76 -29.06 4.13
C GLY A 397 -37.72 -28.39 5.48
N ASN A 398 -36.55 -28.32 6.12
CA ASN A 398 -36.47 -27.62 7.42
C ASN A 398 -36.33 -26.11 7.22
N VAL A 399 -35.52 -25.69 6.25
CA VAL A 399 -35.22 -24.26 6.18
C VAL A 399 -35.52 -23.53 4.87
N LYS A 400 -35.76 -24.25 3.81
CA LYS A 400 -35.93 -23.62 2.50
C LYS A 400 -37.44 -23.31 2.28
N ALA A 401 -37.73 -22.21 1.57
CA ALA A 401 -39.11 -21.73 1.27
C ALA A 401 -39.91 -22.80 0.52
N GLU A 402 -39.47 -23.12 -0.71
CA GLU A 402 -40.03 -24.19 -1.59
C GLU A 402 -39.97 -25.58 -0.96
N GLY A 403 -38.99 -25.80 -0.09
CA GLY A 403 -38.86 -27.02 0.71
C GLY A 403 -39.99 -27.19 1.71
N ILE A 404 -40.22 -26.16 2.56
CA ILE A 404 -41.32 -26.22 3.51
C ILE A 404 -42.70 -26.28 2.80
N ARG A 405 -42.95 -25.42 1.80
CA ARG A 405 -44.25 -25.46 1.07
C ARG A 405 -44.55 -26.91 0.64
N GLU A 406 -43.54 -27.61 0.14
CA GLU A 406 -43.66 -29.03 -0.13
C GLU A 406 -44.03 -29.77 1.15
N ILE A 407 -43.39 -29.45 2.28
CA ILE A 407 -43.80 -30.05 3.55
C ILE A 407 -45.26 -29.71 3.90
N GLU A 408 -45.67 -28.46 3.68
CA GLU A 408 -47.05 -27.94 3.95
C GLU A 408 -48.14 -28.59 3.05
N ARG A 409 -47.95 -28.54 1.73
CA ARG A 409 -48.76 -29.28 0.75
C ARG A 409 -48.99 -30.82 1.02
N HIS A 410 -48.16 -31.45 1.86
CA HIS A 410 -47.98 -32.90 1.71
C HIS A 410 -47.50 -33.75 2.88
N GLY A 411 -47.12 -33.14 4.00
CA GLY A 411 -46.44 -33.94 5.02
C GLY A 411 -44.94 -34.16 4.77
N PRO A 412 -44.27 -34.82 5.72
CA PRO A 412 -42.81 -35.08 5.56
C PRO A 412 -42.44 -35.94 4.35
N PHE A 413 -41.20 -35.78 3.88
CA PHE A 413 -40.58 -36.58 2.82
C PHE A 413 -40.40 -38.00 3.31
N GLU A 414 -40.86 -38.92 2.49
CA GLU A 414 -40.75 -40.33 2.78
C GLU A 414 -39.59 -40.80 1.92
N MET A 415 -38.60 -41.44 2.54
CA MET A 415 -37.56 -42.20 1.84
C MET A 415 -37.70 -43.69 2.22
N HIS A 416 -37.16 -44.57 1.42
CA HIS A 416 -37.11 -45.97 1.76
C HIS A 416 -35.81 -46.52 1.17
N GLY A 417 -35.46 -47.76 1.53
CA GLY A 417 -34.37 -48.43 0.84
C GLY A 417 -34.05 -49.65 1.65
N ASP A 418 -32.82 -50.14 1.51
CA ASP A 418 -32.39 -51.19 2.38
C ASP A 418 -32.73 -50.79 3.83
N PRO A 419 -33.53 -51.62 4.52
CA PRO A 419 -34.07 -51.26 5.86
C PRO A 419 -33.01 -51.03 6.92
N VAL A 420 -31.88 -51.73 6.83
CA VAL A 420 -30.77 -51.54 7.79
C VAL A 420 -30.20 -50.10 7.67
N LEU A 421 -29.94 -49.68 6.43
CA LEU A 421 -29.49 -48.34 6.15
C LEU A 421 -30.50 -47.33 6.67
N MET A 422 -31.78 -47.63 6.43
CA MET A 422 -32.87 -46.72 6.81
C MET A 422 -32.98 -46.51 8.29
N LYS A 423 -32.84 -47.57 9.10
CA LYS A 423 -32.87 -47.32 10.56
C LYS A 423 -31.60 -46.54 11.03
N LYS A 424 -30.51 -46.66 10.27
CA LYS A 424 -29.27 -45.93 10.70
C LYS A 424 -29.43 -44.43 10.41
N MET A 425 -29.76 -44.12 9.15
CA MET A 425 -30.17 -42.77 8.75
C MET A 425 -31.23 -42.18 9.69
N ASP A 426 -32.19 -43.01 10.08
CA ASP A 426 -33.25 -42.63 10.96
C ASP A 426 -32.65 -42.35 12.34
N GLN A 427 -31.67 -43.17 12.72
CA GLN A 427 -31.04 -43.00 14.02
C GLN A 427 -30.22 -41.68 14.09
N LEU A 428 -29.46 -41.45 13.03
CA LEU A 428 -28.64 -40.24 12.89
C LEU A 428 -29.51 -39.00 12.92
N LEU A 429 -30.58 -39.00 12.12
CA LEU A 429 -31.48 -37.85 12.08
C LEU A 429 -32.15 -37.62 13.39
N ASN A 430 -32.55 -38.67 14.10
CA ASN A 430 -33.15 -38.52 15.44
C ASN A 430 -32.18 -37.94 16.49
N ASP A 431 -30.98 -38.50 16.51
CA ASP A 431 -29.82 -37.90 17.18
C ASP A 431 -29.69 -36.39 16.88
N PHE A 432 -29.79 -36.00 15.62
CA PHE A 432 -29.67 -34.54 15.29
C PHE A 432 -30.72 -33.76 16.09
N VAL A 433 -31.96 -34.27 16.10
CA VAL A 433 -33.08 -33.56 16.75
C VAL A 433 -32.78 -33.50 18.24
N ALA A 434 -32.43 -34.68 18.78
CA ALA A 434 -32.14 -34.83 20.20
C ALA A 434 -31.11 -33.84 20.64
N GLN A 435 -30.08 -33.64 19.80
CA GLN A 435 -28.89 -32.91 20.18
C GLN A 435 -29.09 -31.44 19.82
N ASN A 436 -30.27 -31.04 19.36
CA ASN A 436 -30.55 -29.61 19.09
C ASN A 436 -29.95 -29.02 17.81
N ARG A 437 -29.71 -29.87 16.82
CA ARG A 437 -29.07 -29.48 15.59
C ARG A 437 -30.04 -29.14 14.45
N MET A 438 -31.35 -29.43 14.60
CA MET A 438 -32.33 -29.16 13.54
C MET A 438 -32.90 -27.72 13.49
N SER B 2 21.37 -27.12 22.69
CA SER B 2 21.64 -26.08 21.66
C SER B 2 20.32 -25.73 20.96
N LEU B 3 19.52 -24.89 21.60
CA LEU B 3 18.42 -24.31 20.89
C LEU B 3 18.78 -22.85 20.64
N ILE B 4 19.04 -22.54 19.37
CA ILE B 4 19.49 -21.27 18.97
C ILE B 4 18.68 -20.87 17.75
N ILE B 5 17.98 -19.73 17.82
CA ILE B 5 17.04 -19.26 16.76
C ILE B 5 17.41 -17.84 16.35
N GLN B 6 17.55 -17.60 15.05
CA GLN B 6 17.77 -16.26 14.54
C GLN B 6 16.45 -15.60 14.14
N VAL B 7 16.30 -14.32 14.48
CA VAL B 7 15.05 -13.59 14.26
C VAL B 7 15.46 -12.49 13.36
N SER B 8 14.73 -12.30 12.28
CA SER B 8 14.94 -11.13 11.41
C SER B 8 13.87 -10.08 11.65
N PRO B 9 14.19 -8.81 11.42
CA PRO B 9 13.00 -7.95 11.44
C PRO B 9 12.36 -8.02 10.04
N ALA B 10 11.12 -7.58 9.91
CA ALA B 10 10.60 -7.35 8.54
C ALA B 10 10.94 -5.87 8.31
N GLY B 11 10.05 -4.95 8.69
CA GLY B 11 10.46 -3.53 8.79
C GLY B 11 10.43 -3.08 10.23
N SER B 12 10.28 -1.79 10.48
CA SER B 12 10.40 -1.35 11.92
C SER B 12 11.51 -2.06 12.83
N MET B 13 12.67 -2.37 12.23
CA MET B 13 13.92 -2.12 12.96
C MET B 13 14.82 -1.25 12.10
N ASP B 14 15.14 -0.05 12.61
CA ASP B 14 16.15 0.80 12.04
C ASP B 14 17.57 0.27 12.19
N LEU B 15 18.47 0.73 11.33
CA LEU B 15 19.86 0.34 11.43
C LEU B 15 20.39 0.86 12.78
N LEU B 16 21.33 0.15 13.42
CA LEU B 16 22.08 0.80 14.54
C LEU B 16 23.53 0.99 14.19
N SER B 17 24.23 1.91 14.89
CA SER B 17 25.68 2.05 14.71
C SER B 17 26.31 1.11 15.66
N GLN B 18 27.59 0.79 15.44
CA GLN B 18 28.35 -0.09 16.38
C GLN B 18 28.42 0.51 17.80
N LEU B 19 28.55 1.85 17.85
CA LEU B 19 28.55 2.67 19.09
C LEU B 19 27.33 2.36 19.89
N GLU B 20 26.17 2.46 19.22
CA GLU B 20 24.89 2.12 19.80
C GLU B 20 24.84 0.71 20.35
N VAL B 21 25.30 -0.25 19.54
CA VAL B 21 25.28 -1.65 19.98
C VAL B 21 26.31 -1.87 21.11
N GLU B 22 27.48 -1.27 21.00
CA GLU B 22 28.47 -1.52 22.07
C GLU B 22 28.10 -0.89 23.43
N ARG B 23 27.43 0.26 23.40
CA ARG B 23 26.81 0.81 24.61
C ARG B 23 25.89 -0.16 25.33
N LEU B 24 25.35 -1.16 24.64
CA LEU B 24 24.59 -2.21 25.35
C LEU B 24 25.48 -2.89 26.43
N LYS B 25 26.75 -3.06 26.11
CA LYS B 25 27.68 -3.68 27.05
C LYS B 25 27.22 -5.12 27.30
N LYS B 26 27.36 -6.01 26.31
CA LYS B 26 27.13 -7.44 26.61
C LYS B 26 28.27 -8.19 27.38
N THR B 27 28.20 -8.17 28.72
CA THR B 27 29.32 -8.66 29.46
C THR B 27 29.08 -9.63 30.59
N ALA B 28 28.12 -9.43 31.46
CA ALA B 28 28.07 -10.41 32.58
C ALA B 28 27.93 -9.69 33.87
N SER B 29 28.71 -8.62 34.03
CA SER B 29 28.50 -7.71 35.17
C SER B 29 27.56 -6.62 34.72
N SER B 30 27.24 -6.57 33.41
CA SER B 30 26.56 -5.40 32.81
C SER B 30 25.10 -5.42 33.19
N ASP B 31 24.74 -4.53 34.10
CA ASP B 31 23.35 -4.36 34.54
C ASP B 31 22.37 -4.01 33.37
N LEU B 32 22.84 -3.16 32.45
CA LEU B 32 22.08 -2.73 31.30
C LEU B 32 21.70 -3.92 30.39
N TYR B 33 22.70 -4.68 29.96
CA TYR B 33 22.47 -5.90 29.20
C TYR B 33 21.55 -6.78 29.95
N GLN B 34 21.73 -6.84 31.25
CA GLN B 34 20.87 -7.74 31.99
C GLN B 34 19.43 -7.28 31.90
N LEU B 35 19.27 -5.97 31.86
CA LEU B 35 17.90 -5.48 31.86
C LEU B 35 17.32 -5.76 30.43
N TYR B 36 18.10 -5.49 29.41
CA TYR B 36 17.76 -5.87 28.04
C TYR B 36 17.39 -7.35 27.83
N ARG B 37 18.26 -8.25 28.32
CA ARG B 37 18.07 -9.71 28.25
C ARG B 37 16.74 -10.03 28.91
N ASN B 38 16.48 -9.43 30.07
CA ASN B 38 15.28 -9.69 30.79
C ASN B 38 14.02 -9.20 30.12
N CYS B 39 13.99 -7.94 29.68
CA CYS B 39 12.82 -7.49 28.93
C CYS B 39 12.54 -8.44 27.72
N SER B 40 13.61 -8.94 27.08
CA SER B 40 13.45 -9.74 25.89
C SER B 40 12.96 -11.13 26.29
N LEU B 41 13.47 -11.64 27.38
CA LEU B 41 12.91 -12.92 27.93
C LEU B 41 11.45 -12.74 28.18
N ALA B 42 11.05 -11.60 28.78
CA ALA B 42 9.64 -11.52 29.19
C ALA B 42 8.73 -11.50 27.97
N VAL B 43 9.20 -10.91 26.89
CA VAL B 43 8.39 -10.81 25.68
C VAL B 43 8.14 -12.24 25.08
N LEU B 44 9.13 -13.14 25.25
CA LEU B 44 9.07 -14.52 24.68
C LEU B 44 8.36 -15.43 25.62
N ASN B 45 8.06 -14.92 26.81
CA ASN B 45 7.40 -15.68 27.84
C ASN B 45 5.91 -15.41 27.98
N SER B 46 5.27 -14.78 27.01
CA SER B 46 3.93 -14.26 27.26
C SER B 46 2.86 -15.33 27.55
N ASP B 58 15.37 -17.30 35.26
CA ASP B 58 15.01 -17.94 36.56
C ASP B 58 14.55 -19.42 36.37
N LYS B 59 13.45 -19.62 35.64
CA LYS B 59 13.19 -20.94 35.00
C LYS B 59 14.02 -21.03 33.70
N TYR B 60 14.55 -19.88 33.26
CA TYR B 60 15.31 -19.79 32.03
C TYR B 60 16.64 -19.18 32.27
N LYS B 61 17.30 -19.61 33.35
CA LYS B 61 18.70 -19.25 33.67
C LYS B 61 19.54 -19.16 32.41
N ASN B 62 19.37 -20.09 31.47
CA ASN B 62 20.22 -20.10 30.28
C ASN B 62 19.65 -19.51 28.95
N PHE B 63 18.57 -18.74 29.05
CA PHE B 63 18.19 -17.89 27.95
C PHE B 63 19.32 -16.88 27.64
N ASP B 64 19.68 -16.73 26.37
CA ASP B 64 20.52 -15.64 26.03
C ASP B 64 20.02 -14.97 24.75
N ILE B 65 20.46 -13.73 24.49
CA ILE B 65 20.09 -12.98 23.27
C ILE B 65 21.32 -12.18 22.78
N THR B 66 21.47 -12.14 21.46
CA THR B 66 22.62 -11.48 20.89
C THR B 66 22.14 -10.60 19.76
N VAL B 67 22.71 -9.41 19.70
CA VAL B 67 22.25 -8.48 18.72
C VAL B 67 23.30 -8.49 17.68
N MET B 68 22.93 -8.78 16.46
CA MET B 68 23.94 -8.74 15.43
C MET B 68 23.70 -7.55 14.46
N ARG B 69 24.68 -6.75 14.21
CA ARG B 69 24.71 -5.91 12.99
C ARG B 69 25.05 -6.64 11.68
N ARG B 70 24.04 -6.82 10.84
CA ARG B 70 24.19 -7.56 9.59
C ARG B 70 23.88 -6.66 8.37
N GLU B 71 23.95 -7.24 7.19
CA GLU B 71 23.95 -6.46 5.92
C GLU B 71 22.63 -5.73 5.71
N ARG B 72 21.56 -6.38 6.14
CA ARG B 72 20.25 -5.79 5.98
C ARG B 72 19.78 -5.07 7.21
N GLY B 73 20.51 -5.11 8.31
CA GLY B 73 20.15 -4.38 9.55
C GLY B 73 20.38 -5.35 10.70
N ILE B 74 19.70 -5.13 11.82
CA ILE B 74 19.85 -5.98 13.02
C ILE B 74 19.26 -7.38 12.83
N LYS B 75 19.93 -8.45 13.25
CA LYS B 75 19.28 -9.75 13.34
C LYS B 75 19.51 -10.04 14.79
N LEU B 76 18.61 -10.81 15.41
CA LEU B 76 18.80 -11.16 16.82
C LEU B 76 19.07 -12.69 16.94
N GLU B 77 19.90 -13.15 17.86
CA GLU B 77 20.06 -14.63 18.00
C GLU B 77 19.65 -15.00 19.38
N LEU B 78 18.66 -15.92 19.46
CA LEU B 78 18.13 -16.34 20.73
C LEU B 78 18.71 -17.69 20.99
N ALA B 79 19.23 -17.84 22.21
CA ALA B 79 19.71 -19.14 22.67
C ALA B 79 18.72 -19.55 23.75
N ASN B 80 18.12 -20.75 23.62
CA ASN B 80 17.15 -21.27 24.60
C ASN B 80 15.93 -20.43 24.93
N PRO B 81 15.24 -19.85 23.93
CA PRO B 81 14.01 -19.11 24.24
C PRO B 81 12.87 -20.04 24.65
N PRO B 82 11.86 -19.51 25.36
CA PRO B 82 10.82 -20.41 25.83
C PRO B 82 10.01 -21.08 24.70
N GLU B 83 9.48 -22.26 24.96
CA GLU B 83 8.86 -23.05 23.94
C GLU B 83 7.49 -22.53 23.50
N HIS B 84 6.77 -21.80 24.35
CA HIS B 84 5.43 -21.36 23.98
C HIS B 84 5.46 -20.12 23.10
N ALA B 85 6.63 -19.51 22.95
CA ALA B 85 6.75 -18.48 21.93
C ALA B 85 6.69 -19.07 20.48
N PHE B 86 6.37 -20.38 20.39
CA PHE B 86 6.52 -21.06 19.11
C PHE B 86 5.18 -21.57 18.60
N VAL B 87 4.97 -21.42 17.29
CA VAL B 87 3.85 -22.07 16.66
C VAL B 87 4.53 -22.94 15.59
N ASP B 88 4.42 -24.23 15.83
CA ASP B 88 5.05 -25.24 14.95
C ASP B 88 6.49 -24.83 14.66
N GLY B 89 7.34 -24.76 15.66
CA GLY B 89 8.70 -24.37 15.40
C GLY B 89 9.02 -22.89 15.04
N GLN B 90 8.04 -21.99 14.93
CA GLN B 90 8.39 -20.56 14.58
C GLN B 90 7.87 -19.62 15.67
N ILE B 91 8.65 -18.58 15.97
CA ILE B 91 8.26 -17.55 16.94
C ILE B 91 7.15 -16.78 16.28
N ILE B 92 6.04 -16.70 16.96
CA ILE B 92 4.95 -15.88 16.47
C ILE B 92 5.46 -14.52 16.00
N LYS B 93 4.91 -14.00 14.92
CA LYS B 93 5.45 -12.78 14.37
C LYS B 93 5.23 -11.61 15.29
N GLY B 94 4.13 -11.53 16.01
CA GLY B 94 3.96 -10.38 16.99
C GLY B 94 5.11 -10.37 18.01
N ILE B 95 5.55 -11.56 18.41
CA ILE B 95 6.63 -11.68 19.39
C ILE B 95 7.88 -11.21 18.82
N GLN B 96 8.15 -11.53 17.53
CA GLN B 96 9.41 -11.11 16.93
C GLN B 96 9.48 -9.56 16.90
N GLU B 97 8.39 -8.98 16.45
CA GLU B 97 8.27 -7.50 16.48
C GLU B 97 8.51 -6.98 17.85
N HIS B 98 7.91 -7.63 18.89
CA HIS B 98 8.17 -7.29 20.28
C HIS B 98 9.63 -7.19 20.65
N LEU B 99 10.43 -8.14 20.16
CA LEU B 99 11.86 -8.12 20.51
C LEU B 99 12.59 -6.92 19.95
N PHE B 100 12.24 -6.50 18.73
CA PHE B 100 12.84 -5.33 18.12
C PHE B 100 12.33 -4.03 18.84
N SER B 101 11.09 -4.02 19.28
CA SER B 101 10.62 -2.84 20.00
C SER B 101 11.46 -2.68 21.27
N VAL B 102 11.67 -3.80 21.99
CA VAL B 102 12.52 -3.81 23.18
C VAL B 102 13.89 -3.22 22.92
N LEU B 103 14.59 -3.76 21.92
CA LEU B 103 15.90 -3.29 21.56
C LEU B 103 15.86 -1.79 21.21
N ARG B 104 14.94 -1.42 20.32
CA ARG B 104 14.72 0.02 19.92
C ARG B 104 14.62 0.90 21.18
N ASP B 105 13.73 0.55 22.11
CA ASP B 105 13.50 1.47 23.22
C ASP B 105 14.66 1.48 24.23
N ILE B 106 15.29 0.33 24.51
CA ILE B 106 16.44 0.30 25.44
C ILE B 106 17.55 1.16 24.84
N VAL B 107 17.78 1.01 23.56
CA VAL B 107 18.84 1.76 22.93
C VAL B 107 18.50 3.26 22.88
N TYR B 108 17.27 3.60 22.60
CA TYR B 108 16.99 5.03 22.45
C TYR B 108 17.16 5.67 23.86
N VAL B 109 16.61 5.08 24.92
CA VAL B 109 16.75 5.74 26.22
C VAL B 109 18.24 5.87 26.65
N ASN B 110 19.00 4.83 26.32
CA ASN B 110 20.43 4.81 26.54
C ASN B 110 21.24 5.87 25.78
N MET B 111 20.85 6.24 24.56
CA MET B 111 21.61 7.33 23.85
C MET B 111 21.13 8.75 24.26
N HIS B 112 20.12 8.84 25.16
CA HIS B 112 19.49 10.12 25.65
C HIS B 112 19.68 10.54 27.17
N LEU B 113 20.81 11.21 27.46
CA LEU B 113 21.05 12.02 28.73
C LEU B 113 20.86 13.55 28.41
N ALA B 114 20.34 13.83 27.20
CA ALA B 114 19.66 15.05 26.79
C ALA B 114 19.02 15.88 27.96
N LEU B 121 17.03 22.29 29.87
CA LEU B 121 15.64 22.76 30.09
C LEU B 121 15.30 22.91 31.60
N THR B 122 14.03 23.09 31.95
CA THR B 122 13.57 22.93 33.35
C THR B 122 13.06 21.48 33.69
N ASN B 123 13.91 20.59 34.26
CA ASN B 123 13.61 19.15 34.58
C ASN B 123 12.21 18.55 34.21
N ALA B 124 11.14 19.28 34.52
CA ALA B 124 9.79 18.90 34.12
C ALA B 124 9.68 18.78 32.57
N THR B 125 10.29 19.74 31.92
CA THR B 125 10.42 19.78 30.51
C THR B 125 11.27 18.66 29.95
N HIS B 126 12.40 18.44 30.59
CA HIS B 126 13.23 17.32 30.22
C HIS B 126 12.42 16.01 30.34
N ILE B 127 11.59 15.86 31.37
CA ILE B 127 10.87 14.59 31.48
C ILE B 127 9.82 14.45 30.40
N THR B 128 8.99 15.47 30.22
CA THR B 128 7.99 15.29 29.22
C THR B 128 8.57 15.20 27.83
N ASN B 129 9.74 15.83 27.66
CA ASN B 129 10.30 15.81 26.34
C ASN B 129 10.92 14.45 26.09
N LEU B 130 11.43 13.82 27.16
CA LEU B 130 11.94 12.44 27.07
C LEU B 130 10.81 11.48 26.69
N VAL B 131 9.67 11.65 27.35
CA VAL B 131 8.47 10.86 27.05
C VAL B 131 8.05 10.99 25.57
N PHE B 132 7.99 12.24 25.11
CA PHE B 132 7.66 12.52 23.73
C PHE B 132 8.72 11.87 22.79
N GLY B 133 9.99 12.06 23.14
CA GLY B 133 11.09 11.48 22.33
C GLY B 133 11.02 9.94 22.15
N ILE B 134 10.80 9.22 23.25
CA ILE B 134 10.66 7.74 23.25
C ILE B 134 9.52 7.35 22.39
N LEU B 135 8.37 7.96 22.64
CA LEU B 135 7.19 7.65 21.85
C LEU B 135 7.34 7.97 20.39
N ARG B 136 7.89 9.14 20.07
CA ARG B 136 8.07 9.51 18.68
C ARG B 136 9.04 8.51 18.01
N ASN B 137 10.16 8.27 18.62
CA ASN B 137 11.17 7.32 18.11
C ASN B 137 10.53 5.93 17.89
N ALA B 138 9.52 5.64 18.71
CA ALA B 138 8.87 4.31 18.57
C ALA B 138 7.84 4.34 17.45
N GLY B 139 7.67 5.47 16.76
CA GLY B 139 6.58 5.56 15.73
C GLY B 139 5.16 5.51 16.30
N ALA B 140 5.06 5.64 17.60
CA ALA B 140 3.78 5.61 18.24
C ALA B 140 3.04 6.97 18.18
N LEU B 141 3.67 8.01 17.63
CA LEU B 141 2.98 9.30 17.44
C LEU B 141 2.82 9.59 15.94
N ILE B 142 1.70 9.19 15.35
CA ILE B 142 1.54 9.36 13.92
C ILE B 142 1.11 10.85 13.61
N PRO B 143 1.93 11.65 12.95
CA PRO B 143 1.59 13.07 12.89
C PRO B 143 0.24 13.30 12.23
N GLY B 144 -0.07 12.59 11.14
CA GLY B 144 -1.31 12.82 10.36
C GLY B 144 -2.60 12.26 10.90
N ALA B 145 -2.58 11.57 12.06
CA ALA B 145 -3.76 10.70 12.42
C ALA B 145 -4.77 11.61 13.11
N THR B 146 -6.01 11.44 12.72
CA THR B 146 -7.12 12.00 13.44
C THR B 146 -7.26 11.27 14.81
N PRO B 147 -7.61 12.00 15.89
CA PRO B 147 -7.80 11.37 17.25
C PRO B 147 -8.69 10.20 17.25
N ASN B 148 -8.25 9.08 17.87
CA ASN B 148 -9.09 7.93 17.95
C ASN B 148 -8.54 6.89 18.92
N LEU B 149 -7.55 7.31 19.71
CA LEU B 149 -6.88 6.51 20.69
C LEU B 149 -7.58 6.50 22.09
N VAL B 150 -8.09 5.31 22.49
CA VAL B 150 -8.71 5.07 23.81
C VAL B 150 -7.79 4.25 24.73
N VAL B 151 -7.48 4.87 25.85
CA VAL B 151 -6.64 4.25 26.79
C VAL B 151 -7.58 3.37 27.65
N CYS B 152 -7.22 2.11 27.83
CA CYS B 152 -7.99 1.17 28.68
C CYS B 152 -7.12 0.69 29.83
N TRP B 153 -7.68 0.82 31.04
CA TRP B 153 -7.07 0.50 32.28
C TRP B 153 -8.00 -0.43 33.04
N GLY B 154 -7.45 -1.36 33.83
CA GLY B 154 -8.34 -2.35 34.46
C GLY B 154 -7.46 -3.40 35.12
N GLY B 155 -8.07 -4.28 35.90
CA GLY B 155 -7.28 -5.19 36.75
C GLY B 155 -6.60 -6.27 35.92
N HIS B 156 -5.39 -6.66 36.32
CA HIS B 156 -4.67 -7.84 35.72
C HIS B 156 -5.31 -9.20 36.14
N SER B 157 -6.17 -9.17 37.16
CA SER B 157 -6.66 -10.49 37.72
C SER B 157 -8.14 -10.35 38.02
N ILE B 158 -8.99 -10.97 37.14
CA ILE B 158 -10.42 -10.56 37.05
C ILE B 158 -11.01 -11.92 36.68
C ILE B 158 -11.80 -11.09 37.67
N ASN B 159 -12.27 -12.04 36.92
CA ASN B 159 -13.15 -13.21 36.97
C ASN B 159 -13.63 -13.14 35.49
N GLU B 160 -14.32 -14.16 35.02
CA GLU B 160 -14.52 -14.33 33.59
C GLU B 160 -15.64 -13.44 33.14
N VAL B 161 -16.54 -13.12 34.05
CA VAL B 161 -17.59 -12.20 33.77
C VAL B 161 -16.95 -10.83 33.48
N GLU B 162 -16.00 -10.40 34.27
CA GLU B 162 -15.35 -9.11 33.95
C GLU B 162 -14.51 -9.21 32.66
N TYR B 163 -13.68 -10.21 32.55
CA TYR B 163 -12.93 -10.46 31.29
C TYR B 163 -13.83 -10.39 30.05
N GLN B 164 -14.92 -11.15 30.07
CA GLN B 164 -15.87 -11.11 29.02
C GLN B 164 -16.43 -9.68 28.80
N TYR B 165 -16.72 -8.94 29.86
CA TYR B 165 -17.19 -7.60 29.65
C TYR B 165 -16.13 -6.74 28.96
N THR B 166 -14.85 -6.90 29.30
CA THR B 166 -13.84 -6.02 28.69
C THR B 166 -13.67 -6.46 27.23
N ARG B 167 -13.73 -7.78 26.97
CA ARG B 167 -13.73 -8.24 25.57
C ARG B 167 -14.84 -7.59 24.78
N GLU B 168 -16.01 -7.52 25.33
CA GLU B 168 -17.12 -6.96 24.56
C GLU B 168 -17.05 -5.42 24.33
N VAL B 169 -16.44 -4.72 25.30
CA VAL B 169 -16.16 -3.22 25.11
C VAL B 169 -15.16 -3.05 23.93
N GLY B 170 -14.15 -3.93 23.87
CA GLY B 170 -13.13 -3.86 22.87
C GLY B 170 -13.78 -4.06 21.52
N HIS B 171 -14.72 -5.03 21.47
CA HIS B 171 -15.47 -5.28 20.23
C HIS B 171 -16.22 -3.97 19.75
N GLU B 172 -16.90 -3.30 20.66
CA GLU B 172 -17.65 -2.06 20.38
C GLU B 172 -16.70 -0.93 20.01
N LEU B 173 -15.49 -0.90 20.61
CA LEU B 173 -14.51 0.09 20.23
C LEU B 173 -14.10 -0.26 18.81
N GLY B 174 -13.91 -1.55 18.52
CA GLY B 174 -13.52 -1.88 17.13
C GLY B 174 -14.54 -1.53 16.06
N LEU B 175 -15.80 -1.77 16.37
CA LEU B 175 -16.88 -1.43 15.43
C LEU B 175 -16.95 0.05 15.16
N ARG B 176 -16.43 0.83 16.08
CA ARG B 176 -16.43 2.27 15.86
C ARG B 176 -15.08 2.76 15.40
N GLU B 177 -14.19 1.83 14.95
CA GLU B 177 -12.86 2.17 14.44
C GLU B 177 -12.05 3.04 15.39
N LEU B 178 -12.09 2.75 16.69
CA LEU B 178 -11.16 3.38 17.62
C LEU B 178 -9.96 2.50 17.84
N ASN B 179 -8.83 3.11 18.15
CA ASN B 179 -7.66 2.36 18.57
C ASN B 179 -7.60 2.15 20.09
N ILE B 180 -6.78 1.20 20.54
CA ILE B 180 -6.65 0.93 22.02
C ILE B 180 -5.21 1.23 22.49
N CYS B 181 -5.06 1.91 23.64
CA CYS B 181 -3.71 1.96 24.22
C CYS B 181 -3.80 1.40 25.65
N THR B 182 -2.96 0.44 26.04
CA THR B 182 -3.24 -0.13 27.34
C THR B 182 -1.90 -0.59 27.92
N GLY B 183 -1.95 -1.10 29.13
CA GLY B 183 -0.77 -1.69 29.83
C GLY B 183 -0.49 -3.05 29.12
N CYS B 184 0.30 -3.92 29.70
CA CYS B 184 0.53 -5.26 29.10
C CYS B 184 0.06 -6.31 30.07
N GLY B 185 -0.03 -7.56 29.63
CA GLY B 185 -0.29 -8.74 30.51
C GLY B 185 -1.72 -9.19 30.51
N PRO B 186 -2.15 -9.99 31.52
CA PRO B 186 -3.49 -10.60 31.43
C PRO B 186 -4.66 -9.73 31.91
N GLY B 187 -5.86 -10.31 31.84
CA GLY B 187 -7.05 -9.73 32.44
C GLY B 187 -7.51 -8.59 31.53
N ALA B 188 -7.77 -7.44 32.13
CA ALA B 188 -8.37 -6.30 31.38
C ALA B 188 -7.34 -5.68 30.44
N MET B 189 -6.07 -5.94 30.70
CA MET B 189 -5.03 -5.56 29.68
C MET B 189 -5.11 -6.40 28.40
N GLU B 190 -6.06 -7.34 28.32
CA GLU B 190 -5.99 -8.38 27.26
C GLU B 190 -7.31 -8.58 26.51
N GLY B 191 -8.44 -8.63 27.18
CA GLY B 191 -9.74 -8.79 26.58
C GLY B 191 -10.03 -7.79 25.52
N PRO B 192 -9.83 -6.48 25.81
CA PRO B 192 -10.30 -5.55 24.77
C PRO B 192 -9.67 -5.73 23.41
N MET B 193 -8.37 -5.95 23.36
CA MET B 193 -7.71 -6.17 22.04
C MET B 193 -8.31 -7.37 21.29
N LYS B 194 -8.67 -8.41 22.05
CA LYS B 194 -9.24 -9.63 21.42
C LYS B 194 -10.61 -9.27 20.88
N GLY B 195 -11.32 -8.43 21.63
CA GLY B 195 -12.65 -8.06 21.19
C GLY B 195 -12.52 -7.16 20.01
N ALA B 196 -11.59 -6.18 20.06
CA ALA B 196 -11.38 -5.29 18.92
C ALA B 196 -10.92 -6.00 17.64
N ALA B 197 -10.22 -7.11 17.77
CA ALA B 197 -9.74 -7.81 16.51
C ALA B 197 -10.96 -8.17 15.71
N VAL B 198 -11.98 -8.59 16.40
CA VAL B 198 -13.27 -9.00 15.78
C VAL B 198 -14.05 -7.80 15.24
N GLY B 199 -14.26 -6.78 16.08
CA GLY B 199 -14.94 -5.57 15.63
C GLY B 199 -14.23 -4.84 14.49
N HIS B 200 -12.91 -4.71 14.59
CA HIS B 200 -12.16 -4.17 13.51
C HIS B 200 -12.27 -5.00 12.25
N ALA B 201 -12.14 -6.34 12.35
CA ALA B 201 -12.29 -7.15 11.09
C ALA B 201 -13.65 -6.87 10.41
N LYS B 202 -14.67 -6.77 11.26
CA LYS B 202 -16.04 -6.62 10.72
C LYS B 202 -16.14 -5.27 10.01
N GLN B 203 -15.34 -4.30 10.50
CA GLN B 203 -15.45 -2.93 10.01
C GLN B 203 -14.35 -2.62 8.97
N ARG B 204 -13.53 -3.61 8.60
CA ARG B 204 -12.45 -3.46 7.59
C ARG B 204 -11.40 -2.44 8.02
N TYR B 205 -11.32 -2.17 9.33
CA TYR B 205 -10.29 -1.30 9.85
C TYR B 205 -8.93 -1.93 9.95
N SER B 206 -8.22 -2.02 8.84
CA SER B 206 -6.98 -2.76 8.93
C SER B 206 -5.88 -1.89 9.51
N GLU B 207 -6.09 -0.58 9.68
CA GLU B 207 -5.00 0.25 10.18
C GLU B 207 -5.11 0.34 11.74
N TYR B 208 -5.76 -0.64 12.38
CA TYR B 208 -5.97 -0.64 13.83
C TYR B 208 -4.62 -0.60 14.56
N ARG B 209 -4.64 0.00 15.76
CA ARG B 209 -3.42 0.13 16.52
C ARG B 209 -3.72 -0.39 17.89
N TYR B 210 -3.01 -1.43 18.31
CA TYR B 210 -3.07 -1.88 19.69
C TYR B 210 -1.73 -1.60 20.36
N LEU B 211 -1.69 -0.56 21.19
CA LEU B 211 -0.47 -0.03 21.78
C LEU B 211 -0.33 -0.65 23.15
N GLY B 212 0.78 -1.30 23.50
CA GLY B 212 0.84 -1.90 24.82
C GLY B 212 2.02 -1.16 25.40
N LEU B 213 1.87 -0.55 26.60
CA LEU B 213 3.02 0.17 27.21
C LEU B 213 3.43 -0.57 28.43
N THR B 214 4.72 -0.65 28.63
CA THR B 214 5.22 -1.37 29.84
C THR B 214 6.53 -0.67 30.31
N GLU B 215 7.15 -1.29 31.32
CA GLU B 215 8.43 -0.76 31.83
C GLU B 215 9.26 -1.92 32.42
N PRO B 216 10.60 -1.81 32.46
CA PRO B 216 11.42 -3.04 32.70
C PRO B 216 11.06 -3.77 33.98
N SER B 217 10.66 -3.01 34.94
CA SER B 217 10.59 -3.56 36.28
C SER B 217 9.22 -4.24 36.51
N ILE B 218 8.28 -4.07 35.59
CA ILE B 218 7.03 -4.79 35.64
C ILE B 218 6.77 -5.76 34.44
N ILE B 219 7.65 -5.80 33.44
CA ILE B 219 7.21 -6.39 32.14
C ILE B 219 7.21 -7.94 32.32
N ALA B 220 8.02 -8.46 33.23
CA ALA B 220 7.99 -9.92 33.49
C ALA B 220 6.69 -10.38 34.14
N ALA B 221 6.15 -9.60 35.05
CA ALA B 221 4.89 -9.92 35.77
C ALA B 221 3.71 -9.79 34.84
N GLU B 222 3.80 -8.87 33.87
CA GLU B 222 2.69 -8.55 33.03
C GLU B 222 3.20 -8.44 31.60
N PRO B 223 3.53 -9.59 30.95
CA PRO B 223 4.17 -9.51 29.65
C PRO B 223 3.22 -9.10 28.52
N PRO B 224 3.75 -8.60 27.40
CA PRO B 224 2.91 -8.20 26.28
C PRO B 224 2.38 -9.42 25.55
N ASN B 225 1.10 -9.41 25.30
CA ASN B 225 0.46 -10.37 24.40
C ASN B 225 0.94 -10.17 22.98
N PRO B 226 1.20 -11.25 22.17
CA PRO B 226 1.62 -10.94 20.79
C PRO B 226 0.60 -10.11 19.98
N ILE B 227 -0.67 -10.02 20.42
CA ILE B 227 -1.68 -9.26 19.65
C ILE B 227 -1.42 -7.72 19.67
N VAL B 228 -0.59 -7.29 20.62
CA VAL B 228 -0.24 -5.86 20.70
C VAL B 228 0.58 -5.62 19.46
N ASN B 229 0.20 -4.63 18.69
CA ASN B 229 1.00 -4.35 17.47
C ASN B 229 1.95 -3.11 17.61
N GLU B 230 1.89 -2.44 18.75
CA GLU B 230 2.98 -1.50 19.07
C GLU B 230 3.32 -1.58 20.55
N LEU B 231 4.39 -2.28 20.85
CA LEU B 231 4.89 -2.27 22.18
C LEU B 231 5.81 -1.14 22.39
N VAL B 232 5.75 -0.52 23.58
CA VAL B 232 6.72 0.51 23.89
C VAL B 232 7.22 0.29 25.31
N ILE B 233 8.51 0.34 25.52
CA ILE B 233 9.04 0.15 26.87
C ILE B 233 9.43 1.52 27.38
N MET B 234 8.66 2.07 28.32
CA MET B 234 9.02 3.34 28.98
C MET B 234 10.05 3.07 30.12
N PRO B 235 10.76 4.14 30.61
CA PRO B 235 11.81 3.86 31.65
C PRO B 235 11.24 3.49 33.03
N ASP B 236 10.07 3.99 33.39
CA ASP B 236 9.52 3.70 34.72
C ASP B 236 8.05 3.86 34.70
N ILE B 237 7.40 3.68 35.84
CA ILE B 237 5.96 3.67 35.95
C ILE B 237 5.41 5.09 35.75
N GLU B 238 6.12 6.08 36.25
CA GLU B 238 5.61 7.45 36.09
C GLU B 238 5.71 7.89 34.68
N LYS B 239 6.75 7.44 33.95
CA LYS B 239 6.85 7.92 32.53
C LYS B 239 5.76 7.31 31.60
N ARG B 240 5.32 6.18 32.02
CA ARG B 240 4.28 5.46 31.32
C ARG B 240 2.93 6.08 31.61
N LEU B 241 2.74 6.50 32.84
CA LEU B 241 1.51 7.22 33.19
C LEU B 241 1.44 8.45 32.39
N GLU B 242 2.50 9.20 32.36
CA GLU B 242 2.47 10.38 31.45
C GLU B 242 2.26 10.03 29.97
N ALA B 243 2.96 9.01 29.53
CA ALA B 243 2.75 8.63 28.13
C ALA B 243 1.23 8.29 27.94
N PHE B 244 0.60 7.52 28.86
CA PHE B 244 -0.80 7.23 28.66
C PHE B 244 -1.65 8.55 28.54
N VAL B 245 -1.49 9.50 29.47
CA VAL B 245 -2.44 10.63 29.45
C VAL B 245 -2.15 11.60 28.32
N ARG B 246 -0.93 11.61 27.75
CA ARG B 246 -0.62 12.56 26.70
C ARG B 246 -1.01 12.06 25.39
N MET B 247 -1.10 10.72 25.27
CA MET B 247 -1.62 10.13 24.03
C MET B 247 -3.08 9.91 24.03
N ALA B 248 -3.68 9.66 25.18
CA ALA B 248 -5.12 9.39 25.29
C ALA B 248 -5.99 10.44 24.58
N HIS B 249 -6.93 9.98 23.79
CA HIS B 249 -8.05 10.85 23.45
C HIS B 249 -9.33 10.59 24.28
N GLY B 250 -9.27 9.56 25.11
CA GLY B 250 -10.40 8.99 25.80
C GLY B 250 -9.87 7.94 26.69
N ILE B 251 -10.51 7.79 27.84
CA ILE B 251 -10.05 6.77 28.80
C ILE B 251 -11.24 5.94 29.33
N ILE B 252 -11.07 4.62 29.29
CA ILE B 252 -12.04 3.70 29.85
C ILE B 252 -11.40 2.92 31.00
N ILE B 253 -12.08 2.86 32.10
CA ILE B 253 -11.53 2.24 33.33
C ILE B 253 -12.44 1.15 33.87
N PHE B 254 -11.92 -0.05 33.83
CA PHE B 254 -12.68 -1.24 34.17
C PHE B 254 -12.39 -1.50 35.63
N PRO B 255 -13.15 -2.42 36.27
CA PRO B 255 -12.71 -2.66 37.63
C PRO B 255 -11.27 -3.14 37.72
N GLY B 256 -10.57 -2.78 38.79
CA GLY B 256 -9.20 -3.26 38.93
C GLY B 256 -8.76 -3.20 40.38
N GLY B 257 -7.48 -3.45 40.63
CA GLY B 257 -6.88 -3.38 41.98
C GLY B 257 -6.10 -2.08 42.24
N PRO B 258 -4.99 -2.16 43.03
CA PRO B 258 -4.19 -0.96 43.38
C PRO B 258 -3.52 -0.30 42.19
N GLY B 259 -3.14 -1.12 41.21
CA GLY B 259 -2.52 -0.61 39.99
C GLY B 259 -3.51 0.23 39.18
N THR B 260 -4.78 -0.20 39.15
CA THR B 260 -5.80 0.58 38.41
C THR B 260 -6.21 1.80 39.22
N ALA B 261 -6.12 1.74 40.55
CA ALA B 261 -6.52 2.90 41.41
C ALA B 261 -5.46 3.98 41.31
N GLU B 262 -4.23 3.55 41.28
CA GLU B 262 -3.14 4.45 40.96
C GLU B 262 -3.41 5.28 39.67
N GLU B 263 -3.77 4.55 38.61
CA GLU B 263 -4.06 5.20 37.37
C GLU B 263 -5.20 6.18 37.52
N LEU B 264 -6.27 5.75 38.15
CA LEU B 264 -7.42 6.60 38.32
C LEU B 264 -7.08 7.89 39.05
N LEU B 265 -6.29 7.76 40.12
CA LEU B 265 -5.93 8.91 40.98
C LEU B 265 -4.97 9.82 40.28
N TYR B 266 -4.02 9.22 39.56
CA TYR B 266 -3.24 10.00 38.63
C TYR B 266 -4.07 10.83 37.61
N ILE B 267 -5.00 10.24 36.86
CA ILE B 267 -5.63 11.12 35.91
C ILE B 267 -6.56 12.12 36.68
N LEU B 268 -7.19 11.74 37.78
CA LEU B 268 -8.19 12.65 38.33
C LEU B 268 -7.46 13.83 38.95
N GLY B 269 -6.31 13.54 39.56
CA GLY B 269 -5.40 14.56 40.10
C GLY B 269 -5.04 15.64 39.14
N ILE B 270 -4.69 15.17 37.92
CA ILE B 270 -4.38 16.03 36.80
C ILE B 270 -5.58 16.74 36.25
N MET B 271 -6.70 16.02 36.02
CA MET B 271 -7.81 16.68 35.36
C MET B 271 -8.54 17.69 36.24
N MET B 272 -8.33 17.60 37.58
CA MET B 272 -8.95 18.60 38.53
C MET B 272 -8.21 19.95 38.56
N HIS B 273 -7.04 20.01 37.93
CA HIS B 273 -6.27 21.21 37.84
C HIS B 273 -7.00 22.27 36.97
N PRO B 274 -7.22 23.50 37.51
CA PRO B 274 -8.06 24.47 36.79
C PRO B 274 -7.58 24.74 35.40
N GLU B 275 -6.27 24.71 35.19
CA GLU B 275 -5.66 24.89 33.84
C GLU B 275 -6.05 23.71 32.90
N ASN B 276 -6.51 22.60 33.48
CA ASN B 276 -7.01 21.43 32.64
C ASN B 276 -8.55 21.35 32.44
N ALA B 277 -9.27 22.35 32.98
CA ALA B 277 -10.75 22.39 32.94
C ALA B 277 -11.34 22.23 31.57
N ASP B 278 -10.64 22.69 30.56
CA ASP B 278 -11.14 22.63 29.20
C ASP B 278 -10.65 21.32 28.46
N GLN B 279 -9.87 20.48 29.12
CA GLN B 279 -9.35 19.24 28.45
C GLN B 279 -10.60 18.35 28.30
N PRO B 280 -11.02 18.06 27.04
CA PRO B 280 -12.26 17.37 26.83
C PRO B 280 -12.12 15.83 26.82
N MET B 281 -10.96 15.27 27.08
CA MET B 281 -10.91 13.74 27.02
C MET B 281 -11.84 13.06 27.99
N PRO B 282 -12.84 12.33 27.54
CA PRO B 282 -13.76 11.67 28.48
C PRO B 282 -13.19 10.49 29.30
N ILE B 283 -13.66 10.37 30.53
CA ILE B 283 -13.29 9.21 31.36
C ILE B 283 -14.54 8.47 31.76
N VAL B 284 -14.57 7.17 31.44
CA VAL B 284 -15.72 6.38 31.66
C VAL B 284 -15.23 5.18 32.48
N LEU B 285 -15.80 5.00 33.67
CA LEU B 285 -15.57 3.83 34.51
C LEU B 285 -16.71 2.95 34.10
N THR B 286 -16.34 1.75 33.73
CA THR B 286 -17.40 0.87 33.23
C THR B 286 -17.12 -0.55 33.69
N GLY B 287 -18.19 -1.37 33.85
CA GLY B 287 -18.05 -2.83 34.21
C GLY B 287 -19.36 -3.59 34.01
N PRO B 288 -19.38 -4.95 34.13
CA PRO B 288 -20.65 -5.70 34.04
C PRO B 288 -21.56 -5.36 35.24
N LYS B 289 -22.80 -5.84 35.16
CA LYS B 289 -23.81 -5.51 36.18
C LYS B 289 -23.34 -5.84 37.63
N GLN B 290 -22.64 -6.94 37.78
CA GLN B 290 -22.13 -7.37 39.06
C GLN B 290 -20.95 -6.60 39.59
N SER B 291 -20.47 -5.59 38.87
CA SER B 291 -19.42 -4.76 39.42
C SER B 291 -20.04 -3.47 39.98
N GLU B 292 -21.35 -3.41 40.11
CA GLU B 292 -22.05 -2.22 40.67
C GLU B 292 -21.64 -1.84 42.11
N ALA B 293 -21.55 -2.82 42.98
CA ALA B 293 -21.10 -2.54 44.34
C ALA B 293 -19.63 -2.03 44.31
N TYR B 294 -18.80 -2.67 43.47
CA TYR B 294 -17.45 -2.22 43.22
C TYR B 294 -17.42 -0.71 42.84
N PHE B 295 -18.28 -0.28 41.96
CA PHE B 295 -18.13 1.06 41.49
C PHE B 295 -18.80 2.06 42.44
N ARG B 296 -19.91 1.63 43.05
CA ARG B 296 -20.40 2.32 44.26
C ARG B 296 -19.32 2.65 45.25
N SER B 297 -18.59 1.65 45.69
CA SER B 297 -17.56 2.00 46.67
C SER B 297 -16.36 2.86 46.06
N LEU B 298 -15.94 2.59 44.81
CA LEU B 298 -14.85 3.35 44.24
C LEU B 298 -15.17 4.82 44.12
N ASP B 299 -16.36 5.11 43.65
CA ASP B 299 -16.82 6.45 43.44
C ASP B 299 -16.95 7.23 44.78
N LYS B 300 -17.60 6.62 45.77
CA LYS B 300 -17.66 7.17 47.11
C LYS B 300 -16.25 7.52 47.63
N PHE B 301 -15.30 6.57 47.50
CA PHE B 301 -13.90 6.80 47.85
C PHE B 301 -13.23 8.00 47.10
N ILE B 302 -13.49 8.12 45.81
CA ILE B 302 -13.01 9.30 45.05
C ILE B 302 -13.56 10.58 45.71
N THR B 303 -14.85 10.58 45.97
CA THR B 303 -15.51 11.82 46.41
C THR B 303 -15.15 12.09 47.87
N ASP B 304 -15.03 11.02 48.64
CA ASP B 304 -14.56 11.14 50.02
C ASP B 304 -13.20 11.78 50.17
N THR B 305 -12.28 11.46 49.25
CA THR B 305 -10.91 11.88 49.35
C THR B 305 -10.76 13.14 48.55
N LEU B 306 -10.92 13.06 47.25
CA LEU B 306 -10.76 14.27 46.46
C LEU B 306 -11.98 15.20 46.53
N GLY B 307 -13.08 14.75 47.13
CA GLY B 307 -14.23 15.59 47.15
C GLY B 307 -15.11 15.48 45.91
N GLU B 308 -16.24 16.13 46.06
CA GLU B 308 -17.27 16.21 45.08
C GLU B 308 -16.87 16.88 43.76
N ALA B 309 -15.92 17.82 43.77
CA ALA B 309 -15.39 18.36 42.46
C ALA B 309 -14.85 17.28 41.44
N ALA B 310 -14.55 16.08 41.96
CA ALA B 310 -13.83 15.06 41.20
C ALA B 310 -14.82 14.50 40.24
N ARG B 311 -16.08 14.48 40.69
CA ARG B 311 -17.16 13.83 40.00
C ARG B 311 -17.50 14.31 38.61
N LYS B 312 -17.35 15.62 38.34
CA LYS B 312 -17.61 16.16 37.00
C LYS B 312 -16.60 15.62 35.92
N HIS B 313 -15.52 14.94 36.34
CA HIS B 313 -14.47 14.56 35.38
C HIS B 313 -14.62 13.16 34.80
N TYR B 314 -15.47 12.34 35.43
CA TYR B 314 -15.72 10.99 34.94
C TYR B 314 -17.21 10.73 34.92
N SER B 315 -17.59 9.67 34.22
CA SER B 315 -18.85 9.01 34.52
C SER B 315 -18.68 7.50 34.58
N ILE B 316 -19.77 6.83 34.98
CA ILE B 316 -19.85 5.38 35.28
C ILE B 316 -21.02 4.81 34.48
N ALA B 317 -20.74 3.81 33.65
CA ALA B 317 -21.66 3.22 32.72
C ALA B 317 -21.61 1.74 33.02
N ILE B 318 -22.70 1.21 33.55
CA ILE B 318 -22.67 -0.12 34.11
C ILE B 318 -23.35 -0.95 33.10
N ASP B 319 -22.84 -2.14 32.84
CA ASP B 319 -23.59 -3.10 32.04
C ASP B 319 -23.98 -2.52 30.67
N ASN B 320 -23.07 -1.87 29.98
CA ASN B 320 -23.46 -1.40 28.69
C ASN B 320 -22.17 -1.08 27.83
N PRO B 321 -21.58 -2.10 27.18
CA PRO B 321 -20.34 -1.90 26.42
C PRO B 321 -20.53 -0.91 25.32
N ALA B 322 -21.65 -0.97 24.62
CA ALA B 322 -21.84 -0.07 23.50
C ALA B 322 -21.80 1.41 23.96
N GLU B 323 -22.28 1.70 25.18
CA GLU B 323 -22.31 3.10 25.69
C GLU B 323 -20.91 3.67 25.93
N ALA B 324 -20.09 2.87 26.63
CA ALA B 324 -18.76 3.25 26.90
C ALA B 324 -18.02 3.54 25.58
N ALA B 325 -18.14 2.69 24.55
CA ALA B 325 -17.48 3.01 23.29
C ALA B 325 -18.07 4.24 22.57
N ARG B 326 -19.37 4.44 22.69
CA ARG B 326 -20.04 5.47 21.94
C ARG B 326 -19.62 6.82 22.53
N ILE B 327 -19.42 6.84 23.85
CA ILE B 327 -18.93 8.07 24.59
C ILE B 327 -17.51 8.34 24.03
N MET B 328 -16.69 7.28 23.84
CA MET B 328 -15.38 7.48 23.32
C MET B 328 -15.53 8.02 21.89
N SER B 329 -16.31 7.31 21.05
CA SER B 329 -16.40 7.61 19.69
C SER B 329 -16.88 9.09 19.44
N ASN B 330 -18.00 9.46 20.07
CA ASN B 330 -18.59 10.86 19.93
C ASN B 330 -17.74 12.02 20.44
N ALA B 331 -16.72 11.73 21.22
CA ALA B 331 -15.87 12.80 21.80
C ALA B 331 -14.74 13.15 20.88
N MET B 332 -14.47 12.28 19.92
CA MET B 332 -13.25 12.39 19.13
C MET B 332 -13.26 13.68 18.32
N PRO B 333 -14.40 14.04 17.74
CA PRO B 333 -14.37 15.37 17.08
C PRO B 333 -14.23 16.54 18.12
N LEU B 334 -14.68 16.39 19.34
CA LEU B 334 -14.42 17.42 20.37
C LEU B 334 -12.92 17.44 20.72
N VAL B 335 -12.29 16.28 20.76
CA VAL B 335 -10.87 16.30 21.15
C VAL B 335 -10.18 16.96 19.96
N ARG B 336 -10.68 16.69 18.79
CA ARG B 336 -10.06 17.25 17.62
C ARG B 336 -10.15 18.78 17.75
N GLN B 337 -11.36 19.29 18.06
CA GLN B 337 -11.53 20.73 17.89
C GLN B 337 -10.67 21.39 18.93
N HIS B 338 -10.64 20.78 20.11
CA HIS B 338 -9.94 21.32 21.20
C HIS B 338 -8.45 21.42 20.96
N ARG B 339 -7.80 20.38 20.39
CA ARG B 339 -6.38 20.48 20.12
C ARG B 339 -6.07 21.65 19.15
N LYS B 340 -6.89 21.86 18.12
CA LYS B 340 -6.68 23.01 17.23
C LYS B 340 -6.95 24.31 17.96
N ASP B 341 -7.94 24.34 18.87
CA ASP B 341 -8.11 25.56 19.72
C ASP B 341 -6.91 25.81 20.55
N LYS B 342 -6.08 24.81 20.87
CA LYS B 342 -4.88 25.10 21.69
C LYS B 342 -3.62 25.09 20.82
N GLU B 343 -3.76 25.10 19.51
CA GLU B 343 -2.62 24.98 18.65
C GLU B 343 -1.74 23.84 19.14
N ASP B 344 -2.37 22.72 19.54
CA ASP B 344 -1.61 21.59 20.06
C ASP B 344 -1.65 20.42 19.00
N ALA B 345 -0.87 19.35 19.19
CA ALA B 345 -0.90 18.19 18.29
C ALA B 345 -2.10 17.27 18.60
N TYR B 346 -2.55 16.55 17.57
CA TYR B 346 -3.57 15.48 17.74
C TYR B 346 -2.97 14.28 18.54
N SER B 347 -1.76 13.87 18.12
CA SER B 347 -1.13 12.67 18.70
C SER B 347 -0.43 12.82 20.01
N PHE B 348 -0.21 14.08 20.49
CA PHE B 348 0.47 14.23 21.74
C PHE B 348 -0.02 15.49 22.41
N ASN B 349 -0.55 15.34 23.62
CA ASN B 349 -1.20 16.40 24.31
C ASN B 349 -0.19 17.26 25.09
N TRP B 350 0.42 18.23 24.42
CA TRP B 350 1.39 19.05 25.14
C TRP B 350 0.66 19.99 26.06
N SER B 351 -0.56 20.39 25.74
CA SER B 351 -1.10 21.55 26.53
C SER B 351 -1.59 21.10 27.89
N LEU B 352 -1.75 19.79 28.06
CA LEU B 352 -2.25 19.29 29.28
C LEU B 352 -1.19 19.58 30.31
N LYS B 353 -1.64 20.02 31.46
CA LYS B 353 -0.71 20.42 32.51
C LYS B 353 -0.49 19.32 33.53
N ILE B 354 0.73 18.92 33.74
CA ILE B 354 0.94 17.88 34.68
C ILE B 354 2.01 18.42 35.61
N GLU B 355 1.70 18.45 36.87
CA GLU B 355 2.56 19.11 37.84
C GLU B 355 3.58 18.13 38.21
N PRO B 356 4.72 18.63 38.76
CA PRO B 356 5.82 17.76 39.06
C PRO B 356 5.47 16.67 40.00
N GLU B 357 4.58 16.85 40.94
CA GLU B 357 4.43 15.74 41.90
C GLU B 357 3.85 14.46 41.20
N PHE B 358 3.43 14.58 39.93
CA PHE B 358 2.87 13.43 39.16
C PHE B 358 3.98 12.82 38.30
N GLN B 359 5.13 13.50 38.23
CA GLN B 359 6.20 13.10 37.33
C GLN B 359 7.31 12.46 38.14
N LEU B 360 7.54 12.95 39.35
CA LEU B 360 8.73 12.56 40.10
C LEU B 360 8.80 11.07 40.42
N PRO B 361 9.82 10.32 39.93
CA PRO B 361 9.63 8.85 40.13
C PRO B 361 9.66 8.49 41.58
N PHE B 362 8.85 7.53 41.98
CA PHE B 362 8.72 7.20 43.36
C PHE B 362 9.50 5.90 43.55
N GLU B 363 10.35 5.79 44.60
CA GLU B 363 11.00 4.49 44.84
C GLU B 363 10.49 4.00 46.18
N PRO B 364 9.49 3.11 46.16
CA PRO B 364 8.81 2.56 47.35
C PRO B 364 9.69 1.71 48.29
N ASN B 365 9.90 2.21 49.52
CA ASN B 365 10.55 1.51 50.65
C ASN B 365 9.76 1.99 51.90
N HIS B 366 10.26 1.79 53.12
CA HIS B 366 9.48 2.21 54.31
C HIS B 366 9.70 3.67 54.67
N GLU B 367 10.88 4.21 54.35
CA GLU B 367 11.09 5.65 54.52
C GLU B 367 10.09 6.33 53.62
N SER B 368 10.09 5.95 52.34
CA SER B 368 9.33 6.72 51.34
C SER B 368 7.81 6.64 51.55
N MET B 369 7.31 5.45 51.95
CA MET B 369 5.88 5.16 52.18
C MET B 369 5.36 5.87 53.42
N ALA B 370 6.22 5.90 54.44
CA ALA B 370 5.90 6.52 55.73
C ALA B 370 5.93 8.05 55.61
N ASN B 371 6.65 8.55 54.60
CA ASN B 371 6.87 9.97 54.40
C ASN B 371 5.84 10.60 53.47
N LEU B 372 4.87 9.79 53.01
CA LEU B 372 3.77 10.30 52.21
C LEU B 372 2.93 11.27 53.01
N ASP B 373 2.32 12.22 52.32
CA ASP B 373 1.46 13.25 52.96
C ASP B 373 -0.05 13.03 52.74
N LEU B 374 -0.58 12.19 53.64
CA LEU B 374 -1.97 11.73 53.59
C LEU B 374 -2.92 12.43 54.61
N HIS B 375 -2.87 13.76 54.64
CA HIS B 375 -3.71 14.61 55.50
C HIS B 375 -4.74 15.41 54.64
N LEU B 376 -5.86 15.82 55.23
CA LEU B 376 -6.93 16.49 54.49
C LEU B 376 -6.62 17.96 54.08
N ASN B 377 -5.68 18.61 54.78
CA ASN B 377 -5.46 20.08 54.65
C ASN B 377 -4.64 20.61 53.42
N GLN B 378 -4.92 20.07 52.23
CA GLN B 378 -4.12 20.35 50.99
C GLN B 378 -5.00 20.31 49.73
N ARG B 379 -4.71 21.16 48.73
CA ARG B 379 -5.49 21.13 47.48
C ARG B 379 -5.60 19.64 47.07
N PRO B 380 -6.80 19.18 46.62
CA PRO B 380 -7.05 17.77 46.20
C PRO B 380 -6.07 17.20 45.15
N GLU B 381 -5.61 18.06 44.21
CA GLU B 381 -4.66 17.65 43.21
C GLU B 381 -3.46 17.10 43.96
N VAL B 382 -3.22 17.61 45.14
CA VAL B 382 -2.02 17.22 45.83
C VAL B 382 -2.27 15.97 46.63
N LEU B 383 -3.49 15.80 47.13
CA LEU B 383 -3.83 14.56 47.83
C LEU B 383 -3.85 13.36 46.81
N ALA B 384 -4.54 13.56 45.68
CA ALA B 384 -4.40 12.70 44.49
C ALA B 384 -2.95 12.27 44.28
N ALA B 385 -2.05 13.25 44.18
CA ALA B 385 -0.65 12.95 43.89
C ALA B 385 -0.03 12.01 44.93
N ASN B 386 -0.47 12.17 46.18
CA ASN B 386 0.05 11.35 47.26
C ASN B 386 -0.57 9.96 47.31
N LEU B 387 -1.88 9.91 47.09
CA LEU B 387 -2.59 8.64 46.91
C LEU B 387 -2.00 7.81 45.71
N ARG B 388 -1.71 8.48 44.58
CA ARG B 388 -1.06 7.84 43.44
C ARG B 388 0.19 6.99 43.92
N ARG B 389 1.09 7.62 44.68
CA ARG B 389 2.26 6.93 45.25
C ARG B 389 1.95 5.81 46.27
N ALA B 390 1.04 6.07 47.23
CA ALA B 390 0.51 5.01 48.12
C ALA B 390 0.20 3.71 47.34
N PHE B 391 -0.73 3.81 46.36
CA PHE B 391 -1.09 2.64 45.56
C PHE B 391 0.08 2.07 44.78
N SER B 392 0.93 2.98 44.33
CA SER B 392 2.09 2.60 43.61
C SER B 392 2.95 1.67 44.42
N GLY B 393 3.08 2.00 45.71
CA GLY B 393 3.87 1.27 46.66
C GLY B 393 3.31 -0.09 46.97
N VAL B 394 1.99 -0.18 47.03
CA VAL B 394 1.27 -1.43 47.26
C VAL B 394 1.60 -2.34 46.09
N VAL B 395 1.36 -1.85 44.87
CA VAL B 395 1.77 -2.60 43.64
C VAL B 395 3.20 -3.11 43.74
N ALA B 396 4.15 -2.21 44.02
CA ALA B 396 5.61 -2.56 43.88
C ALA B 396 5.98 -3.73 44.79
N GLY B 397 5.48 -3.59 46.04
CA GLY B 397 5.63 -4.53 47.12
C GLY B 397 5.03 -5.85 46.71
N ASN B 398 3.92 -5.77 45.98
CA ASN B 398 3.28 -6.99 45.49
C ASN B 398 3.95 -7.68 44.32
N VAL B 399 4.46 -6.96 43.31
CA VAL B 399 4.84 -7.65 42.04
C VAL B 399 6.27 -7.39 41.52
N LYS B 400 6.86 -6.26 41.89
CA LYS B 400 8.25 -5.94 41.54
C LYS B 400 9.34 -6.60 42.42
N ALA B 401 10.45 -7.01 41.78
CA ALA B 401 11.65 -7.66 42.43
C ALA B 401 12.19 -6.91 43.67
N GLU B 402 12.82 -5.77 43.43
CA GLU B 402 13.30 -4.83 44.48
C GLU B 402 12.25 -4.57 45.59
N GLY B 403 11.00 -4.33 45.20
CA GLY B 403 9.90 -4.12 46.15
C GLY B 403 9.37 -5.36 46.86
N ILE B 404 9.42 -6.52 46.22
CA ILE B 404 9.00 -7.75 46.90
C ILE B 404 10.02 -8.10 48.01
N ARG B 405 11.24 -7.55 47.90
CA ARG B 405 12.33 -7.79 48.88
C ARG B 405 12.18 -6.99 50.17
N GLU B 406 11.66 -5.76 50.08
CA GLU B 406 11.36 -4.98 51.28
C GLU B 406 10.31 -5.69 52.15
N ILE B 407 9.34 -6.36 51.50
CA ILE B 407 8.35 -7.18 52.18
C ILE B 407 9.11 -8.33 52.86
N GLU B 408 9.84 -9.11 52.06
CA GLU B 408 10.81 -10.11 52.54
C GLU B 408 11.75 -9.60 53.69
N ARG B 409 12.86 -8.96 53.31
CA ARG B 409 13.88 -8.40 54.25
C ARG B 409 13.56 -6.97 54.76
N HIS B 410 12.39 -6.84 55.43
CA HIS B 410 12.02 -5.73 56.36
C HIS B 410 10.66 -5.90 57.05
N GLY B 411 9.70 -6.58 56.41
CA GLY B 411 8.29 -6.56 56.84
C GLY B 411 7.46 -5.67 55.92
N PRO B 412 6.12 -5.81 55.94
CA PRO B 412 5.19 -5.11 55.00
C PRO B 412 5.18 -3.57 55.13
N PHE B 413 4.77 -2.89 54.05
CA PHE B 413 4.97 -1.42 53.92
C PHE B 413 4.11 -0.61 54.89
N GLU B 414 4.70 0.34 55.62
CA GLU B 414 3.95 1.04 56.68
C GLU B 414 3.47 2.45 56.32
N MET B 415 2.16 2.66 56.46
CA MET B 415 1.49 3.90 56.06
C MET B 415 0.80 4.60 57.24
N HIS B 416 0.88 5.94 57.28
CA HIS B 416 0.38 6.74 58.42
C HIS B 416 -0.28 8.04 57.91
N GLY B 417 -1.03 8.75 58.74
CA GLY B 417 -1.84 9.83 58.19
C GLY B 417 -3.20 10.08 58.79
N ASP B 418 -3.91 11.07 58.25
CA ASP B 418 -5.24 11.41 58.68
C ASP B 418 -6.14 10.17 58.87
N PRO B 419 -6.75 10.02 60.05
CA PRO B 419 -7.47 8.81 60.50
C PRO B 419 -8.65 8.34 59.64
N VAL B 420 -9.63 9.23 59.37
CA VAL B 420 -10.73 8.95 58.40
C VAL B 420 -10.24 8.49 56.98
N LEU B 421 -9.28 9.20 56.39
CA LEU B 421 -8.64 8.79 55.11
C LEU B 421 -7.96 7.40 55.14
N MET B 422 -7.22 7.09 56.20
CA MET B 422 -6.64 5.72 56.37
C MET B 422 -7.68 4.62 56.54
N LYS B 423 -8.88 4.97 56.97
CA LYS B 423 -9.88 3.96 57.22
C LYS B 423 -10.32 3.49 55.84
N LYS B 424 -10.80 4.44 55.03
CA LYS B 424 -11.32 4.14 53.72
C LYS B 424 -10.20 3.52 52.84
N MET B 425 -8.97 3.99 52.94
CA MET B 425 -7.91 3.43 52.14
C MET B 425 -7.57 1.98 52.49
N ASP B 426 -7.53 1.67 53.78
CA ASP B 426 -7.46 0.24 54.21
C ASP B 426 -8.61 -0.70 53.76
N GLN B 427 -9.86 -0.21 53.86
CA GLN B 427 -11.06 -0.92 53.36
C GLN B 427 -10.89 -1.22 51.87
N LEU B 428 -10.63 -0.15 51.08
CA LEU B 428 -10.39 -0.31 49.62
C LEU B 428 -9.36 -1.40 49.35
N LEU B 429 -8.22 -1.31 50.02
CA LEU B 429 -7.24 -2.34 49.79
C LEU B 429 -7.74 -3.70 50.27
N ASN B 430 -8.53 -3.73 51.34
CA ASN B 430 -9.00 -5.05 51.80
C ASN B 430 -10.01 -5.67 50.81
N ASP B 431 -10.94 -4.84 50.29
CA ASP B 431 -11.74 -5.16 49.08
C ASP B 431 -10.87 -5.71 47.97
N PHE B 432 -9.90 -4.95 47.50
CA PHE B 432 -9.02 -5.49 46.45
C PHE B 432 -8.57 -6.92 46.79
N VAL B 433 -8.00 -7.13 47.99
CA VAL B 433 -7.47 -8.46 48.41
C VAL B 433 -8.57 -9.48 48.44
N ALA B 434 -9.69 -9.08 49.03
CA ALA B 434 -10.86 -9.93 49.10
C ALA B 434 -11.33 -10.36 47.75
N GLN B 435 -11.51 -9.42 46.81
CA GLN B 435 -12.10 -9.74 45.50
C GLN B 435 -11.05 -10.38 44.55
N ASN B 436 -9.95 -10.86 45.13
CA ASN B 436 -8.75 -11.37 44.44
C ASN B 436 -8.21 -10.52 43.26
N ARG B 437 -8.13 -9.21 43.48
CA ARG B 437 -7.52 -8.27 42.51
C ARG B 437 -6.05 -8.16 42.83
N MET B 438 -5.65 -8.57 44.04
CA MET B 438 -4.20 -8.60 44.37
C MET B 438 -3.83 -9.70 45.35
N SER C 2 1.56 41.37 2.94
CA SER C 2 2.23 40.35 2.09
C SER C 2 1.29 39.15 1.77
N LEU C 3 1.67 38.41 0.71
CA LEU C 3 1.09 37.10 0.35
C LEU C 3 1.56 36.02 1.33
N ILE C 4 0.66 35.57 2.18
CA ILE C 4 1.01 34.42 3.00
C ILE C 4 0.55 33.12 2.33
N ILE C 5 1.49 32.28 1.91
CA ILE C 5 1.14 30.90 1.53
C ILE C 5 1.41 29.98 2.68
N GLN C 6 0.40 29.27 3.16
CA GLN C 6 0.67 28.28 4.20
C GLN C 6 0.93 26.84 3.60
N VAL C 7 1.94 26.13 4.06
CA VAL C 7 2.26 24.81 3.47
C VAL C 7 2.01 23.73 4.55
N SER C 8 1.14 22.78 4.28
CA SER C 8 0.84 21.75 5.29
C SER C 8 1.75 20.60 5.11
N PRO C 9 1.92 19.80 6.18
CA PRO C 9 2.93 18.74 6.15
C PRO C 9 2.67 17.69 5.07
N ALA C 10 3.74 17.44 4.32
CA ALA C 10 3.69 16.77 3.04
C ALA C 10 3.87 15.28 3.22
N GLY C 11 5.08 14.84 2.85
CA GLY C 11 5.49 13.47 2.98
C GLY C 11 6.09 13.30 4.36
N SER C 12 5.25 12.89 5.31
CA SER C 12 5.67 12.38 6.59
C SER C 12 6.89 13.09 7.25
N MET C 13 6.63 14.25 7.84
CA MET C 13 7.54 14.81 8.81
C MET C 13 7.10 14.34 10.14
N ASP C 14 8.02 13.97 11.03
CA ASP C 14 7.60 13.68 12.38
C ASP C 14 7.18 14.96 13.09
N LEU C 15 6.44 14.79 14.20
CA LEU C 15 6.13 15.86 15.15
C LEU C 15 7.40 16.44 15.70
N LEU C 16 7.45 17.75 16.07
CA LEU C 16 8.67 18.32 16.72
C LEU C 16 8.30 18.89 18.09
N SER C 17 9.24 19.05 19.01
CA SER C 17 8.89 19.68 20.29
C SER C 17 9.13 21.23 20.11
N GLN C 18 8.71 22.02 21.09
CA GLN C 18 9.02 23.44 21.00
C GLN C 18 10.54 23.57 21.02
N LEU C 19 11.18 22.86 21.95
CA LEU C 19 12.61 22.99 22.12
C LEU C 19 13.31 22.92 20.75
N GLU C 20 12.94 21.93 19.93
CA GLU C 20 13.59 21.75 18.64
C GLU C 20 13.38 22.93 17.62
N VAL C 21 12.32 23.69 17.77
CA VAL C 21 11.96 24.59 16.71
C VAL C 21 12.30 26.00 17.24
N GLU C 22 12.52 26.13 18.52
CA GLU C 22 12.66 27.45 19.16
C GLU C 22 13.84 28.27 18.53
N ARG C 23 14.96 27.63 18.19
CA ARG C 23 16.01 28.36 17.48
C ARG C 23 15.68 28.75 16.05
N LEU C 24 14.58 28.27 15.48
CA LEU C 24 14.20 28.75 14.14
C LEU C 24 13.21 29.94 14.13
N LYS C 25 12.69 30.33 15.29
CA LYS C 25 11.84 31.56 15.40
C LYS C 25 12.61 32.72 14.69
N LYS C 26 11.95 33.55 13.89
CA LYS C 26 12.59 34.80 13.36
C LYS C 26 12.77 35.82 14.53
N THR C 27 13.93 35.78 15.19
CA THR C 27 14.23 36.63 16.36
C THR C 27 15.72 36.94 16.35
N ALA C 28 16.34 37.13 17.54
CA ALA C 28 17.77 37.58 17.73
C ALA C 28 18.62 37.51 16.43
N SER C 29 18.70 36.27 15.93
CA SER C 29 19.30 35.86 14.67
C SER C 29 19.27 34.34 14.83
N SER C 30 19.81 33.90 15.98
CA SER C 30 20.24 32.53 16.29
C SER C 30 21.34 32.15 15.30
N ASP C 31 21.66 33.12 14.42
CA ASP C 31 21.98 32.92 12.98
C ASP C 31 21.22 31.73 12.32
N LEU C 32 20.63 30.86 13.16
CA LEU C 32 19.93 29.66 12.69
C LEU C 32 18.71 30.04 11.85
N TYR C 33 18.00 31.08 12.25
CA TYR C 33 16.90 31.47 11.42
C TYR C 33 17.38 31.84 10.04
N GLN C 34 18.35 32.77 9.92
CA GLN C 34 18.86 33.14 8.57
C GLN C 34 19.33 31.90 7.79
N LEU C 35 19.92 30.94 8.44
CA LEU C 35 20.37 29.78 7.64
C LEU C 35 19.15 28.91 7.16
N TYR C 36 18.18 28.79 8.05
CA TYR C 36 16.97 28.06 7.73
C TYR C 36 16.18 28.75 6.60
N ARG C 37 16.11 30.07 6.71
CA ARG C 37 15.50 30.86 5.70
C ARG C 37 16.14 30.76 4.34
N ASN C 38 17.48 30.84 4.29
CA ASN C 38 18.16 30.89 3.02
C ASN C 38 18.07 29.55 2.33
N CYS C 39 18.19 28.45 3.08
CA CYS C 39 17.95 27.11 2.49
C CYS C 39 16.54 26.96 1.94
N SER C 40 15.52 27.45 2.69
CA SER C 40 14.16 27.27 2.27
C SER C 40 13.85 28.09 0.99
N LEU C 41 14.39 29.31 0.94
CA LEU C 41 14.25 30.20 -0.24
C LEU C 41 14.92 29.50 -1.47
N ALA C 42 16.12 28.94 -1.27
CA ALA C 42 16.83 28.26 -2.32
C ALA C 42 16.00 27.07 -2.87
N VAL C 43 15.27 26.39 -1.99
CA VAL C 43 14.40 25.33 -2.40
C VAL C 43 13.16 25.91 -3.13
N LEU C 44 12.70 27.10 -2.77
CA LEU C 44 11.52 27.69 -3.47
C LEU C 44 11.97 28.27 -4.82
N ASN C 45 13.25 28.13 -5.08
CA ASN C 45 13.89 28.84 -6.14
C ASN C 45 14.59 27.99 -7.20
N SER C 46 14.03 26.84 -7.53
CA SER C 46 14.64 25.95 -8.49
C SER C 46 14.55 26.56 -9.89
N ASP C 58 19.29 39.16 -2.25
CA ASP C 58 18.73 40.46 -2.62
C ASP C 58 17.52 40.27 -3.52
N LYS C 59 17.54 39.23 -4.35
CA LYS C 59 16.40 38.96 -5.24
C LYS C 59 15.03 38.86 -4.50
N TYR C 60 15.04 38.38 -3.25
CA TYR C 60 13.82 38.03 -2.54
C TYR C 60 13.86 38.43 -1.05
N LYS C 61 14.40 39.60 -0.73
CA LYS C 61 14.66 39.96 0.70
C LYS C 61 13.38 40.12 1.59
N ASN C 62 12.23 40.29 0.97
CA ASN C 62 10.97 40.31 1.71
C ASN C 62 10.31 38.89 1.94
N PHE C 63 10.94 37.85 1.40
CA PHE C 63 10.58 36.47 1.76
C PHE C 63 10.91 36.21 3.24
N ASP C 64 9.95 35.56 3.90
CA ASP C 64 10.12 35.03 5.24
C ASP C 64 9.40 33.69 5.44
N ILE C 65 9.78 32.93 6.46
CA ILE C 65 9.16 31.64 6.73
C ILE C 65 9.01 31.50 8.23
N THR C 66 7.83 31.05 8.65
CA THR C 66 7.53 30.76 10.05
C THR C 66 7.09 29.28 10.21
N VAL C 67 7.65 28.65 11.21
CA VAL C 67 7.33 27.28 11.57
C VAL C 67 6.21 27.28 12.62
N MET C 68 5.08 26.67 12.29
CA MET C 68 4.02 26.49 13.23
C MET C 68 3.73 24.99 13.59
N ARG C 69 4.02 24.60 14.81
CA ARG C 69 3.61 23.33 15.43
C ARG C 69 2.09 23.23 15.65
N ARG C 70 1.44 22.45 14.77
CA ARG C 70 -0.01 22.35 14.75
C ARG C 70 -0.47 20.88 14.88
N GLU C 71 -1.76 20.61 14.56
CA GLU C 71 -2.44 19.42 14.95
C GLU C 71 -1.91 18.14 14.28
N ARG C 72 -1.51 18.25 13.01
CA ARG C 72 -0.86 17.17 12.24
C ARG C 72 0.61 17.42 12.08
N GLY C 73 1.18 18.21 12.99
CA GLY C 73 2.62 18.51 12.87
C GLY C 73 2.85 19.95 12.39
N ILE C 74 4.02 20.22 11.83
CA ILE C 74 4.39 21.55 11.47
C ILE C 74 3.62 22.01 10.22
N LYS C 75 3.11 23.23 10.25
CA LYS C 75 2.68 23.86 9.02
C LYS C 75 3.68 25.00 8.81
N LEU C 76 4.04 25.32 7.54
CA LEU C 76 4.94 26.44 7.26
C LEU C 76 4.16 27.61 6.73
N GLU C 77 4.39 28.79 7.31
CA GLU C 77 3.81 30.00 6.71
C GLU C 77 4.89 30.69 5.79
N LEU C 78 4.62 30.77 4.50
CA LEU C 78 5.61 31.41 3.62
C LEU C 78 5.10 32.82 3.34
N ALA C 79 5.95 33.81 3.57
CA ALA C 79 5.61 35.24 3.27
C ALA C 79 6.37 35.59 2.00
N ASN C 80 5.67 36.02 0.96
CA ASN C 80 6.35 36.38 -0.32
C ASN C 80 7.33 35.27 -0.84
N PRO C 81 6.80 34.08 -1.11
CA PRO C 81 7.62 33.02 -1.72
C PRO C 81 7.88 33.24 -3.23
N PRO C 82 9.02 32.74 -3.77
CA PRO C 82 9.17 32.79 -5.22
C PRO C 82 7.99 32.20 -5.98
N GLU C 83 7.48 33.01 -6.90
CA GLU C 83 6.28 32.70 -7.69
C GLU C 83 6.42 31.50 -8.64
N HIS C 84 7.63 31.21 -9.11
CA HIS C 84 7.86 29.97 -9.94
C HIS C 84 7.99 28.60 -9.18
N ALA C 85 7.72 28.60 -7.87
CA ALA C 85 7.59 27.34 -7.12
C ALA C 85 6.18 26.83 -7.31
N PHE C 86 5.43 27.62 -8.07
CA PHE C 86 4.00 27.45 -8.12
C PHE C 86 3.53 26.87 -9.42
N VAL C 87 2.48 26.07 -9.31
CA VAL C 87 1.82 25.60 -10.49
C VAL C 87 0.38 25.88 -10.32
N ASP C 88 -0.08 26.81 -11.14
CA ASP C 88 -1.46 27.27 -11.12
C ASP C 88 -1.86 27.69 -9.74
N GLY C 89 -1.04 28.51 -9.11
CA GLY C 89 -1.32 28.87 -7.72
C GLY C 89 -1.14 27.78 -6.64
N GLN C 90 -0.38 26.73 -6.95
CA GLN C 90 -0.02 25.71 -5.94
C GLN C 90 1.49 25.49 -5.92
N ILE C 91 1.95 25.05 -4.77
CA ILE C 91 3.36 24.73 -4.61
C ILE C 91 3.49 23.29 -5.10
N ILE C 92 4.45 23.06 -5.98
CA ILE C 92 4.69 21.77 -6.44
C ILE C 92 4.95 20.90 -5.22
N LYS C 93 4.37 19.70 -5.22
CA LYS C 93 4.53 18.80 -4.07
C LYS C 93 5.97 18.50 -3.80
N GLY C 94 6.78 18.30 -4.86
CA GLY C 94 8.20 18.03 -4.65
C GLY C 94 8.82 19.15 -3.84
N ILE C 95 8.43 20.38 -4.13
CA ILE C 95 9.06 21.50 -3.44
C ILE C 95 8.54 21.53 -2.02
N GLN C 96 7.25 21.20 -1.81
CA GLN C 96 6.77 21.06 -0.41
C GLN C 96 7.62 20.18 0.43
N GLU C 97 7.87 18.99 -0.09
CA GLU C 97 8.58 17.99 0.71
C GLU C 97 9.95 18.57 0.93
N HIS C 98 10.54 19.23 -0.07
CA HIS C 98 11.87 19.69 0.20
C HIS C 98 11.95 20.64 1.38
N LEU C 99 10.94 21.50 1.56
CA LEU C 99 10.96 22.48 2.59
C LEU C 99 10.98 21.74 3.90
N PHE C 100 10.32 20.56 3.96
CA PHE C 100 10.26 19.79 5.20
C PHE C 100 11.50 19.03 5.39
N SER C 101 12.11 18.58 4.28
CA SER C 101 13.41 17.94 4.44
C SER C 101 14.43 18.95 5.04
N VAL C 102 14.37 20.24 4.64
CA VAL C 102 15.33 21.23 5.13
C VAL C 102 15.07 21.39 6.60
N LEU C 103 13.81 21.49 6.98
CA LEU C 103 13.52 21.68 8.43
C LEU C 103 14.09 20.48 9.23
N ARG C 104 13.71 19.28 8.81
CA ARG C 104 14.18 18.05 9.48
C ARG C 104 15.66 18.09 9.68
N ASP C 105 16.41 18.41 8.62
CA ASP C 105 17.87 18.26 8.76
C ASP C 105 18.57 19.39 9.54
N ILE C 106 18.09 20.63 9.39
CA ILE C 106 18.70 21.76 10.15
C ILE C 106 18.48 21.39 11.65
N VAL C 107 17.31 20.84 11.98
CA VAL C 107 16.95 20.50 13.35
C VAL C 107 17.80 19.36 13.90
N TYR C 108 17.92 18.27 13.14
CA TYR C 108 18.65 17.15 13.69
C TYR C 108 20.06 17.62 13.93
N VAL C 109 20.63 18.31 12.96
CA VAL C 109 22.07 18.74 12.94
C VAL C 109 22.31 19.64 14.14
N ASN C 110 21.31 20.48 14.39
CA ASN C 110 21.31 21.28 15.58
C ASN C 110 21.19 20.56 16.92
N MET C 111 20.37 19.51 17.06
CA MET C 111 20.38 18.78 18.33
C MET C 111 21.64 17.89 18.47
N HIS C 112 22.65 18.01 17.60
CA HIS C 112 23.73 16.97 17.54
C HIS C 112 25.07 17.51 17.20
N LEU C 113 25.35 18.75 17.60
CA LEU C 113 26.72 19.30 17.62
C LEU C 113 27.58 18.56 18.70
N ALA C 114 26.98 18.15 19.82
CA ALA C 114 27.68 17.41 20.90
C ALA C 114 27.87 15.89 20.65
N ASN C 123 37.04 11.54 17.27
CA ASN C 123 36.63 12.61 16.39
C ASN C 123 36.27 12.19 14.95
N ALA C 124 37.11 11.34 14.32
CA ALA C 124 36.81 10.74 13.01
C ALA C 124 35.50 10.00 13.11
N THR C 125 35.48 9.15 14.12
CA THR C 125 34.34 8.39 14.62
C THR C 125 33.17 9.33 14.88
N HIS C 126 33.39 10.48 15.50
CA HIS C 126 32.30 11.41 15.70
C HIS C 126 31.75 11.79 14.36
N ILE C 127 32.63 12.13 13.43
CA ILE C 127 32.18 12.65 12.16
C ILE C 127 31.43 11.55 11.39
N THR C 128 32.01 10.34 11.34
CA THR C 128 31.33 9.33 10.56
C THR C 128 30.03 8.89 11.18
N ASN C 129 30.03 8.79 12.51
CA ASN C 129 28.83 8.53 13.23
C ASN C 129 27.77 9.60 13.08
N LEU C 130 28.21 10.86 12.98
CA LEU C 130 27.28 11.98 12.70
C LEU C 130 26.70 11.82 11.32
N VAL C 131 27.55 11.55 10.32
CA VAL C 131 27.06 11.45 8.94
C VAL C 131 25.97 10.35 8.88
N PHE C 132 26.26 9.19 9.49
CA PHE C 132 25.29 8.09 9.63
C PHE C 132 23.97 8.56 10.27
N GLY C 133 24.08 9.25 11.42
CA GLY C 133 22.87 9.64 12.16
C GLY C 133 22.03 10.59 11.32
N ILE C 134 22.69 11.49 10.61
CA ILE C 134 21.92 12.42 9.74
C ILE C 134 21.17 11.67 8.63
N LEU C 135 21.86 10.75 7.99
CA LEU C 135 21.25 10.05 6.85
C LEU C 135 20.19 9.11 7.37
N ARG C 136 20.41 8.49 8.52
CA ARG C 136 19.39 7.56 9.09
C ARG C 136 18.17 8.36 9.48
N ASN C 137 18.42 9.50 10.12
CA ASN C 137 17.32 10.42 10.48
C ASN C 137 16.49 10.93 9.23
N ALA C 138 17.15 11.08 8.07
CA ALA C 138 16.45 11.53 6.88
C ALA C 138 15.77 10.36 6.20
N GLY C 139 15.86 9.16 6.75
CA GLY C 139 15.29 8.03 6.08
C GLY C 139 16.08 7.63 4.86
N ALA C 140 17.35 8.08 4.78
CA ALA C 140 18.16 7.80 3.62
C ALA C 140 18.77 6.42 3.65
N LEU C 141 18.80 5.76 4.79
CA LEU C 141 19.46 4.49 4.90
C LEU C 141 18.38 3.47 5.11
N ILE C 142 18.11 2.58 4.13
CA ILE C 142 16.92 1.74 4.19
C ILE C 142 17.28 0.33 4.65
N PRO C 143 16.68 -0.12 5.75
CA PRO C 143 17.32 -1.27 6.37
C PRO C 143 17.45 -2.45 5.44
N GLY C 144 16.33 -3.01 5.00
CA GLY C 144 16.50 -4.29 4.28
C GLY C 144 16.99 -4.18 2.83
N ALA C 145 17.24 -2.96 2.33
CA ALA C 145 17.47 -2.75 0.91
C ALA C 145 18.76 -3.40 0.45
N THR C 146 18.75 -3.89 -0.75
CA THR C 146 19.91 -4.55 -1.32
C THR C 146 20.75 -3.52 -2.19
N PRO C 147 22.08 -3.70 -2.32
CA PRO C 147 22.74 -2.67 -3.16
C PRO C 147 22.18 -2.39 -4.58
N ASN C 148 21.98 -1.10 -4.88
CA ASN C 148 21.48 -0.61 -6.12
C ASN C 148 21.63 0.93 -6.27
N LEU C 149 22.50 1.62 -5.52
CA LEU C 149 22.49 3.08 -5.51
C LEU C 149 23.70 3.59 -6.28
N VAL C 150 23.48 4.37 -7.32
CA VAL C 150 24.61 4.89 -8.11
C VAL C 150 24.80 6.37 -7.83
N VAL C 151 25.98 6.72 -7.31
CA VAL C 151 26.32 8.16 -7.27
C VAL C 151 26.77 8.67 -8.65
N CYS C 152 26.17 9.77 -9.04
CA CYS C 152 26.41 10.41 -10.27
C CYS C 152 26.95 11.80 -9.97
N TRP C 153 28.10 12.13 -10.54
CA TRP C 153 28.81 13.40 -10.35
C TRP C 153 29.06 13.99 -11.72
N GLY C 154 29.13 15.32 -11.81
CA GLY C 154 29.29 15.93 -13.11
C GLY C 154 29.02 17.42 -13.01
N GLY C 155 29.36 18.16 -14.05
CA GLY C 155 29.25 19.64 -13.92
C GLY C 155 27.92 20.34 -13.93
N HIS C 156 27.82 21.43 -13.17
CA HIS C 156 26.58 22.18 -13.17
C HIS C 156 26.43 22.99 -14.48
N SER C 157 27.50 23.13 -15.24
CA SER C 157 27.42 24.01 -16.40
C SER C 157 28.02 23.35 -17.63
N ILE C 158 27.13 22.73 -18.42
CA ILE C 158 27.47 21.74 -19.42
C ILE C 158 26.56 22.11 -20.64
N ASN C 159 26.97 21.75 -21.84
CA ASN C 159 26.29 22.17 -23.06
C ASN C 159 25.24 21.08 -23.33
N GLU C 160 24.51 21.23 -24.43
CA GLU C 160 23.38 20.38 -24.73
C GLU C 160 23.72 18.91 -25.01
N VAL C 161 24.81 18.63 -25.73
CA VAL C 161 25.20 17.26 -26.03
C VAL C 161 25.58 16.58 -24.73
N GLU C 162 26.29 17.31 -23.86
CA GLU C 162 26.66 16.76 -22.56
C GLU C 162 25.43 16.46 -21.70
N TYR C 163 24.47 17.38 -21.68
CA TYR C 163 23.24 17.24 -20.92
C TYR C 163 22.36 16.06 -21.37
N GLN C 164 21.98 16.04 -22.65
CA GLN C 164 21.42 14.88 -23.30
C GLN C 164 22.15 13.54 -23.04
N TYR C 165 23.46 13.52 -23.07
CA TYR C 165 24.09 12.31 -22.68
C TYR C 165 23.76 11.87 -21.17
N THR C 166 23.64 12.83 -20.24
CA THR C 166 23.48 12.47 -18.78
C THR C 166 22.04 11.97 -18.72
N ARG C 167 21.15 12.52 -19.55
CA ARG C 167 19.76 12.10 -19.56
C ARG C 167 19.65 10.67 -19.99
N GLU C 168 20.41 10.30 -21.03
CA GLU C 168 20.42 8.94 -21.51
C GLU C 168 21.00 7.96 -20.52
N VAL C 169 22.07 8.35 -19.82
CA VAL C 169 22.64 7.45 -18.85
C VAL C 169 21.58 7.19 -17.78
N GLY C 170 20.88 8.24 -17.33
CA GLY C 170 19.91 8.04 -16.29
C GLY C 170 18.75 7.18 -16.75
N HIS C 171 18.42 7.25 -18.03
CA HIS C 171 17.39 6.42 -18.60
C HIS C 171 17.83 4.93 -18.45
N GLU C 172 19.09 4.68 -18.76
CA GLU C 172 19.67 3.32 -18.76
C GLU C 172 19.85 2.81 -17.31
N LEU C 173 20.22 3.70 -16.37
CA LEU C 173 20.05 3.35 -14.94
C LEU C 173 18.60 2.99 -14.57
N GLY C 174 17.61 3.77 -14.98
CA GLY C 174 16.24 3.46 -14.67
C GLY C 174 15.84 2.05 -15.14
N LEU C 175 16.21 1.71 -16.39
CA LEU C 175 15.81 0.46 -17.03
C LEU C 175 16.30 -0.69 -16.23
N ARG C 176 17.43 -0.52 -15.57
CA ARG C 176 18.01 -1.53 -14.71
C ARG C 176 17.64 -1.35 -13.27
N GLU C 177 16.61 -0.60 -12.98
CA GLU C 177 16.21 -0.50 -11.56
C GLU C 177 17.30 -0.11 -10.67
N LEU C 178 18.16 0.81 -11.10
CA LEU C 178 19.14 1.40 -10.16
C LEU C 178 18.63 2.72 -9.64
N ASN C 179 19.11 3.12 -8.44
CA ASN C 179 18.67 4.42 -7.85
C ASN C 179 19.80 5.44 -8.04
N ILE C 180 19.49 6.72 -7.87
CA ILE C 180 20.45 7.75 -8.11
C ILE C 180 20.62 8.53 -6.84
N CYS C 181 21.89 8.72 -6.54
CA CYS C 181 22.30 9.62 -5.50
C CYS C 181 23.20 10.72 -6.17
N THR C 182 22.86 12.01 -5.99
CA THR C 182 23.63 12.98 -6.70
C THR C 182 23.65 14.29 -5.90
N GLY C 183 24.33 15.33 -6.39
CA GLY C 183 24.26 16.66 -5.74
C GLY C 183 22.95 17.28 -6.20
N CYS C 184 22.84 18.60 -6.12
CA CYS C 184 21.62 19.31 -6.62
C CYS C 184 21.97 20.38 -7.65
N GLY C 185 20.99 21.12 -8.18
CA GLY C 185 21.25 22.14 -9.16
C GLY C 185 21.20 21.68 -10.58
N PRO C 186 21.72 22.48 -11.52
CA PRO C 186 21.50 22.20 -12.93
C PRO C 186 22.52 21.25 -13.56
N GLY C 187 22.35 21.03 -14.87
CA GLY C 187 23.43 20.42 -15.62
C GLY C 187 23.41 18.92 -15.28
N ALA C 188 24.57 18.37 -14.97
CA ALA C 188 24.68 16.93 -14.82
C ALA C 188 23.98 16.47 -13.56
N MET C 189 23.58 17.42 -12.68
CA MET C 189 22.88 17.04 -11.47
C MET C 189 21.41 16.86 -11.71
N GLU C 190 20.97 17.28 -12.89
CA GLU C 190 19.59 17.19 -13.23
C GLU C 190 19.24 16.27 -14.41
N GLY C 191 20.18 16.02 -15.36
CA GLY C 191 19.87 15.18 -16.53
C GLY C 191 19.46 13.77 -16.11
N PRO C 192 20.29 13.08 -15.30
CA PRO C 192 20.06 11.69 -15.01
C PRO C 192 18.66 11.43 -14.45
N MET C 193 18.18 12.30 -13.56
CA MET C 193 16.93 11.98 -12.87
C MET C 193 15.81 12.05 -13.88
N LYS C 194 15.93 12.96 -14.86
CA LYS C 194 14.86 13.02 -15.86
C LYS C 194 14.82 11.85 -16.79
N GLY C 195 16.00 11.34 -17.11
CA GLY C 195 16.11 10.17 -17.89
C GLY C 195 15.53 9.05 -17.05
N ALA C 196 16.02 8.93 -15.81
CA ALA C 196 15.57 7.84 -14.91
C ALA C 196 14.04 7.81 -14.76
N ALA C 197 13.38 8.95 -14.65
CA ALA C 197 11.96 9.01 -14.46
C ALA C 197 11.25 8.17 -15.55
N VAL C 198 11.81 8.22 -16.76
CA VAL C 198 11.20 7.52 -17.90
C VAL C 198 11.62 6.03 -17.88
N GLY C 199 12.89 5.78 -17.65
CA GLY C 199 13.41 4.42 -17.64
C GLY C 199 12.71 3.67 -16.51
N HIS C 200 12.60 4.32 -15.36
CA HIS C 200 11.89 3.73 -14.18
C HIS C 200 10.40 3.39 -14.45
N ALA C 201 9.73 4.31 -15.11
CA ALA C 201 8.30 4.16 -15.37
C ALA C 201 8.17 3.06 -16.44
N LYS C 202 9.13 2.90 -17.35
CA LYS C 202 9.05 1.68 -18.23
C LYS C 202 9.17 0.31 -17.48
N GLN C 203 10.01 0.25 -16.44
CA GLN C 203 10.24 -0.91 -15.63
C GLN C 203 9.27 -1.00 -14.50
N ARG C 204 8.39 -0.04 -14.39
CA ARG C 204 7.38 0.04 -13.27
C ARG C 204 8.11 0.08 -11.91
N TYR C 205 9.29 0.72 -11.87
CA TYR C 205 10.00 0.70 -10.64
C TYR C 205 9.50 1.87 -9.80
N SER C 206 8.33 1.76 -9.15
CA SER C 206 7.70 2.91 -8.42
C SER C 206 8.40 3.26 -7.16
N GLU C 207 9.23 2.31 -6.70
CA GLU C 207 10.09 2.51 -5.55
C GLU C 207 11.39 3.29 -5.80
N TYR C 208 11.56 3.86 -7.01
CA TYR C 208 12.73 4.67 -7.32
C TYR C 208 13.08 5.70 -6.19
N ARG C 209 14.38 5.94 -6.04
CA ARG C 209 14.88 6.92 -5.12
C ARG C 209 15.84 7.86 -5.85
N TYR C 210 15.58 9.15 -5.73
CA TYR C 210 16.41 10.13 -6.37
C TYR C 210 16.90 10.98 -5.26
N LEU C 211 18.14 10.76 -4.89
CA LEU C 211 18.62 11.40 -3.64
C LEU C 211 19.43 12.60 -4.05
N GLY C 212 19.10 13.81 -3.59
CA GLY C 212 19.99 14.94 -3.82
C GLY C 212 20.55 15.42 -2.51
N LEU C 213 21.88 15.44 -2.39
CA LEU C 213 22.54 15.92 -1.22
C LEU C 213 23.10 17.33 -1.47
N THR C 214 22.92 18.22 -0.51
CA THR C 214 23.37 19.58 -0.61
C THR C 214 23.88 20.05 0.79
N GLU C 215 24.40 21.27 0.87
CA GLU C 215 24.76 21.84 2.18
C GLU C 215 24.52 23.34 2.19
N PRO C 216 24.36 23.99 3.37
CA PRO C 216 23.73 25.32 3.31
C PRO C 216 24.45 26.38 2.47
N SER C 217 25.75 26.26 2.28
CA SER C 217 26.49 27.29 1.62
C SER C 217 26.59 27.10 0.10
N ILE C 218 26.02 26.02 -0.44
CA ILE C 218 26.07 25.75 -1.87
C ILE C 218 24.68 25.64 -2.43
N ILE C 219 23.76 25.29 -1.55
CA ILE C 219 22.31 25.19 -1.98
C ILE C 219 21.73 26.42 -2.78
N ALA C 220 22.07 27.67 -2.43
CA ALA C 220 21.57 28.84 -3.20
C ALA C 220 22.03 28.75 -4.66
N ALA C 221 23.29 28.37 -4.85
CA ALA C 221 23.93 28.27 -6.17
C ALA C 221 23.46 27.09 -6.98
N GLU C 222 23.16 25.98 -6.29
CA GLU C 222 22.87 24.72 -6.92
C GLU C 222 21.56 24.16 -6.29
N PRO C 223 20.42 24.84 -6.49
CA PRO C 223 19.17 24.49 -5.73
C PRO C 223 18.57 23.13 -6.10
N PRO C 224 17.87 22.47 -5.18
CA PRO C 224 17.36 21.16 -5.63
C PRO C 224 16.16 21.20 -6.61
N ASN C 225 16.17 20.34 -7.62
CA ASN C 225 14.96 20.10 -8.44
C ASN C 225 13.80 19.39 -7.69
N PRO C 226 12.53 19.79 -7.94
CA PRO C 226 11.37 19.07 -7.34
C PRO C 226 11.36 17.58 -7.59
N ILE C 227 11.99 17.12 -8.68
CA ILE C 227 11.98 15.68 -9.03
C ILE C 227 12.76 14.83 -8.04
N VAL C 228 13.77 15.42 -7.42
CA VAL C 228 14.44 14.81 -6.31
C VAL C 228 13.34 14.38 -5.26
N ASN C 229 13.30 13.07 -4.87
CA ASN C 229 12.42 12.61 -3.85
C ASN C 229 13.04 12.31 -2.52
N GLU C 230 14.33 12.51 -2.39
CA GLU C 230 15.01 12.46 -1.11
C GLU C 230 16.15 13.52 -1.03
N LEU C 231 15.79 14.75 -0.65
CA LEU C 231 16.74 15.85 -0.42
C LEU C 231 17.37 15.69 0.96
N VAL C 232 18.70 15.86 1.14
CA VAL C 232 19.20 15.70 2.47
C VAL C 232 20.17 16.87 2.51
N ILE C 233 20.20 17.60 3.63
CA ILE C 233 21.04 18.78 3.72
C ILE C 233 22.11 18.43 4.69
N MET C 234 23.34 18.24 4.20
CA MET C 234 24.50 17.88 5.05
C MET C 234 25.08 19.21 5.66
N PRO C 235 25.91 19.18 6.73
CA PRO C 235 26.30 20.49 7.25
C PRO C 235 27.42 21.16 6.47
N ASP C 236 28.23 20.45 5.66
CA ASP C 236 29.29 21.11 4.92
C ASP C 236 29.68 20.15 3.81
N ILE C 237 30.54 20.60 2.90
CA ILE C 237 31.07 19.79 1.77
C ILE C 237 31.70 18.50 2.15
N GLU C 238 32.62 18.51 3.13
CA GLU C 238 33.25 17.29 3.60
C GLU C 238 32.26 16.18 4.04
N LYS C 239 31.21 16.57 4.77
CA LYS C 239 30.27 15.59 5.26
C LYS C 239 29.36 15.12 4.09
N ARG C 240 29.13 15.99 3.16
CA ARG C 240 28.35 15.55 2.02
C ARG C 240 29.17 14.55 1.19
N LEU C 241 30.45 14.77 1.09
CA LEU C 241 31.30 13.93 0.32
C LEU C 241 31.36 12.57 1.00
N GLU C 242 31.49 12.54 2.33
CA GLU C 242 31.46 11.36 3.12
C GLU C 242 30.15 10.55 2.94
N ALA C 243 29.03 11.25 3.00
CA ALA C 243 27.69 10.74 2.67
C ALA C 243 27.69 10.06 1.31
N PHE C 244 28.21 10.73 0.27
CA PHE C 244 28.18 10.19 -1.06
C PHE C 244 28.94 8.84 -1.09
N VAL C 245 30.10 8.74 -0.46
CA VAL C 245 30.90 7.54 -0.69
C VAL C 245 30.55 6.45 0.27
N ARG C 246 29.99 6.79 1.44
CA ARG C 246 29.53 5.76 2.28
C ARG C 246 28.27 5.13 1.73
N MET C 247 27.47 5.88 1.00
CA MET C 247 26.25 5.26 0.48
C MET C 247 26.39 4.60 -0.89
N ALA C 248 27.40 5.01 -1.67
CA ALA C 248 27.48 4.67 -3.09
C ALA C 248 27.71 3.16 -3.21
N HIS C 249 27.08 2.48 -4.19
CA HIS C 249 27.41 1.14 -4.47
C HIS C 249 28.15 1.20 -5.79
N GLY C 250 28.09 2.34 -6.50
CA GLY C 250 28.77 2.53 -7.77
C GLY C 250 28.78 4.01 -8.02
N ILE C 251 29.82 4.50 -8.68
CA ILE C 251 29.90 5.90 -9.07
C ILE C 251 30.08 6.10 -10.57
N ILE C 252 29.28 6.97 -11.14
CA ILE C 252 29.43 7.48 -12.47
C ILE C 252 29.83 8.95 -12.43
N ILE C 253 30.87 9.25 -13.18
CA ILE C 253 31.39 10.59 -13.24
C ILE C 253 31.34 11.14 -14.66
N PHE C 254 30.55 12.18 -14.82
CA PHE C 254 30.53 12.93 -16.12
C PHE C 254 31.53 14.06 -16.14
N PRO C 255 31.74 14.68 -17.34
CA PRO C 255 32.64 15.79 -17.42
C PRO C 255 32.08 16.87 -16.51
N GLY C 256 33.00 17.54 -15.81
CA GLY C 256 32.63 18.68 -14.98
C GLY C 256 33.81 19.62 -14.78
N GLY C 257 33.59 20.63 -13.92
CA GLY C 257 34.66 21.54 -13.56
C GLY C 257 35.30 21.21 -12.23
N PRO C 258 35.69 22.28 -11.54
CA PRO C 258 36.40 22.19 -10.26
C PRO C 258 35.63 21.35 -9.22
N GLY C 259 34.32 21.54 -9.08
CA GLY C 259 33.58 20.75 -8.06
C GLY C 259 33.61 19.24 -8.36
N THR C 260 33.62 18.89 -9.63
CA THR C 260 33.66 17.49 -10.09
C THR C 260 35.07 16.88 -10.01
N ALA C 261 36.08 17.73 -10.21
CA ALA C 261 37.51 17.40 -9.90
C ALA C 261 37.67 17.01 -8.47
N GLU C 262 37.12 17.86 -7.61
CA GLU C 262 37.15 17.72 -6.18
C GLU C 262 36.62 16.36 -5.85
N GLU C 263 35.50 16.04 -6.46
CA GLU C 263 34.89 14.76 -6.13
C GLU C 263 35.71 13.59 -6.55
N LEU C 264 36.22 13.67 -7.78
CA LEU C 264 37.09 12.57 -8.27
C LEU C 264 38.28 12.33 -7.39
N LEU C 265 38.92 13.46 -7.00
CA LEU C 265 40.15 13.32 -6.15
C LEU C 265 39.83 12.76 -4.79
N TYR C 266 38.65 13.17 -4.30
CA TYR C 266 38.17 12.72 -3.03
C TYR C 266 38.17 11.19 -3.12
N ILE C 267 37.45 10.68 -4.11
CA ILE C 267 37.22 9.24 -4.11
C ILE C 267 38.53 8.47 -4.47
N LEU C 268 39.32 8.99 -5.43
CA LEU C 268 40.56 8.28 -5.73
C LEU C 268 41.52 8.25 -4.56
N GLY C 269 41.65 9.36 -3.82
CA GLY C 269 42.53 9.36 -2.60
C GLY C 269 42.01 8.34 -1.62
N ILE C 270 40.68 8.22 -1.50
CA ILE C 270 40.19 7.20 -0.55
C ILE C 270 40.45 5.76 -1.07
N MET C 271 40.16 5.56 -2.36
CA MET C 271 40.22 4.21 -2.90
C MET C 271 41.67 3.71 -3.06
N MET C 272 42.64 4.63 -3.11
CA MET C 272 44.06 4.25 -3.06
C MET C 272 44.60 3.85 -1.67
N HIS C 273 43.84 4.08 -0.62
CA HIS C 273 44.31 3.60 0.66
C HIS C 273 44.61 2.09 0.62
N PRO C 274 45.73 1.67 1.26
CA PRO C 274 46.07 0.24 1.26
C PRO C 274 44.94 -0.60 1.84
N GLU C 275 44.33 -0.18 2.96
CA GLU C 275 43.16 -0.89 3.52
C GLU C 275 41.91 -0.90 2.65
N ASN C 276 41.86 -0.14 1.55
CA ASN C 276 40.64 -0.19 0.68
C ASN C 276 40.87 -0.97 -0.59
N ALA C 277 41.95 -1.73 -0.58
CA ALA C 277 42.34 -2.39 -1.83
C ALA C 277 41.28 -3.41 -2.26
N ASP C 278 40.58 -4.06 -1.33
CA ASP C 278 39.45 -4.98 -1.75
C ASP C 278 38.02 -4.34 -2.02
N GLN C 279 37.87 -3.03 -1.81
CA GLN C 279 36.56 -2.39 -1.93
C GLN C 279 36.17 -2.51 -3.38
N PRO C 280 35.11 -3.29 -3.68
CA PRO C 280 34.70 -3.52 -5.07
C PRO C 280 34.05 -2.20 -5.38
N MET C 281 33.47 -1.98 -6.52
CA MET C 281 32.67 -0.71 -6.49
C MET C 281 33.23 0.14 -7.50
N PRO C 282 32.54 0.20 -8.57
CA PRO C 282 33.13 0.78 -9.75
C PRO C 282 32.98 2.28 -9.84
N ILE C 283 33.93 2.89 -10.54
CA ILE C 283 33.91 4.28 -10.86
C ILE C 283 34.05 4.28 -12.35
N VAL C 284 33.12 4.93 -13.01
CA VAL C 284 33.08 4.99 -14.44
C VAL C 284 32.99 6.46 -14.82
N LEU C 285 34.03 6.91 -15.53
CA LEU C 285 34.00 8.19 -16.13
C LEU C 285 33.32 8.06 -17.48
N THR C 286 32.34 8.87 -17.76
CA THR C 286 31.64 8.59 -19.01
C THR C 286 31.20 9.93 -19.56
N GLY C 287 31.05 9.99 -20.85
CA GLY C 287 30.58 11.21 -21.47
C GLY C 287 30.40 10.95 -22.93
N PRO C 288 29.82 11.92 -23.67
CA PRO C 288 29.54 11.61 -25.09
C PRO C 288 30.80 11.72 -25.93
N LYS C 289 30.74 11.37 -27.22
CA LYS C 289 31.95 11.22 -28.04
C LYS C 289 32.80 12.52 -28.01
N GLN C 290 32.13 13.66 -28.10
CA GLN C 290 32.77 14.97 -28.05
C GLN C 290 33.55 15.25 -26.78
N SER C 291 33.44 14.43 -25.76
CA SER C 291 34.17 14.76 -24.58
C SER C 291 35.43 13.85 -24.49
N GLU C 292 35.80 13.28 -25.64
CA GLU C 292 37.01 12.47 -25.66
C GLU C 292 38.27 13.22 -25.24
N ALA C 293 38.46 14.43 -25.76
CA ALA C 293 39.69 15.21 -25.43
C ALA C 293 39.65 15.50 -23.90
N TYR C 294 38.51 16.04 -23.44
CA TYR C 294 38.27 16.24 -22.01
C TYR C 294 38.77 15.02 -21.19
N PHE C 295 38.38 13.84 -21.59
CA PHE C 295 38.70 12.69 -20.81
C PHE C 295 40.16 12.25 -20.88
N ARG C 296 40.80 12.32 -22.07
CA ARG C 296 42.26 11.98 -22.20
C ARG C 296 43.07 12.88 -21.32
N SER C 297 42.73 14.16 -21.32
CA SER C 297 43.39 15.15 -20.47
C SER C 297 43.13 14.95 -18.94
N LEU C 298 41.88 14.73 -18.51
CA LEU C 298 41.64 14.46 -17.09
C LEU C 298 42.33 13.18 -16.70
N ASP C 299 42.19 12.16 -17.54
CA ASP C 299 42.87 10.95 -17.21
C ASP C 299 44.41 11.20 -17.13
N LYS C 300 44.93 12.15 -17.90
CA LYS C 300 46.38 12.30 -17.89
C LYS C 300 46.74 13.10 -16.65
N PHE C 301 45.93 14.09 -16.30
CA PHE C 301 46.23 14.83 -15.12
C PHE C 301 46.30 13.91 -13.97
N ILE C 302 45.32 13.05 -13.87
CA ILE C 302 45.33 12.10 -12.80
C ILE C 302 46.64 11.29 -12.79
N THR C 303 47.04 10.76 -13.92
CA THR C 303 48.16 9.81 -13.84
C THR C 303 49.49 10.58 -13.83
N ASP C 304 49.46 11.86 -14.23
CA ASP C 304 50.61 12.74 -14.11
C ASP C 304 50.81 13.26 -12.68
N THR C 305 49.77 13.11 -11.85
CA THR C 305 49.86 13.55 -10.48
C THR C 305 49.85 12.44 -9.52
N LEU C 306 48.71 11.78 -9.32
CA LEU C 306 48.71 10.79 -8.29
C LEU C 306 49.58 9.66 -8.85
N GLY C 307 49.58 9.50 -10.15
CA GLY C 307 50.38 8.45 -10.82
C GLY C 307 49.61 7.24 -11.37
N GLU C 308 50.40 6.29 -11.85
CA GLU C 308 49.89 5.13 -12.54
C GLU C 308 48.95 4.25 -11.71
N ALA C 309 49.31 4.01 -10.44
CA ALA C 309 48.58 3.17 -9.50
C ALA C 309 47.07 3.51 -9.47
N ALA C 310 46.74 4.77 -9.80
CA ALA C 310 45.40 5.31 -9.66
C ALA C 310 44.50 4.84 -10.78
N ARG C 311 45.04 4.65 -12.00
CA ARG C 311 44.26 4.13 -13.17
C ARG C 311 43.44 2.86 -12.86
N LYS C 312 43.91 2.04 -12.00
CA LYS C 312 43.19 0.79 -11.82
C LYS C 312 41.82 0.97 -11.09
N HIS C 313 41.49 2.18 -10.64
CA HIS C 313 40.34 2.33 -9.73
C HIS C 313 39.13 2.89 -10.48
N TYR C 314 39.34 3.29 -11.73
CA TYR C 314 38.24 3.77 -12.52
C TYR C 314 38.38 3.24 -13.95
N SER C 315 37.27 3.21 -14.69
CA SER C 315 37.35 3.03 -16.15
C SER C 315 36.74 4.21 -16.92
N ILE C 316 37.04 4.34 -18.23
CA ILE C 316 36.51 5.45 -19.00
C ILE C 316 35.60 4.79 -20.04
N ALA C 317 34.39 5.30 -20.24
CA ALA C 317 33.49 4.69 -21.21
C ALA C 317 32.82 5.84 -21.93
N ILE C 318 33.19 6.03 -23.20
CA ILE C 318 32.75 7.16 -23.98
C ILE C 318 31.58 6.74 -24.88
N ASP C 319 30.62 7.63 -25.10
CA ASP C 319 29.64 7.42 -26.19
C ASP C 319 28.89 6.10 -25.99
N ASN C 320 28.37 5.81 -24.79
CA ASN C 320 27.61 4.55 -24.59
C ASN C 320 26.93 4.56 -23.25
N PRO C 321 25.73 5.13 -23.20
CA PRO C 321 25.01 5.35 -21.93
C PRO C 321 24.72 4.02 -21.26
N ALA C 322 24.37 3.02 -22.09
CA ALA C 322 24.05 1.69 -21.69
C ALA C 322 25.23 0.95 -21.11
N GLU C 323 26.46 1.19 -21.59
CA GLU C 323 27.63 0.45 -21.06
C GLU C 323 27.97 0.95 -19.64
N ALA C 324 27.85 2.28 -19.46
CA ALA C 324 27.98 2.93 -18.17
C ALA C 324 27.08 2.24 -17.13
N ALA C 325 25.79 2.26 -17.39
CA ALA C 325 24.78 1.77 -16.47
C ALA C 325 25.00 0.26 -16.24
N ARG C 326 25.37 -0.43 -17.33
CA ARG C 326 25.58 -1.90 -17.26
C ARG C 326 26.72 -2.25 -16.34
N ILE C 327 27.80 -1.48 -16.40
CA ILE C 327 28.90 -1.65 -15.45
C ILE C 327 28.36 -1.36 -14.03
N MET C 328 27.57 -0.32 -13.81
CA MET C 328 27.02 -0.23 -12.41
C MET C 328 26.23 -1.48 -12.09
N SER C 329 25.24 -1.80 -12.90
CA SER C 329 24.34 -2.95 -12.58
C SER C 329 25.13 -4.26 -12.27
N ASN C 330 26.13 -4.56 -13.09
CA ASN C 330 26.83 -5.88 -12.98
C ASN C 330 27.71 -5.89 -11.77
N ALA C 331 28.04 -4.71 -11.25
CA ALA C 331 28.81 -4.68 -10.02
C ALA C 331 27.99 -4.90 -8.76
N MET C 332 26.64 -4.77 -8.83
CA MET C 332 25.84 -4.78 -7.60
C MET C 332 26.06 -6.11 -6.85
N PRO C 333 26.01 -7.24 -7.56
CA PRO C 333 26.35 -8.55 -6.95
C PRO C 333 27.70 -8.54 -6.26
N LEU C 334 28.76 -7.98 -6.84
CA LEU C 334 30.06 -8.01 -6.14
C LEU C 334 29.96 -7.12 -4.86
N VAL C 335 29.31 -5.96 -4.99
CA VAL C 335 29.26 -5.06 -3.83
C VAL C 335 28.63 -5.82 -2.73
N ARG C 336 27.48 -6.36 -3.03
CA ARG C 336 26.69 -7.01 -2.05
C ARG C 336 27.43 -8.12 -1.35
N GLN C 337 28.17 -8.92 -2.12
CA GLN C 337 28.92 -10.07 -1.55
C GLN C 337 30.11 -9.55 -0.68
N HIS C 338 30.83 -8.57 -1.17
CA HIS C 338 31.78 -7.87 -0.33
C HIS C 338 31.23 -7.35 1.03
N ARG C 339 30.02 -6.81 1.12
CA ARG C 339 29.53 -6.31 2.40
C ARG C 339 29.21 -7.51 3.33
N LYS C 340 28.76 -8.62 2.75
CA LYS C 340 28.53 -9.88 3.50
C LYS C 340 29.86 -10.43 4.10
N ASP C 341 30.91 -10.38 3.30
CA ASP C 341 32.29 -10.70 3.72
C ASP C 341 32.84 -9.81 4.85
N LYS C 342 32.65 -8.50 4.80
CA LYS C 342 33.02 -7.71 5.96
C LYS C 342 32.02 -7.81 7.12
N GLU C 343 30.85 -8.39 6.90
CA GLU C 343 29.74 -8.31 7.88
C GLU C 343 29.32 -6.85 8.16
N ASP C 344 29.51 -6.03 7.12
CA ASP C 344 29.12 -4.61 6.98
C ASP C 344 27.64 -4.44 6.52
N ALA C 345 27.08 -3.26 6.68
CA ALA C 345 25.70 -3.03 6.17
C ALA C 345 25.78 -2.79 4.66
N TYR C 346 24.67 -3.09 4.01
CA TYR C 346 24.40 -2.82 2.63
C TYR C 346 24.36 -1.33 2.32
N SER C 347 23.57 -0.59 3.12
CA SER C 347 23.30 0.84 2.97
C SER C 347 24.38 1.89 3.32
N PHE C 348 25.37 1.48 4.11
CA PHE C 348 26.39 2.38 4.62
C PHE C 348 27.65 1.57 4.78
N ASN C 349 28.66 1.99 4.04
CA ASN C 349 29.89 1.27 3.94
C ASN C 349 30.75 1.66 5.13
N TRP C 350 30.45 1.04 6.26
CA TRP C 350 31.20 1.36 7.45
C TRP C 350 32.69 0.92 7.33
N SER C 351 32.98 -0.15 6.58
CA SER C 351 34.33 -0.73 6.66
C SER C 351 35.33 0.02 5.72
N LEU C 352 34.81 0.79 4.75
CA LEU C 352 35.61 1.70 4.00
C LEU C 352 36.50 2.55 4.96
N LYS C 353 37.82 2.62 4.72
CA LYS C 353 38.67 3.48 5.54
C LYS C 353 38.68 4.88 4.98
N ILE C 354 38.20 5.88 5.73
CA ILE C 354 38.29 7.27 5.21
C ILE C 354 39.13 8.04 6.23
N GLU C 355 40.36 8.42 5.85
CA GLU C 355 41.34 8.99 6.81
C GLU C 355 40.92 10.44 7.13
N PRO C 356 41.38 11.00 8.28
CA PRO C 356 40.88 12.34 8.71
C PRO C 356 41.24 13.46 7.72
N GLU C 357 42.25 13.20 6.88
CA GLU C 357 42.65 14.10 5.79
C GLU C 357 41.53 14.44 4.86
N PHE C 358 40.67 13.45 4.63
CA PHE C 358 39.44 13.68 3.88
C PHE C 358 38.23 14.23 4.71
N GLN C 359 38.24 14.11 6.04
CA GLN C 359 37.10 14.60 6.79
C GLN C 359 37.26 16.06 7.24
N LEU C 360 38.51 16.47 7.55
CA LEU C 360 38.76 17.80 8.13
C LEU C 360 38.08 19.02 7.38
N PRO C 361 37.07 19.66 8.00
CA PRO C 361 36.48 20.70 7.16
C PRO C 361 37.49 21.74 6.72
N PHE C 362 37.42 22.04 5.44
CA PHE C 362 38.35 22.96 4.88
C PHE C 362 37.64 24.29 4.73
N GLU C 363 38.17 25.32 5.37
CA GLU C 363 37.63 26.65 5.23
C GLU C 363 38.61 27.40 4.33
N PRO C 364 38.21 27.68 3.07
CA PRO C 364 39.13 28.29 2.11
C PRO C 364 39.33 29.80 2.30
N ASN C 365 40.55 30.17 2.64
CA ASN C 365 40.91 31.58 2.60
C ASN C 365 42.37 31.65 2.14
N HIS C 366 42.83 32.89 1.97
CA HIS C 366 44.09 33.12 1.36
C HIS C 366 45.18 32.42 2.17
N GLU C 367 45.02 32.35 3.49
CA GLU C 367 46.05 31.67 4.29
C GLU C 367 45.87 30.17 4.15
N SER C 368 44.64 29.67 4.08
CA SER C 368 44.48 28.23 4.18
C SER C 368 44.84 27.62 2.83
N MET C 369 44.52 28.33 1.76
CA MET C 369 44.94 27.91 0.45
C MET C 369 46.47 27.90 0.31
N ALA C 370 47.09 28.90 0.92
CA ALA C 370 48.49 29.11 0.69
C ALA C 370 49.18 28.08 1.56
N ASN C 371 48.54 27.63 2.63
CA ASN C 371 49.12 26.60 3.48
C ASN C 371 48.91 25.15 2.93
N LEU C 372 48.14 25.01 1.85
CA LEU C 372 47.96 23.70 1.23
C LEU C 372 49.31 23.14 0.85
N ASP C 373 49.56 21.91 1.25
CA ASP C 373 50.73 21.20 0.87
C ASP C 373 50.61 20.49 -0.52
N LEU C 374 51.14 21.08 -1.57
CA LEU C 374 51.00 20.48 -2.91
C LEU C 374 52.34 19.93 -3.50
N HIS C 375 52.70 18.70 -3.13
CA HIS C 375 54.01 18.14 -3.53
C HIS C 375 53.80 16.74 -4.12
N LEU C 376 54.45 16.43 -5.24
CA LEU C 376 54.45 15.04 -5.77
C LEU C 376 55.15 14.06 -4.86
N ASN C 377 55.98 14.61 -3.99
CA ASN C 377 56.66 13.96 -2.88
C ASN C 377 55.87 12.92 -2.06
N GLN C 378 54.62 13.25 -1.78
CA GLN C 378 53.74 12.54 -0.83
C GLN C 378 53.21 11.18 -1.30
N ARG C 379 52.71 10.37 -0.38
CA ARG C 379 51.93 9.18 -0.75
C ARG C 379 50.65 9.69 -1.52
N PRO C 380 50.30 9.04 -2.63
CA PRO C 380 49.17 9.44 -3.48
C PRO C 380 47.86 9.77 -2.68
N GLU C 381 47.58 9.06 -1.63
CA GLU C 381 46.36 9.42 -0.87
C GLU C 381 46.48 10.82 -0.34
N VAL C 382 47.56 11.11 0.40
CA VAL C 382 47.71 12.39 1.06
C VAL C 382 47.81 13.44 -0.01
N LEU C 383 48.46 13.13 -1.14
CA LEU C 383 48.45 14.10 -2.22
C LEU C 383 46.99 14.29 -2.72
N ALA C 384 46.24 13.20 -2.76
CA ALA C 384 44.85 13.39 -3.28
C ALA C 384 43.98 14.28 -2.35
N ALA C 385 44.16 14.16 -1.02
CA ALA C 385 43.45 14.97 0.01
C ALA C 385 43.75 16.42 -0.14
N ASN C 386 45.04 16.73 -0.40
CA ASN C 386 45.42 18.13 -0.59
C ASN C 386 44.85 18.75 -1.80
N LEU C 387 44.90 18.03 -2.92
CA LEU C 387 44.25 18.50 -4.17
C LEU C 387 42.74 18.60 -3.98
N ARG C 388 42.17 17.67 -3.23
CA ARG C 388 40.69 17.72 -3.03
C ARG C 388 40.45 19.13 -2.43
N ARG C 389 41.27 19.45 -1.43
CA ARG C 389 41.11 20.72 -0.71
C ARG C 389 41.34 21.85 -1.70
N ALA C 390 42.31 21.68 -2.59
CA ALA C 390 42.63 22.70 -3.65
C ALA C 390 41.45 23.00 -4.54
N PHE C 391 40.89 21.95 -5.18
CA PHE C 391 39.66 22.14 -5.92
C PHE C 391 38.50 22.73 -5.17
N SER C 392 38.36 22.35 -3.91
CA SER C 392 37.25 22.81 -3.10
C SER C 392 37.38 24.35 -2.94
N GLY C 393 38.64 24.81 -2.83
CA GLY C 393 38.92 26.25 -2.70
C GLY C 393 38.60 27.02 -3.94
N VAL C 394 38.84 26.44 -5.10
CA VAL C 394 38.44 27.10 -6.35
C VAL C 394 36.90 27.27 -6.47
N VAL C 395 36.17 26.17 -6.23
CA VAL C 395 34.69 26.22 -6.06
C VAL C 395 34.23 27.33 -5.09
N ALA C 396 34.78 27.29 -3.87
CA ALA C 396 34.31 28.21 -2.81
C ALA C 396 34.48 29.64 -3.26
N GLY C 397 35.62 29.87 -3.95
CA GLY C 397 35.96 31.19 -4.56
C GLY C 397 35.00 31.58 -5.67
N ASN C 398 34.53 30.57 -6.38
CA ASN C 398 33.59 30.80 -7.47
C ASN C 398 32.13 30.96 -7.06
N VAL C 399 31.64 30.17 -6.10
CA VAL C 399 30.19 30.14 -5.92
C VAL C 399 29.66 30.50 -4.52
N LYS C 400 30.43 30.21 -3.47
CA LYS C 400 29.98 30.46 -2.08
C LYS C 400 30.11 31.95 -1.63
N ALA C 401 29.26 32.34 -0.66
CA ALA C 401 29.06 33.75 -0.29
C ALA C 401 30.36 34.33 0.21
N GLU C 402 30.90 33.68 1.24
CA GLU C 402 32.09 34.03 2.02
C GLU C 402 33.36 33.89 1.21
N GLY C 403 33.28 33.10 0.14
CA GLY C 403 34.44 32.72 -0.66
C GLY C 403 34.63 33.78 -1.71
N ILE C 404 33.54 34.05 -2.43
CA ILE C 404 33.43 35.19 -3.32
C ILE C 404 33.89 36.49 -2.60
N ARG C 405 33.35 36.75 -1.40
CA ARG C 405 33.65 37.96 -0.58
C ARG C 405 35.11 38.12 -0.15
N GLU C 406 35.84 37.01 0.01
CA GLU C 406 37.30 37.04 0.20
C GLU C 406 38.03 37.33 -1.14
N ILE C 407 37.45 36.95 -2.28
CA ILE C 407 38.03 37.24 -3.60
C ILE C 407 37.65 38.67 -4.05
N GLU C 408 36.92 39.38 -3.21
CA GLU C 408 36.56 40.79 -3.42
C GLU C 408 37.44 41.69 -2.52
N ARG C 409 37.48 41.36 -1.23
CA ARG C 409 38.42 41.96 -0.27
C ARG C 409 39.94 41.70 -0.57
N HIS C 410 40.29 40.66 -1.34
CA HIS C 410 41.71 40.33 -1.59
C HIS C 410 42.10 39.77 -2.98
N GLY C 411 41.22 39.80 -3.98
CA GLY C 411 41.52 39.14 -5.28
C GLY C 411 41.73 37.62 -5.20
N PRO C 412 42.22 36.99 -6.30
CA PRO C 412 42.24 35.52 -6.48
C PRO C 412 42.96 34.77 -5.37
N PHE C 413 42.61 33.49 -5.18
CA PHE C 413 43.34 32.64 -4.23
C PHE C 413 44.65 32.28 -4.88
N GLU C 414 45.70 32.17 -4.07
CA GLU C 414 47.06 31.78 -4.49
C GLU C 414 47.43 30.40 -3.93
N MET C 415 48.06 29.56 -4.74
CA MET C 415 48.51 28.26 -4.28
C MET C 415 49.93 28.05 -4.77
N HIS C 416 50.67 27.15 -4.12
CA HIS C 416 52.03 26.78 -4.58
C HIS C 416 52.53 25.41 -4.01
N GLY C 417 53.68 25.03 -4.49
CA GLY C 417 54.45 23.85 -4.02
C GLY C 417 55.21 23.35 -5.25
N ASP C 418 55.36 22.03 -5.35
CA ASP C 418 55.97 21.37 -6.48
C ASP C 418 55.69 22.08 -7.78
N PRO C 419 56.76 22.38 -8.55
CA PRO C 419 56.58 23.16 -9.81
C PRO C 419 55.93 22.33 -10.89
N VAL C 420 56.10 21.00 -10.78
CA VAL C 420 55.61 20.05 -11.83
C VAL C 420 54.06 19.99 -11.67
N LEU C 421 53.61 20.00 -10.42
CA LEU C 421 52.23 19.81 -10.10
C LEU C 421 51.45 21.03 -10.40
N MET C 422 52.08 22.18 -10.17
CA MET C 422 51.43 23.48 -10.25
C MET C 422 51.19 23.80 -11.70
N LYS C 423 52.09 23.30 -12.56
CA LYS C 423 51.98 23.54 -14.01
C LYS C 423 50.66 22.89 -14.50
N LYS C 424 50.53 21.59 -14.19
CA LYS C 424 49.32 20.81 -14.63
C LYS C 424 48.00 21.16 -13.93
N MET C 425 48.06 21.40 -12.62
CA MET C 425 46.85 21.90 -11.93
C MET C 425 46.44 23.13 -12.71
N ASP C 426 47.38 24.04 -12.91
CA ASP C 426 47.09 25.23 -13.69
C ASP C 426 46.46 24.99 -15.08
N GLN C 427 46.99 24.01 -15.78
CA GLN C 427 46.51 23.58 -17.09
C GLN C 427 45.05 23.09 -17.05
N LEU C 428 44.75 22.25 -16.06
CA LEU C 428 43.39 21.70 -15.91
C LEU C 428 42.45 22.87 -15.62
N LEU C 429 42.89 23.79 -14.79
CA LEU C 429 41.97 24.88 -14.45
C LEU C 429 41.61 25.73 -15.67
N ASN C 430 42.58 25.84 -16.59
CA ASN C 430 42.40 26.61 -17.83
C ASN C 430 41.57 25.89 -18.83
N ASP C 431 41.75 24.59 -18.90
CA ASP C 431 40.80 23.84 -19.69
C ASP C 431 39.39 24.07 -19.13
N PHE C 432 39.20 23.99 -17.80
CA PHE C 432 37.83 24.18 -17.27
C PHE C 432 37.29 25.54 -17.72
N VAL C 433 38.13 26.60 -17.70
CA VAL C 433 37.60 27.93 -18.10
C VAL C 433 37.32 27.93 -19.57
N ALA C 434 38.30 27.46 -20.36
CA ALA C 434 38.19 27.33 -21.82
C ALA C 434 36.95 26.55 -22.18
N GLN C 435 36.69 25.43 -21.49
CA GLN C 435 35.50 24.66 -21.87
C GLN C 435 34.21 25.20 -21.27
N ASN C 436 34.23 26.35 -20.60
CA ASN C 436 32.97 26.96 -20.10
C ASN C 436 32.37 26.23 -18.86
N ARG C 437 33.24 25.51 -18.16
CA ARG C 437 32.80 24.74 -17.00
C ARG C 437 32.78 25.62 -15.75
N MET C 438 33.44 26.78 -15.82
CA MET C 438 33.36 27.78 -14.76
C MET C 438 32.35 28.83 -15.20
N LEU D 3 16.63 -18.63 -29.19
CA LEU D 3 16.18 -17.94 -27.93
C LEU D 3 14.77 -18.42 -27.46
N ILE D 4 14.69 -18.89 -26.20
CA ILE D 4 13.39 -19.29 -25.61
C ILE D 4 13.24 -18.61 -24.25
N ILE D 5 12.25 -17.71 -24.08
CA ILE D 5 12.10 -17.05 -22.77
C ILE D 5 10.69 -17.22 -22.23
N GLN D 6 10.58 -17.49 -20.95
CA GLN D 6 9.27 -17.46 -20.29
C GLN D 6 9.01 -16.19 -19.48
N VAL D 7 7.75 -15.85 -19.35
CA VAL D 7 7.30 -14.61 -18.87
C VAL D 7 6.12 -14.93 -17.91
N SER D 8 6.18 -14.48 -16.68
CA SER D 8 5.11 -14.74 -15.71
C SER D 8 4.40 -13.44 -15.33
N PRO D 9 3.13 -13.51 -14.89
CA PRO D 9 2.50 -12.17 -14.84
C PRO D 9 2.80 -11.60 -13.47
N ALA D 10 2.67 -10.30 -13.27
CA ALA D 10 2.98 -9.79 -11.89
C ALA D 10 1.74 -9.28 -11.16
N GLY D 11 0.70 -10.14 -11.10
CA GLY D 11 -0.62 -9.79 -10.56
C GLY D 11 -1.41 -8.94 -11.54
N SER D 12 -0.97 -8.96 -12.78
CA SER D 12 -1.59 -8.21 -13.83
C SER D 12 -2.30 -9.22 -14.78
N MET D 13 -2.77 -10.38 -14.26
CA MET D 13 -3.43 -11.38 -15.15
C MET D 13 -4.29 -12.40 -14.46
N ASP D 14 -5.58 -12.32 -14.71
CA ASP D 14 -6.52 -13.28 -14.14
C ASP D 14 -6.24 -14.71 -14.62
N LEU D 15 -6.68 -15.70 -13.87
CA LEU D 15 -6.68 -17.07 -14.39
C LEU D 15 -7.63 -17.30 -15.61
N LEU D 16 -7.27 -18.26 -16.47
CA LEU D 16 -8.06 -18.66 -17.62
C LEU D 16 -8.33 -20.16 -17.56
N SER D 17 -9.51 -20.58 -18.02
CA SER D 17 -9.89 -22.03 -18.11
C SER D 17 -9.22 -22.68 -19.31
N GLN D 18 -9.21 -24.02 -19.40
CA GLN D 18 -8.68 -24.66 -20.63
C GLN D 18 -9.49 -24.22 -21.86
N LEU D 19 -10.80 -24.13 -21.73
CA LEU D 19 -11.64 -23.70 -22.84
C LEU D 19 -11.17 -22.37 -23.44
N GLU D 20 -10.93 -21.34 -22.61
CA GLU D 20 -10.41 -20.05 -23.09
C GLU D 20 -9.08 -20.20 -23.80
N VAL D 21 -8.18 -20.97 -23.23
CA VAL D 21 -6.84 -21.10 -23.81
C VAL D 21 -6.74 -21.95 -25.10
N GLU D 22 -7.64 -22.89 -25.28
CA GLU D 22 -7.44 -23.96 -26.27
C GLU D 22 -7.52 -23.27 -27.62
N ARG D 23 -8.38 -22.26 -27.70
CA ARG D 23 -8.45 -21.33 -28.81
C ARG D 23 -7.11 -20.83 -29.41
N LEU D 24 -6.04 -20.94 -28.65
CA LEU D 24 -4.82 -20.19 -28.89
C LEU D 24 -3.61 -21.08 -29.05
N LYS D 25 -3.81 -22.38 -29.30
CA LYS D 25 -2.68 -23.28 -29.58
C LYS D 25 -2.23 -22.81 -30.98
N LYS D 26 -0.93 -22.95 -31.29
CA LYS D 26 -0.39 -22.80 -32.66
C LYS D 26 -1.11 -23.83 -33.56
N THR D 27 -2.34 -23.57 -34.01
CA THR D 27 -3.27 -24.65 -34.51
C THR D 27 -3.37 -24.93 -36.02
N SER D 30 -5.38 -20.67 -39.17
CA SER D 30 -6.00 -20.53 -37.85
C SER D 30 -6.16 -19.05 -37.35
N ASP D 31 -7.40 -18.54 -37.44
CA ASP D 31 -7.75 -17.15 -37.10
C ASP D 31 -7.05 -16.63 -35.85
N LEU D 32 -7.45 -17.18 -34.68
CA LEU D 32 -7.16 -16.55 -33.40
C LEU D 32 -5.70 -16.56 -33.11
N TYR D 33 -5.05 -17.73 -33.19
CA TYR D 33 -3.63 -17.78 -32.85
C TYR D 33 -2.85 -16.73 -33.60
N GLN D 34 -3.23 -16.49 -34.85
CA GLN D 34 -2.47 -15.60 -35.72
C GLN D 34 -2.54 -14.20 -35.25
N LEU D 35 -3.74 -13.75 -34.94
CA LEU D 35 -3.97 -12.41 -34.51
C LEU D 35 -3.29 -12.17 -33.14
N TYR D 36 -3.52 -13.06 -32.17
CA TYR D 36 -2.82 -13.03 -30.89
C TYR D 36 -1.26 -13.05 -31.03
N ARG D 37 -0.71 -13.93 -31.86
CA ARG D 37 0.67 -13.90 -32.18
C ARG D 37 1.12 -12.55 -32.74
N ASN D 38 0.38 -12.00 -33.68
CA ASN D 38 0.94 -10.80 -34.33
C ASN D 38 0.84 -9.63 -33.35
N CYS D 39 -0.27 -9.55 -32.61
CA CYS D 39 -0.38 -8.55 -31.55
C CYS D 39 0.78 -8.71 -30.57
N SER D 40 1.06 -9.92 -30.10
CA SER D 40 2.09 -10.06 -29.09
C SER D 40 3.44 -9.73 -29.70
N LEU D 41 3.67 -10.12 -30.95
CA LEU D 41 4.92 -9.80 -31.61
C LEU D 41 5.12 -8.30 -31.67
N ALA D 42 4.07 -7.57 -32.02
CA ALA D 42 4.21 -6.16 -32.19
C ALA D 42 4.66 -5.49 -30.92
N VAL D 43 4.04 -5.92 -29.83
CA VAL D 43 4.32 -5.42 -28.50
C VAL D 43 5.77 -5.67 -28.15
N LEU D 44 6.36 -6.74 -28.64
CA LEU D 44 7.80 -7.00 -28.35
C LEU D 44 8.72 -6.28 -29.32
N ASN D 45 8.15 -5.57 -30.28
CA ASN D 45 8.98 -4.87 -31.24
C ASN D 45 8.86 -3.36 -31.15
N SER D 46 8.56 -2.84 -29.99
CA SER D 46 8.39 -1.39 -29.88
C SER D 46 9.62 -0.58 -30.34
N ASP D 58 7.51 -9.44 -40.02
CA ASP D 58 8.19 -9.61 -41.29
C ASP D 58 9.58 -10.31 -41.11
N LYS D 59 10.50 -9.61 -40.44
CA LYS D 59 11.88 -10.08 -40.19
C LYS D 59 12.01 -11.14 -39.09
N TYR D 60 10.87 -11.61 -38.54
CA TYR D 60 10.82 -12.41 -37.30
C TYR D 60 9.85 -13.57 -37.43
N LYS D 61 9.66 -14.07 -38.66
CA LYS D 61 8.72 -15.20 -38.92
C LYS D 61 8.96 -16.50 -38.10
N ASN D 62 10.13 -16.64 -37.48
CA ASN D 62 10.41 -17.76 -36.58
C ASN D 62 9.86 -17.49 -35.13
N PHE D 63 9.17 -16.37 -34.93
CA PHE D 63 8.65 -16.06 -33.61
C PHE D 63 7.32 -16.73 -33.40
N ASP D 64 7.14 -17.26 -32.19
CA ASP D 64 5.86 -17.83 -31.71
C ASP D 64 5.76 -17.66 -30.20
N ILE D 65 4.55 -17.76 -29.69
CA ILE D 65 4.30 -17.61 -28.25
C ILE D 65 3.37 -18.73 -27.79
N THR D 66 3.62 -19.32 -26.64
CA THR D 66 2.76 -20.43 -26.16
C THR D 66 2.12 -19.98 -24.82
N VAL D 67 0.78 -20.02 -24.73
CA VAL D 67 0.10 -19.70 -23.48
C VAL D 67 0.15 -20.98 -22.62
N MET D 68 0.77 -20.94 -21.45
CA MET D 68 0.77 -22.12 -20.53
C MET D 68 -0.08 -21.87 -19.27
N ARG D 69 -1.06 -22.74 -18.98
CA ARG D 69 -1.79 -22.63 -17.69
C ARG D 69 -0.98 -23.37 -16.66
N ARG D 70 -0.60 -22.66 -15.58
CA ARG D 70 0.34 -23.21 -14.61
C ARG D 70 -0.17 -23.03 -13.19
N GLU D 71 0.53 -23.53 -12.17
CA GLU D 71 0.01 -23.49 -10.82
C GLU D 71 -0.45 -22.11 -10.32
N ARG D 72 0.17 -21.02 -10.79
CA ARG D 72 -0.18 -19.62 -10.34
C ARG D 72 -0.82 -18.81 -11.44
N GLY D 73 -1.24 -19.52 -12.48
CA GLY D 73 -1.88 -18.85 -13.60
C GLY D 73 -1.10 -18.97 -14.87
N ILE D 74 -1.30 -18.01 -15.78
CA ILE D 74 -0.60 -18.12 -17.08
C ILE D 74 0.88 -17.78 -17.02
N LYS D 75 1.70 -18.61 -17.66
CA LYS D 75 3.05 -18.24 -18.11
C LYS D 75 3.02 -18.18 -19.67
N LEU D 76 3.83 -17.29 -20.25
CA LEU D 76 3.93 -17.22 -21.70
C LEU D 76 5.30 -17.71 -22.07
N GLU D 77 5.37 -18.52 -23.13
CA GLU D 77 6.64 -18.95 -23.54
C GLU D 77 6.94 -18.29 -24.87
N LEU D 78 8.10 -17.69 -25.00
CA LEU D 78 8.33 -16.88 -26.21
C LEU D 78 9.43 -17.53 -27.06
N ALA D 79 9.11 -17.79 -28.32
CA ALA D 79 10.07 -18.43 -29.22
C ALA D 79 10.68 -17.33 -30.09
N ASN D 80 11.99 -17.19 -30.01
CA ASN D 80 12.72 -16.12 -30.74
C ASN D 80 12.05 -14.77 -30.66
N PRO D 81 12.04 -14.17 -29.47
CA PRO D 81 11.46 -12.83 -29.34
C PRO D 81 12.49 -11.75 -29.73
N PRO D 82 12.06 -10.64 -30.36
CA PRO D 82 12.97 -9.52 -30.70
C PRO D 82 13.91 -9.10 -29.57
N GLU D 83 15.22 -9.15 -29.81
CA GLU D 83 16.26 -8.72 -28.87
C GLU D 83 16.08 -7.30 -28.30
N HIS D 84 15.55 -6.36 -29.05
CA HIS D 84 15.43 -5.02 -28.43
C HIS D 84 14.37 -4.98 -27.34
N ALA D 85 13.71 -6.10 -27.07
CA ALA D 85 12.71 -6.16 -25.96
C ALA D 85 13.33 -6.34 -24.54
N PHE D 86 14.66 -6.38 -24.54
CA PHE D 86 15.47 -6.93 -23.48
C PHE D 86 16.40 -5.87 -22.95
N VAL D 87 16.70 -5.95 -21.68
CA VAL D 87 17.69 -5.12 -21.08
C VAL D 87 18.51 -6.10 -20.31
N ASP D 88 19.81 -6.15 -20.68
CA ASP D 88 20.77 -7.11 -20.17
C ASP D 88 20.06 -8.48 -20.03
N GLY D 89 19.35 -8.88 -21.09
CA GLY D 89 18.81 -10.24 -21.19
C GLY D 89 17.56 -10.55 -20.38
N GLN D 90 16.97 -9.54 -19.74
CA GLN D 90 15.59 -9.71 -19.30
C GLN D 90 14.66 -8.89 -20.16
N ILE D 91 13.42 -9.30 -20.18
CA ILE D 91 12.42 -8.50 -20.87
C ILE D 91 11.96 -7.34 -20.01
N ILE D 92 11.83 -6.17 -20.60
CA ILE D 92 11.46 -4.99 -19.83
C ILE D 92 10.06 -5.19 -19.29
N LYS D 93 9.87 -4.88 -18.00
CA LYS D 93 8.65 -5.15 -17.29
C LYS D 93 7.41 -4.60 -17.89
N GLY D 94 7.48 -3.40 -18.46
CA GLY D 94 6.30 -2.85 -19.11
C GLY D 94 5.84 -3.69 -20.30
N ILE D 95 6.80 -4.23 -21.06
CA ILE D 95 6.48 -5.02 -22.25
C ILE D 95 5.81 -6.32 -21.78
N GLN D 96 6.42 -6.98 -20.80
CA GLN D 96 5.75 -8.06 -20.04
C GLN D 96 4.30 -7.74 -19.74
N GLU D 97 3.98 -6.56 -19.19
CA GLU D 97 2.60 -6.25 -18.89
C GLU D 97 1.73 -6.15 -20.16
N HIS D 98 2.32 -5.61 -21.23
CA HIS D 98 1.59 -5.49 -22.42
C HIS D 98 1.23 -6.87 -23.04
N LEU D 99 2.09 -7.86 -22.83
CA LEU D 99 1.85 -9.18 -23.40
C LEU D 99 0.61 -9.72 -22.67
N PHE D 100 0.46 -9.40 -21.39
CA PHE D 100 -0.67 -9.89 -20.67
C PHE D 100 -1.89 -9.06 -20.98
N SER D 101 -1.72 -7.80 -21.31
CA SER D 101 -2.88 -7.01 -21.70
C SER D 101 -3.37 -7.53 -23.01
N VAL D 102 -2.44 -7.92 -23.88
CA VAL D 102 -2.87 -8.45 -25.16
C VAL D 102 -3.78 -9.71 -24.96
N LEU D 103 -3.27 -10.69 -24.19
CA LEU D 103 -3.96 -11.95 -23.90
C LEU D 103 -5.26 -11.68 -23.36
N ARG D 104 -5.28 -10.79 -22.40
CA ARG D 104 -6.50 -10.47 -21.72
C ARG D 104 -7.51 -9.98 -22.70
N ASP D 105 -7.11 -9.01 -23.50
CA ASP D 105 -8.13 -8.42 -24.38
C ASP D 105 -8.51 -9.33 -25.54
N ILE D 106 -7.61 -10.15 -26.02
CA ILE D 106 -7.99 -11.02 -27.12
C ILE D 106 -9.07 -12.03 -26.64
N VAL D 107 -8.93 -12.45 -25.39
CA VAL D 107 -9.74 -13.50 -24.85
C VAL D 107 -11.06 -12.91 -24.57
N TYR D 108 -11.07 -11.69 -24.02
CA TYR D 108 -12.34 -11.12 -23.72
C TYR D 108 -13.20 -10.96 -24.99
N VAL D 109 -12.59 -10.50 -26.05
CA VAL D 109 -13.33 -10.13 -27.20
C VAL D 109 -13.77 -11.37 -27.94
N ASN D 110 -12.83 -12.28 -28.19
CA ASN D 110 -13.10 -13.50 -28.94
C ASN D 110 -13.50 -14.62 -27.99
N MET D 111 -14.25 -14.22 -26.95
CA MET D 111 -15.00 -15.07 -26.03
C MET D 111 -16.27 -14.27 -25.68
N HIS D 112 -16.60 -13.31 -26.54
CA HIS D 112 -17.86 -12.56 -26.56
C HIS D 112 -18.29 -12.34 -28.00
N ASN D 123 -28.95 -1.60 -31.34
CA ASN D 123 -27.59 -2.10 -31.71
C ASN D 123 -26.44 -1.04 -31.86
N ALA D 124 -26.75 0.24 -32.07
CA ALA D 124 -25.77 1.29 -31.77
C ALA D 124 -25.34 1.00 -30.31
N THR D 125 -26.38 0.69 -29.53
CA THR D 125 -26.37 0.08 -28.20
C THR D 125 -25.40 -1.10 -27.93
N HIS D 126 -25.55 -2.15 -28.71
CA HIS D 126 -24.61 -3.25 -28.59
C HIS D 126 -23.17 -2.73 -28.71
N ILE D 127 -22.92 -1.85 -29.68
CA ILE D 127 -21.52 -1.44 -30.01
C ILE D 127 -20.94 -0.70 -28.82
N THR D 128 -21.55 0.44 -28.47
CA THR D 128 -21.18 1.07 -27.23
C THR D 128 -21.16 0.19 -25.98
N ASN D 129 -22.04 -0.83 -25.89
CA ASN D 129 -21.97 -1.71 -24.70
C ASN D 129 -20.74 -2.64 -24.80
N LEU D 130 -20.39 -3.03 -26.02
CA LEU D 130 -19.16 -3.81 -26.23
C LEU D 130 -17.92 -2.97 -25.78
N VAL D 131 -17.97 -1.64 -25.97
CA VAL D 131 -16.77 -0.76 -25.84
C VAL D 131 -16.51 -0.59 -24.35
N PHE D 132 -17.62 -0.27 -23.65
CA PHE D 132 -17.79 -0.33 -22.24
C PHE D 132 -17.27 -1.60 -21.57
N GLY D 133 -17.57 -2.75 -22.17
CA GLY D 133 -17.31 -4.04 -21.51
C GLY D 133 -15.87 -4.33 -21.61
N ILE D 134 -15.35 -4.02 -22.79
CA ILE D 134 -13.90 -4.13 -23.04
C ILE D 134 -13.09 -3.22 -22.08
N LEU D 135 -13.53 -1.97 -21.85
CA LEU D 135 -12.75 -1.01 -21.03
C LEU D 135 -12.88 -1.43 -19.60
N ARG D 136 -14.10 -1.83 -19.23
CA ARG D 136 -14.38 -2.31 -17.84
C ARG D 136 -13.53 -3.53 -17.61
N ASN D 137 -13.62 -4.50 -18.50
CA ASN D 137 -12.87 -5.77 -18.29
C ASN D 137 -11.34 -5.50 -18.14
N ALA D 138 -10.91 -4.36 -18.65
CA ALA D 138 -9.46 -4.18 -18.72
C ALA D 138 -8.98 -3.38 -17.55
N GLY D 139 -9.89 -3.00 -16.66
CA GLY D 139 -9.53 -2.14 -15.58
C GLY D 139 -9.47 -0.66 -15.98
N ALA D 140 -9.79 -0.31 -17.22
CA ALA D 140 -9.55 1.05 -17.61
C ALA D 140 -10.66 1.99 -17.17
N LEU D 141 -11.71 1.45 -16.56
CA LEU D 141 -12.75 2.31 -16.00
C LEU D 141 -12.81 2.19 -14.50
N ILE D 142 -12.33 3.22 -13.79
CA ILE D 142 -12.18 3.29 -12.38
C ILE D 142 -13.37 3.89 -11.63
N PRO D 143 -14.04 3.03 -10.85
CA PRO D 143 -15.34 3.39 -10.40
C PRO D 143 -15.32 4.70 -9.61
N GLY D 144 -14.38 4.87 -8.70
CA GLY D 144 -14.54 5.97 -7.73
C GLY D 144 -13.85 7.27 -8.18
N ALA D 145 -13.17 7.21 -9.33
CA ALA D 145 -12.27 8.30 -9.74
C ALA D 145 -12.99 9.59 -10.21
N THR D 146 -12.41 10.69 -9.81
CA THR D 146 -12.81 11.98 -10.32
C THR D 146 -12.21 12.23 -11.73
N PRO D 147 -12.93 12.97 -12.61
CA PRO D 147 -12.39 13.31 -13.96
C PRO D 147 -11.01 14.03 -13.90
N ASN D 148 -9.98 13.42 -14.53
CA ASN D 148 -8.68 14.00 -14.88
C ASN D 148 -8.02 13.20 -16.02
N LEU D 149 -8.79 12.59 -16.92
CA LEU D 149 -8.19 12.02 -18.13
C LEU D 149 -8.23 12.90 -19.44
N VAL D 150 -7.04 13.14 -19.99
CA VAL D 150 -6.89 14.04 -21.14
C VAL D 150 -6.49 13.12 -22.26
N VAL D 151 -7.39 13.03 -23.21
CA VAL D 151 -7.02 12.47 -24.48
C VAL D 151 -6.08 13.34 -25.32
N CYS D 152 -5.01 12.70 -25.80
CA CYS D 152 -4.01 13.36 -26.58
C CYS D 152 -3.90 12.73 -27.97
N TRP D 153 -4.12 13.57 -28.97
CA TRP D 153 -4.03 13.16 -30.37
C TRP D 153 -2.99 13.97 -31.12
N GLY D 154 -2.30 13.36 -32.08
CA GLY D 154 -1.32 14.08 -32.83
C GLY D 154 -0.52 13.16 -33.74
N GLY D 155 0.23 13.74 -34.67
CA GLY D 155 0.95 12.97 -35.68
C GLY D 155 1.89 11.89 -35.17
N HIS D 156 2.03 10.86 -35.96
CA HIS D 156 3.04 9.87 -35.68
C HIS D 156 4.42 10.25 -36.17
N SER D 157 4.43 11.02 -37.23
CA SER D 157 5.72 11.45 -37.76
C SER D 157 5.78 12.99 -37.64
N ILE D 158 6.62 13.49 -36.74
CA ILE D 158 6.64 14.90 -36.45
C ILE D 158 8.10 15.28 -36.28
N ASN D 159 8.44 16.59 -36.33
CA ASN D 159 9.90 16.98 -36.25
C ASN D 159 10.30 17.21 -34.81
N GLU D 160 11.60 17.37 -34.59
CA GLU D 160 12.15 17.65 -33.25
C GLU D 160 11.37 18.73 -32.48
N VAL D 161 10.91 19.77 -33.15
CA VAL D 161 10.29 20.84 -32.43
C VAL D 161 8.86 20.55 -32.01
N GLU D 162 8.12 19.91 -32.89
CA GLU D 162 6.83 19.41 -32.50
C GLU D 162 7.00 18.37 -31.30
N TYR D 163 7.92 17.43 -31.45
CA TYR D 163 8.12 16.35 -30.47
C TYR D 163 8.40 16.97 -29.09
N GLN D 164 9.26 17.98 -29.11
CA GLN D 164 9.68 18.65 -27.90
C GLN D 164 8.54 19.32 -27.32
N TYR D 165 7.74 19.99 -28.15
CA TYR D 165 6.52 20.62 -27.64
C TYR D 165 5.63 19.54 -26.99
N THR D 166 5.59 18.29 -27.54
CA THR D 166 4.55 17.34 -27.03
C THR D 166 4.99 16.99 -25.59
N ARG D 167 6.30 16.82 -25.47
CA ARG D 167 6.94 16.42 -24.20
C ARG D 167 6.68 17.54 -23.16
N GLU D 168 6.74 18.80 -23.55
CA GLU D 168 6.44 19.86 -22.57
C GLU D 168 4.97 19.92 -22.16
N VAL D 169 4.07 19.64 -23.10
CA VAL D 169 2.68 19.60 -22.77
C VAL D 169 2.51 18.46 -21.77
N GLY D 170 3.08 17.29 -22.07
CA GLY D 170 2.99 16.13 -21.14
C GLY D 170 3.50 16.54 -19.74
N HIS D 171 4.63 17.25 -19.69
CA HIS D 171 5.22 17.72 -18.44
C HIS D 171 4.20 18.57 -17.65
N GLU D 172 3.57 19.51 -18.35
CA GLU D 172 2.53 20.38 -17.79
C GLU D 172 1.29 19.65 -17.37
N LEU D 173 0.89 18.60 -18.09
CA LEU D 173 -0.21 17.74 -17.63
C LEU D 173 0.20 16.98 -16.37
N GLY D 174 1.45 16.55 -16.30
CA GLY D 174 1.89 15.74 -15.14
C GLY D 174 1.86 16.60 -13.89
N LEU D 175 2.29 17.84 -14.04
CA LEU D 175 2.35 18.83 -12.89
C LEU D 175 0.98 19.15 -12.36
N ARG D 176 0.00 18.94 -13.19
CA ARG D 176 -1.37 19.16 -12.76
C ARG D 176 -2.14 17.88 -12.39
N GLU D 177 -1.43 16.75 -12.26
CA GLU D 177 -2.01 15.50 -11.76
C GLU D 177 -3.08 15.06 -12.75
N LEU D 178 -2.80 15.30 -14.04
CA LEU D 178 -3.78 14.87 -15.07
C LEU D 178 -3.23 13.62 -15.66
N ASN D 179 -4.15 12.78 -16.13
CA ASN D 179 -3.82 11.49 -16.73
C ASN D 179 -3.89 11.58 -18.26
N ILE D 180 -3.13 10.70 -18.95
CA ILE D 180 -3.10 10.69 -20.36
C ILE D 180 -3.73 9.41 -20.95
N CYS D 181 -4.52 9.63 -22.02
CA CYS D 181 -5.02 8.55 -22.82
C CYS D 181 -4.75 8.89 -24.31
N THR D 182 -4.07 8.01 -25.03
CA THR D 182 -3.66 8.34 -26.34
C THR D 182 -3.50 7.03 -27.18
N GLY D 183 -3.13 7.12 -28.47
CA GLY D 183 -2.83 5.91 -29.30
C GLY D 183 -1.47 5.37 -28.91
N CYS D 184 -0.88 4.58 -29.78
CA CYS D 184 0.43 4.04 -29.54
C CYS D 184 1.35 4.44 -30.69
N GLY D 185 2.63 4.14 -30.52
CA GLY D 185 3.62 4.33 -31.53
C GLY D 185 4.32 5.65 -31.33
N PRO D 186 5.14 6.04 -32.31
CA PRO D 186 6.12 7.17 -32.16
C PRO D 186 5.50 8.58 -32.22
N GLY D 187 6.34 9.58 -32.24
CA GLY D 187 5.75 10.89 -32.46
C GLY D 187 4.98 11.45 -31.27
N ALA D 188 3.85 12.05 -31.54
CA ALA D 188 2.98 12.64 -30.60
C ALA D 188 2.35 11.63 -29.64
N MET D 189 2.44 10.33 -29.95
CA MET D 189 1.85 9.29 -29.13
C MET D 189 2.86 8.94 -28.10
N GLU D 190 4.07 9.50 -28.23
CA GLU D 190 5.19 9.14 -27.39
C GLU D 190 5.63 10.30 -26.47
N GLY D 191 5.69 11.53 -26.99
CA GLY D 191 6.36 12.58 -26.20
C GLY D 191 5.63 13.01 -24.95
N PRO D 192 4.35 13.17 -25.03
CA PRO D 192 3.60 13.56 -23.84
C PRO D 192 3.80 12.62 -22.63
N MET D 193 3.84 11.28 -22.80
CA MET D 193 4.11 10.40 -21.63
C MET D 193 5.52 10.57 -21.09
N LYS D 194 6.49 10.81 -21.95
CA LYS D 194 7.87 11.02 -21.48
C LYS D 194 7.97 12.26 -20.65
N GLY D 195 7.34 13.34 -21.10
CA GLY D 195 7.19 14.54 -20.28
C GLY D 195 6.43 14.39 -18.94
N ALA D 196 5.28 13.71 -18.96
CA ALA D 196 4.50 13.49 -17.79
C ALA D 196 5.29 12.72 -16.74
N ALA D 197 6.06 11.73 -17.17
CA ALA D 197 6.84 10.93 -16.23
C ALA D 197 7.65 11.90 -15.34
N VAL D 198 8.26 12.90 -15.99
CA VAL D 198 8.97 13.94 -15.31
C VAL D 198 8.02 14.81 -14.45
N GLY D 199 6.93 15.31 -15.03
CA GLY D 199 5.98 16.21 -14.28
C GLY D 199 5.26 15.49 -13.12
N HIS D 200 4.81 14.23 -13.35
CA HIS D 200 4.20 13.41 -12.28
C HIS D 200 5.20 13.10 -11.17
N ALA D 201 6.45 12.82 -11.51
CA ALA D 201 7.44 12.53 -10.48
C ALA D 201 7.68 13.76 -9.62
N LYS D 202 7.82 14.92 -10.21
CA LYS D 202 7.91 16.20 -9.36
C LYS D 202 6.74 16.38 -8.45
N GLN D 203 5.65 15.84 -8.95
CA GLN D 203 4.42 15.98 -8.23
C GLN D 203 4.14 14.79 -7.30
N ARG D 204 4.99 13.76 -7.31
CA ARG D 204 4.71 12.50 -6.52
C ARG D 204 3.35 11.93 -6.90
N TYR D 205 2.96 12.08 -8.16
CA TYR D 205 1.71 11.49 -8.58
C TYR D 205 1.94 10.01 -8.93
N SER D 206 2.04 9.11 -7.93
CA SER D 206 2.56 7.75 -8.26
C SER D 206 1.44 6.97 -8.94
N GLU D 207 0.22 7.47 -8.81
CA GLU D 207 -0.95 6.78 -9.35
C GLU D 207 -1.21 7.16 -10.81
N TYR D 208 -0.21 7.67 -11.52
CA TYR D 208 -0.48 8.24 -12.82
C TYR D 208 -1.02 7.12 -13.69
N ARG D 209 -1.75 7.51 -14.75
CA ARG D 209 -2.27 6.59 -15.71
C ARG D 209 -1.87 6.95 -17.13
N TYR D 210 -1.18 6.04 -17.83
CA TYR D 210 -0.88 6.34 -19.20
C TYR D 210 -1.57 5.29 -20.05
N LEU D 211 -2.78 5.62 -20.51
CA LEU D 211 -3.63 4.70 -21.30
C LEU D 211 -3.22 4.72 -22.75
N GLY D 212 -2.80 3.59 -23.29
CA GLY D 212 -2.54 3.51 -24.75
C GLY D 212 -3.50 2.56 -25.44
N LEU D 213 -4.40 3.08 -26.28
CA LEU D 213 -5.47 2.28 -26.96
C LEU D 213 -4.92 2.04 -28.32
N THR D 214 -4.92 0.77 -28.75
CA THR D 214 -4.55 0.37 -30.11
C THR D 214 -5.67 -0.55 -30.69
N GLU D 215 -5.39 -1.24 -31.81
CA GLU D 215 -6.36 -2.13 -32.45
C GLU D 215 -5.51 -3.01 -33.35
N PRO D 216 -5.92 -4.28 -33.63
CA PRO D 216 -4.91 -5.22 -34.18
C PRO D 216 -4.38 -4.93 -35.59
N SER D 217 -5.04 -4.11 -36.40
CA SER D 217 -4.43 -3.89 -37.71
C SER D 217 -3.68 -2.53 -37.77
N ILE D 218 -3.51 -1.89 -36.63
CA ILE D 218 -2.63 -0.74 -36.61
C ILE D 218 -1.46 -0.99 -35.65
N ILE D 219 -1.58 -2.04 -34.84
CA ILE D 219 -0.68 -2.13 -33.68
C ILE D 219 0.76 -2.30 -34.09
N ALA D 220 0.95 -2.96 -35.21
CA ALA D 220 2.29 -3.31 -35.61
C ALA D 220 2.99 -2.06 -36.15
N ALA D 221 2.24 -1.21 -36.84
CA ALA D 221 2.78 0.01 -37.32
C ALA D 221 3.03 1.02 -36.20
N GLU D 222 2.20 0.97 -35.15
CA GLU D 222 2.29 1.96 -34.13
C GLU D 222 2.24 1.25 -32.81
N PRO D 223 3.32 0.53 -32.51
CA PRO D 223 3.49 -0.39 -31.37
C PRO D 223 3.54 0.45 -30.05
N PRO D 224 3.02 -0.12 -28.94
CA PRO D 224 2.94 0.65 -27.70
C PRO D 224 4.31 0.73 -27.09
N ASN D 225 4.68 1.92 -26.59
CA ASN D 225 5.91 2.08 -25.82
C ASN D 225 5.80 1.35 -24.50
N PRO D 226 6.91 0.81 -23.96
CA PRO D 226 6.72 0.21 -22.63
C PRO D 226 6.31 1.14 -21.49
N ILE D 227 6.26 2.46 -21.70
CA ILE D 227 5.97 3.40 -20.60
C ILE D 227 4.49 3.47 -20.45
N VAL D 228 3.78 3.08 -21.51
CA VAL D 228 2.30 2.95 -21.38
C VAL D 228 2.07 1.96 -20.20
N ASN D 229 1.31 2.36 -19.16
CA ASN D 229 1.06 1.40 -18.09
C ASN D 229 -0.38 0.87 -18.17
N GLU D 230 -1.24 1.35 -19.10
CA GLU D 230 -2.54 0.64 -19.43
C GLU D 230 -2.74 0.55 -20.94
N LEU D 231 -2.24 -0.53 -21.51
CA LEU D 231 -2.53 -0.84 -22.90
C LEU D 231 -3.88 -1.56 -23.04
N VAL D 232 -4.72 -1.11 -24.00
CA VAL D 232 -6.04 -1.70 -24.29
C VAL D 232 -6.10 -1.92 -25.82
N ILE D 233 -6.38 -3.15 -26.24
CA ILE D 233 -6.64 -3.51 -27.65
C ILE D 233 -8.13 -3.56 -27.93
N MET D 234 -8.58 -2.60 -28.72
CA MET D 234 -9.96 -2.52 -29.11
C MET D 234 -10.09 -3.32 -30.43
N PRO D 235 -11.33 -3.65 -30.82
CA PRO D 235 -11.49 -4.46 -32.03
C PRO D 235 -11.14 -3.73 -33.32
N ASP D 236 -11.38 -2.43 -33.34
CA ASP D 236 -11.23 -1.65 -34.55
C ASP D 236 -11.10 -0.15 -34.24
N ILE D 237 -10.91 0.63 -35.31
CA ILE D 237 -10.55 2.01 -35.22
C ILE D 237 -11.73 2.82 -34.64
N GLU D 238 -12.95 2.40 -34.97
CA GLU D 238 -14.08 3.18 -34.73
C GLU D 238 -14.35 2.94 -33.25
N LYS D 239 -14.07 1.71 -32.81
CA LYS D 239 -14.30 1.35 -31.40
C LYS D 239 -13.26 2.01 -30.47
N ARG D 240 -12.05 2.19 -30.99
CA ARG D 240 -11.08 3.03 -30.28
C ARG D 240 -11.49 4.49 -30.21
N LEU D 241 -11.93 5.02 -31.36
CA LEU D 241 -12.42 6.39 -31.41
C LEU D 241 -13.47 6.62 -30.37
N GLU D 242 -14.46 5.72 -30.29
CA GLU D 242 -15.53 5.82 -29.29
C GLU D 242 -15.01 5.68 -27.86
N ALA D 243 -14.12 4.73 -27.68
CA ALA D 243 -13.46 4.56 -26.40
C ALA D 243 -12.79 5.88 -25.98
N PHE D 244 -12.06 6.48 -26.92
CA PHE D 244 -11.33 7.74 -26.68
C PHE D 244 -12.31 8.75 -26.19
N VAL D 245 -13.46 8.88 -26.89
CA VAL D 245 -14.32 10.03 -26.65
C VAL D 245 -15.26 9.83 -25.50
N ARG D 246 -15.51 8.56 -25.14
CA ARG D 246 -16.34 8.23 -24.00
C ARG D 246 -15.57 8.31 -22.69
N MET D 247 -14.27 8.01 -22.77
CA MET D 247 -13.40 8.17 -21.59
C MET D 247 -12.80 9.58 -21.44
N ALA D 248 -12.67 10.39 -22.51
CA ALA D 248 -12.03 11.74 -22.41
C ALA D 248 -12.76 12.61 -21.44
N HIS D 249 -12.05 13.33 -20.60
CA HIS D 249 -12.64 14.51 -19.99
C HIS D 249 -12.09 15.78 -20.62
N GLY D 250 -10.99 15.67 -21.38
CA GLY D 250 -10.48 16.71 -22.21
C GLY D 250 -9.72 16.15 -23.35
N ILE D 251 -9.60 16.93 -24.39
CA ILE D 251 -8.84 16.51 -25.53
C ILE D 251 -7.88 17.58 -25.94
N ILE D 252 -6.69 17.14 -26.30
CA ILE D 252 -5.66 18.00 -26.76
C ILE D 252 -5.28 17.38 -28.05
N ILE D 253 -5.33 18.20 -29.09
CA ILE D 253 -4.97 17.78 -30.41
C ILE D 253 -3.69 18.54 -30.85
N PHE D 254 -2.59 17.81 -31.07
CA PHE D 254 -1.36 18.35 -31.65
C PHE D 254 -1.40 18.25 -33.21
N PRO D 255 -0.58 19.06 -33.93
CA PRO D 255 -0.51 18.93 -35.39
C PRO D 255 -0.24 17.49 -35.73
N GLY D 256 -0.92 16.96 -36.74
CA GLY D 256 -0.57 15.63 -37.31
C GLY D 256 -1.12 15.45 -38.72
N GLY D 257 -1.06 14.20 -39.19
CA GLY D 257 -1.46 13.73 -40.54
C GLY D 257 -2.91 13.34 -40.73
N PRO D 258 -3.20 12.39 -41.67
CA PRO D 258 -4.63 11.98 -41.88
C PRO D 258 -5.33 11.34 -40.64
N GLY D 259 -4.59 10.46 -39.93
CA GLY D 259 -5.00 9.87 -38.62
C GLY D 259 -5.53 10.94 -37.65
N THR D 260 -4.74 11.96 -37.41
CA THR D 260 -5.23 13.05 -36.56
C THR D 260 -6.42 13.83 -37.13
N ALA D 261 -6.38 14.13 -38.44
CA ALA D 261 -7.46 14.78 -39.14
C ALA D 261 -8.72 13.89 -38.99
N GLU D 262 -8.57 12.59 -39.16
CA GLU D 262 -9.68 11.69 -38.84
C GLU D 262 -10.34 11.94 -37.43
N GLU D 263 -9.48 11.88 -36.40
CA GLU D 263 -9.94 11.98 -35.00
C GLU D 263 -10.63 13.28 -34.81
N LEU D 264 -10.07 14.33 -35.38
CA LEU D 264 -10.65 15.64 -35.20
C LEU D 264 -12.06 15.71 -35.84
N LEU D 265 -12.18 15.17 -37.06
CA LEU D 265 -13.52 15.10 -37.72
C LEU D 265 -14.50 14.28 -36.85
N TYR D 266 -14.04 13.12 -36.37
CA TYR D 266 -14.83 12.36 -35.41
C TYR D 266 -15.36 13.24 -34.29
N ILE D 267 -14.47 13.84 -33.50
CA ILE D 267 -15.02 14.51 -32.33
C ILE D 267 -15.96 15.69 -32.66
N LEU D 268 -15.58 16.45 -33.68
CA LEU D 268 -16.29 17.67 -33.99
C LEU D 268 -17.62 17.26 -34.59
N GLY D 269 -17.54 16.27 -35.48
CA GLY D 269 -18.75 15.57 -35.95
C GLY D 269 -19.68 15.33 -34.79
N ILE D 270 -19.17 14.66 -33.78
CA ILE D 270 -20.00 14.32 -32.65
C ILE D 270 -20.41 15.54 -31.82
N MET D 271 -19.46 16.44 -31.56
CA MET D 271 -19.71 17.59 -30.69
C MET D 271 -20.77 18.54 -31.22
N MET D 272 -20.93 18.56 -32.55
CA MET D 272 -21.92 19.43 -33.17
C MET D 272 -23.37 18.93 -33.07
N HIS D 273 -23.56 17.65 -32.75
CA HIS D 273 -24.89 17.14 -32.55
C HIS D 273 -25.68 18.02 -31.59
N PRO D 274 -26.88 18.50 -32.03
CA PRO D 274 -27.66 19.51 -31.25
C PRO D 274 -27.96 19.08 -29.83
N GLU D 275 -27.81 17.78 -29.56
CA GLU D 275 -28.07 17.21 -28.24
C GLU D 275 -26.74 16.95 -27.53
N ASN D 276 -25.72 17.77 -27.83
CA ASN D 276 -24.39 17.62 -27.25
C ASN D 276 -23.90 19.00 -26.86
N ALA D 277 -24.71 20.01 -27.19
CA ALA D 277 -24.41 21.40 -26.87
C ALA D 277 -23.87 21.62 -25.45
N ASP D 278 -24.37 20.85 -24.48
CA ASP D 278 -24.07 21.03 -23.07
C ASP D 278 -22.88 20.21 -22.54
N GLN D 279 -22.35 19.31 -23.38
CA GLN D 279 -21.17 18.55 -23.08
C GLN D 279 -19.99 19.52 -22.95
N PRO D 280 -19.27 19.54 -21.81
CA PRO D 280 -18.25 20.58 -21.58
C PRO D 280 -16.79 20.14 -21.74
N MET D 281 -16.54 19.00 -22.39
CA MET D 281 -15.17 18.54 -22.60
C MET D 281 -14.47 19.60 -23.42
N PRO D 282 -13.32 20.11 -22.92
CA PRO D 282 -12.52 21.01 -23.70
C PRO D 282 -11.86 20.30 -24.83
N ILE D 283 -11.76 21.02 -25.95
CA ILE D 283 -10.96 20.55 -27.07
C ILE D 283 -9.94 21.59 -27.45
N VAL D 284 -8.66 21.24 -27.34
CA VAL D 284 -7.58 22.19 -27.55
C VAL D 284 -6.64 21.73 -28.64
N LEU D 285 -6.56 22.57 -29.65
CA LEU D 285 -5.58 22.35 -30.68
C LEU D 285 -4.41 23.18 -30.22
N THR D 286 -3.27 22.56 -30.09
CA THR D 286 -2.17 23.28 -29.61
C THR D 286 -0.95 22.78 -30.35
N GLY D 287 0.08 23.60 -30.41
CA GLY D 287 1.39 23.20 -31.08
C GLY D 287 2.42 24.30 -30.79
N PRO D 288 3.68 24.10 -31.24
CA PRO D 288 4.80 25.06 -31.13
C PRO D 288 4.54 26.28 -32.05
N LYS D 289 5.27 27.38 -31.86
CA LYS D 289 5.06 28.61 -32.65
C LYS D 289 5.23 28.25 -34.14
N GLN D 290 6.18 27.38 -34.45
CA GLN D 290 6.38 26.92 -35.85
C GLN D 290 5.15 26.28 -36.55
N SER D 291 4.13 25.93 -35.79
CA SER D 291 2.99 25.23 -36.36
C SER D 291 1.82 26.19 -36.54
N GLU D 292 2.07 27.49 -36.38
CA GLU D 292 1.03 28.53 -36.61
C GLU D 292 0.32 28.47 -38.00
N ALA D 293 1.04 28.07 -39.03
CA ALA D 293 0.53 28.09 -40.41
C ALA D 293 -0.26 26.81 -40.57
N TYR D 294 0.36 25.67 -40.17
CA TYR D 294 -0.39 24.38 -40.01
C TYR D 294 -1.77 24.61 -39.39
N PHE D 295 -1.79 25.31 -38.29
CA PHE D 295 -3.04 25.55 -37.60
C PHE D 295 -4.01 26.46 -38.29
N ARG D 296 -3.50 27.58 -38.82
CA ARG D 296 -4.38 28.44 -39.62
C ARG D 296 -4.95 27.66 -40.78
N SER D 297 -4.09 26.92 -41.45
CA SER D 297 -4.57 26.03 -42.49
C SER D 297 -5.69 25.10 -42.00
N LEU D 298 -5.69 24.68 -40.71
CA LEU D 298 -6.69 23.68 -40.28
C LEU D 298 -8.01 24.25 -39.82
N ASP D 299 -7.91 25.32 -39.05
CA ASP D 299 -9.04 26.11 -38.68
C ASP D 299 -9.82 26.39 -39.98
N LYS D 300 -9.11 26.81 -41.05
CA LYS D 300 -9.74 27.15 -42.33
C LYS D 300 -10.44 25.95 -42.84
N PHE D 301 -9.65 24.92 -43.13
CA PHE D 301 -10.12 23.69 -43.75
C PHE D 301 -11.15 22.96 -42.95
N ILE D 302 -11.34 23.39 -41.70
CA ILE D 302 -12.41 22.88 -40.85
C ILE D 302 -13.70 23.69 -40.91
N THR D 303 -13.59 25.02 -40.87
CA THR D 303 -14.82 25.83 -40.91
C THR D 303 -15.38 25.92 -42.33
N ASP D 304 -14.50 25.70 -43.31
CA ASP D 304 -14.91 25.65 -44.71
C ASP D 304 -15.82 24.44 -44.97
N THR D 305 -15.32 23.24 -44.62
CA THR D 305 -16.06 21.97 -44.72
C THR D 305 -17.30 21.83 -43.82
N LEU D 306 -17.13 22.16 -42.53
CA LEU D 306 -18.18 21.93 -41.52
C LEU D 306 -18.94 23.20 -41.22
N GLY D 307 -18.51 24.33 -41.78
CA GLY D 307 -19.21 25.59 -41.58
C GLY D 307 -18.94 26.24 -40.22
N GLU D 308 -18.82 27.56 -40.24
CA GLU D 308 -18.48 28.38 -39.07
C GLU D 308 -18.99 28.00 -37.69
N ALA D 309 -20.21 27.46 -37.58
CA ALA D 309 -20.76 27.04 -36.26
C ALA D 309 -19.84 26.03 -35.51
N ALA D 310 -18.94 25.39 -36.27
CA ALA D 310 -17.96 24.44 -35.76
C ALA D 310 -16.94 25.09 -34.80
N ARG D 311 -16.43 26.26 -35.17
CA ARG D 311 -15.45 26.95 -34.34
C ARG D 311 -15.88 27.11 -32.88
N LYS D 312 -17.15 26.94 -32.56
CA LYS D 312 -17.56 27.23 -31.17
C LYS D 312 -17.12 26.12 -30.19
N HIS D 313 -16.61 25.03 -30.76
CA HIS D 313 -16.42 23.77 -30.05
C HIS D 313 -14.97 23.44 -29.72
N TYR D 314 -14.04 24.22 -30.26
CA TYR D 314 -12.65 23.97 -29.91
C TYR D 314 -11.94 25.25 -29.71
N SER D 315 -10.78 25.19 -29.12
CA SER D 315 -9.90 26.31 -29.28
C SER D 315 -8.46 25.99 -29.69
N ILE D 316 -7.69 27.04 -29.92
CA ILE D 316 -6.33 26.95 -30.45
C ILE D 316 -5.47 27.73 -29.47
N ALA D 317 -4.35 27.13 -29.06
CA ALA D 317 -3.34 27.71 -28.16
C ALA D 317 -1.99 27.29 -28.73
N ILE D 318 -1.20 28.27 -29.20
CA ILE D 318 0.07 27.97 -29.85
C ILE D 318 1.12 28.43 -28.90
N ASP D 319 2.23 27.73 -28.87
CA ASP D 319 3.43 28.19 -28.15
C ASP D 319 3.20 28.43 -26.66
N ASN D 320 2.45 27.51 -26.05
CA ASN D 320 2.21 27.61 -24.66
C ASN D 320 1.78 26.32 -24.06
N PRO D 321 2.76 25.54 -23.59
CA PRO D 321 2.40 24.20 -23.13
C PRO D 321 1.61 24.32 -21.86
N ALA D 322 1.93 25.26 -20.99
CA ALA D 322 1.12 25.45 -19.78
C ALA D 322 -0.35 25.78 -19.94
N GLU D 323 -0.69 26.57 -20.97
CA GLU D 323 -2.08 27.07 -21.10
C GLU D 323 -2.95 25.90 -21.54
N ALA D 324 -2.38 25.05 -22.39
CA ALA D 324 -3.11 23.93 -22.92
C ALA D 324 -3.43 22.94 -21.76
N ALA D 325 -2.47 22.70 -20.87
CA ALA D 325 -2.67 21.81 -19.72
C ALA D 325 -3.54 22.51 -18.65
N ARG D 326 -3.44 23.83 -18.54
CA ARG D 326 -4.34 24.60 -17.71
C ARG D 326 -5.81 24.64 -18.13
N ILE D 327 -6.11 24.81 -19.42
CA ILE D 327 -7.50 24.61 -19.89
C ILE D 327 -8.02 23.20 -19.57
N MET D 328 -7.19 22.18 -19.77
CA MET D 328 -7.63 20.87 -19.35
C MET D 328 -8.05 20.89 -17.87
N SER D 329 -7.14 21.37 -17.06
CA SER D 329 -7.32 21.35 -15.62
C SER D 329 -8.57 22.11 -15.09
N ASN D 330 -8.84 23.28 -15.67
CA ASN D 330 -9.98 24.09 -15.23
C ASN D 330 -11.33 23.63 -15.71
N ALA D 331 -11.37 22.83 -16.78
CA ALA D 331 -12.63 22.15 -17.16
C ALA D 331 -12.97 20.88 -16.31
N MET D 332 -12.05 20.36 -15.50
CA MET D 332 -12.35 19.11 -14.73
C MET D 332 -13.55 19.34 -13.81
N PRO D 333 -13.58 20.46 -13.05
CA PRO D 333 -14.80 20.74 -12.29
C PRO D 333 -16.09 20.90 -13.10
N LEU D 334 -16.01 21.22 -14.39
CA LEU D 334 -17.22 21.43 -15.19
C LEU D 334 -17.71 20.11 -15.68
N VAL D 335 -16.73 19.29 -16.07
CA VAL D 335 -17.04 17.96 -16.54
C VAL D 335 -17.67 17.22 -15.39
N ARG D 336 -17.06 17.33 -14.21
CA ARG D 336 -17.53 16.67 -12.97
C ARG D 336 -18.98 17.04 -12.64
N GLN D 337 -19.28 18.35 -12.60
CA GLN D 337 -20.66 18.81 -12.43
C GLN D 337 -21.62 18.38 -13.53
N HIS D 338 -21.20 18.43 -14.79
CA HIS D 338 -22.15 18.07 -15.85
C HIS D 338 -22.50 16.57 -15.80
N ARG D 339 -21.58 15.76 -15.30
CA ARG D 339 -21.84 14.33 -15.24
C ARG D 339 -22.83 14.07 -14.14
N LYS D 340 -22.67 14.82 -13.04
CA LYS D 340 -23.58 14.81 -11.89
C LYS D 340 -24.98 15.33 -12.27
N ASP D 341 -25.11 15.98 -13.43
CA ASP D 341 -26.39 16.54 -13.80
C ASP D 341 -27.11 15.57 -14.69
N LYS D 342 -26.38 14.64 -15.30
CA LYS D 342 -27.07 13.64 -16.07
C LYS D 342 -27.07 12.28 -15.34
N GLU D 343 -26.82 12.27 -14.04
CA GLU D 343 -26.83 10.97 -13.30
C GLU D 343 -25.96 9.95 -14.06
N ASP D 344 -24.83 10.44 -14.56
CA ASP D 344 -23.95 9.74 -15.46
C ASP D 344 -22.58 9.43 -14.80
N ALA D 345 -21.83 8.46 -15.38
CA ALA D 345 -20.61 8.01 -14.73
C ALA D 345 -19.47 9.01 -15.01
N TYR D 346 -18.50 9.12 -14.10
CA TYR D 346 -17.35 9.99 -14.34
C TYR D 346 -16.43 9.33 -15.32
N SER D 347 -16.26 8.02 -15.20
CA SER D 347 -15.37 7.29 -16.06
C SER D 347 -15.84 7.02 -17.51
N PHE D 348 -17.14 7.03 -17.80
CA PHE D 348 -17.66 6.68 -19.12
C PHE D 348 -18.83 7.60 -19.49
N ASN D 349 -18.65 8.36 -20.56
CA ASN D 349 -19.65 9.30 -20.95
C ASN D 349 -20.79 8.60 -21.72
N TRP D 350 -21.74 8.02 -20.99
CA TRP D 350 -22.86 7.32 -21.62
C TRP D 350 -23.78 8.30 -22.38
N SER D 351 -23.89 9.50 -21.82
CA SER D 351 -24.89 10.48 -22.16
C SER D 351 -24.52 11.18 -23.44
N LEU D 352 -23.24 11.18 -23.78
CA LEU D 352 -22.84 11.74 -25.06
C LEU D 352 -23.59 11.02 -26.16
N LYS D 353 -24.17 11.79 -27.11
CA LYS D 353 -24.82 11.18 -28.30
C LYS D 353 -23.90 11.11 -29.51
N ILE D 354 -23.65 9.87 -29.92
CA ILE D 354 -22.83 9.47 -31.03
C ILE D 354 -23.71 8.68 -32.00
N GLU D 355 -23.89 9.17 -33.22
CA GLU D 355 -24.84 8.59 -34.22
C GLU D 355 -24.21 7.38 -34.95
N PRO D 356 -25.04 6.51 -35.54
CA PRO D 356 -24.45 5.23 -36.05
C PRO D 356 -23.41 5.36 -37.18
N GLU D 357 -23.30 6.53 -37.74
CA GLU D 357 -22.44 6.72 -38.89
C GLU D 357 -20.99 6.93 -38.38
N PHE D 358 -20.85 7.21 -37.08
CA PHE D 358 -19.53 7.33 -36.48
C PHE D 358 -19.06 5.96 -36.07
N GLN D 359 -20.00 5.06 -35.77
CA GLN D 359 -19.66 3.73 -35.25
C GLN D 359 -19.34 2.68 -36.34
N LEU D 360 -19.99 2.77 -37.52
CA LEU D 360 -19.91 1.73 -38.57
C LEU D 360 -18.48 1.47 -39.00
N PRO D 361 -17.98 0.25 -38.77
CA PRO D 361 -16.61 -0.06 -39.06
C PRO D 361 -16.31 -0.11 -40.57
N PHE D 362 -15.72 0.98 -41.06
CA PHE D 362 -15.16 1.11 -42.42
C PHE D 362 -14.05 0.11 -42.77
N GLU D 363 -14.23 -0.67 -43.84
CA GLU D 363 -13.07 -1.48 -44.34
C GLU D 363 -12.70 -0.77 -45.62
N PRO D 364 -11.73 0.17 -45.53
CA PRO D 364 -11.61 1.07 -46.67
C PRO D 364 -11.05 0.28 -47.87
N ASN D 365 -11.69 0.41 -49.03
CA ASN D 365 -11.15 -0.09 -50.27
C ASN D 365 -11.60 0.80 -51.46
N HIS D 366 -11.07 0.49 -52.65
CA HIS D 366 -11.32 1.31 -53.83
C HIS D 366 -12.80 1.57 -53.98
N GLU D 367 -13.57 0.47 -53.83
CA GLU D 367 -15.03 0.48 -53.90
C GLU D 367 -15.73 1.42 -52.83
N SER D 368 -15.39 1.16 -51.55
CA SER D 368 -16.03 1.84 -50.39
C SER D 368 -15.62 3.28 -50.39
N MET D 369 -14.38 3.50 -50.85
CA MET D 369 -13.75 4.79 -50.96
C MET D 369 -14.44 5.65 -52.03
N ALA D 370 -14.47 5.12 -53.26
CA ALA D 370 -15.15 5.75 -54.40
C ALA D 370 -16.57 6.15 -54.02
N ASN D 371 -17.21 5.30 -53.21
CA ASN D 371 -18.64 5.32 -52.92
C ASN D 371 -19.10 6.38 -51.91
N LEU D 372 -18.16 7.17 -51.37
CA LEU D 372 -18.40 8.02 -50.17
C LEU D 372 -19.13 9.34 -50.49
N ASP D 373 -20.19 9.67 -49.75
CA ASP D 373 -20.86 10.98 -49.96
C ASP D 373 -20.11 12.20 -49.42
N LEU D 374 -19.00 12.54 -50.07
CA LEU D 374 -18.27 13.81 -49.83
C LEU D 374 -18.90 15.08 -50.54
N HIS D 375 -19.94 15.70 -49.96
CA HIS D 375 -20.62 16.84 -50.63
C HIS D 375 -20.99 18.02 -49.71
N LEU D 376 -20.39 19.18 -49.97
CA LEU D 376 -20.67 20.42 -49.24
C LEU D 376 -22.16 20.54 -48.97
N ASN D 377 -22.94 19.98 -49.90
CA ASN D 377 -24.40 19.90 -49.85
C ASN D 377 -24.97 19.33 -48.53
N GLN D 378 -24.12 18.61 -47.79
CA GLN D 378 -24.52 17.92 -46.55
C GLN D 378 -24.47 18.79 -45.26
N ARG D 379 -25.48 18.63 -44.41
CA ARG D 379 -25.44 19.21 -43.06
C ARG D 379 -24.24 18.61 -42.30
N PRO D 380 -23.37 19.48 -41.71
CA PRO D 380 -22.09 19.16 -41.10
C PRO D 380 -21.90 17.72 -40.53
N GLU D 381 -22.77 17.31 -39.61
CA GLU D 381 -22.57 16.01 -38.93
C GLU D 381 -22.44 14.83 -39.91
N VAL D 382 -23.27 14.81 -40.96
CA VAL D 382 -23.19 13.73 -41.94
C VAL D 382 -21.86 13.86 -42.68
N LEU D 383 -21.56 15.11 -43.04
CA LEU D 383 -20.31 15.44 -43.73
C LEU D 383 -19.09 15.00 -42.88
N ALA D 384 -19.09 15.43 -41.62
CA ALA D 384 -18.06 15.00 -40.66
C ALA D 384 -17.79 13.51 -40.78
N ALA D 385 -18.83 12.73 -40.53
CA ALA D 385 -18.73 11.28 -40.58
C ALA D 385 -18.12 10.71 -41.87
N ASN D 386 -18.36 11.37 -43.00
CA ASN D 386 -17.79 10.92 -44.30
C ASN D 386 -16.34 11.37 -44.50
N LEU D 387 -16.07 12.58 -44.01
CA LEU D 387 -14.66 13.04 -43.85
C LEU D 387 -13.93 12.01 -42.98
N ARG D 388 -14.50 11.78 -41.80
CA ARG D 388 -13.95 10.77 -40.91
C ARG D 388 -13.52 9.55 -41.75
N ARG D 389 -14.46 8.96 -42.54
CA ARG D 389 -14.14 7.75 -43.31
C ARG D 389 -13.11 7.98 -44.41
N ALA D 390 -13.22 9.14 -45.06
CA ALA D 390 -12.25 9.57 -46.07
C ALA D 390 -10.83 9.49 -45.49
N PHE D 391 -10.61 10.22 -44.39
CA PHE D 391 -9.27 10.27 -43.80
C PHE D 391 -8.87 8.91 -43.27
N SER D 392 -9.87 8.10 -42.90
CA SER D 392 -9.54 6.79 -42.37
C SER D 392 -8.91 5.92 -43.44
N GLY D 393 -9.47 5.93 -44.63
CA GLY D 393 -8.92 5.14 -45.76
C GLY D 393 -7.58 5.70 -46.26
N VAL D 394 -7.37 7.03 -46.18
CA VAL D 394 -6.00 7.53 -46.40
C VAL D 394 -4.99 6.83 -45.44
N VAL D 395 -5.34 6.75 -44.14
CA VAL D 395 -4.46 6.10 -43.15
C VAL D 395 -4.27 4.62 -43.51
N ALA D 396 -5.39 3.91 -43.70
CA ALA D 396 -5.33 2.47 -44.00
C ALA D 396 -4.62 2.14 -45.33
N GLY D 397 -4.88 2.97 -46.36
CA GLY D 397 -4.12 2.91 -47.60
C GLY D 397 -2.63 2.94 -47.33
N ASN D 398 -2.20 3.88 -46.50
CA ASN D 398 -0.79 3.89 -46.09
C ASN D 398 -0.25 2.73 -45.19
N VAL D 399 -0.86 2.40 -44.03
CA VAL D 399 -0.11 1.55 -43.07
C VAL D 399 -0.57 0.11 -42.82
N LYS D 400 -1.89 -0.13 -42.92
CA LYS D 400 -2.44 -1.49 -42.70
C LYS D 400 -1.98 -2.45 -43.82
N ALA D 401 -1.83 -3.73 -43.45
CA ALA D 401 -1.43 -4.80 -44.36
C ALA D 401 -2.43 -4.82 -45.51
N GLU D 402 -3.70 -5.13 -45.17
CA GLU D 402 -4.79 -5.36 -46.14
C GLU D 402 -5.00 -4.16 -47.05
N GLY D 403 -5.01 -2.96 -46.47
CA GLY D 403 -4.90 -1.70 -47.22
C GLY D 403 -3.65 -1.61 -48.12
N ILE D 404 -2.46 -1.70 -47.52
CA ILE D 404 -1.21 -1.67 -48.31
C ILE D 404 -1.20 -2.73 -49.46
N ARG D 405 -1.89 -3.87 -49.28
CA ARG D 405 -2.07 -4.86 -50.38
C ARG D 405 -2.95 -4.30 -51.52
N GLU D 406 -4.15 -3.83 -51.18
CA GLU D 406 -5.16 -3.40 -52.16
C GLU D 406 -4.83 -2.08 -52.92
N ILE D 407 -4.13 -1.14 -52.26
CA ILE D 407 -3.68 0.12 -52.93
C ILE D 407 -2.35 -0.07 -53.65
N GLU D 408 -1.77 -1.27 -53.54
CA GLU D 408 -0.68 -1.65 -54.42
C GLU D 408 -1.21 -2.56 -55.54
N ARG D 409 -2.35 -3.24 -55.32
CA ARG D 409 -2.95 -4.13 -56.33
C ARG D 409 -3.84 -3.40 -57.36
N HIS D 410 -4.33 -2.21 -57.02
CA HIS D 410 -5.12 -1.41 -57.96
C HIS D 410 -4.87 0.10 -57.79
N GLY D 411 -3.72 0.48 -57.20
CA GLY D 411 -3.29 1.89 -57.08
C GLY D 411 -4.01 2.77 -56.07
N PRO D 412 -3.89 4.11 -56.20
CA PRO D 412 -4.61 5.02 -55.32
C PRO D 412 -6.06 4.66 -55.07
N PHE D 413 -6.41 4.43 -53.81
CA PHE D 413 -7.81 4.52 -53.40
C PHE D 413 -8.26 5.92 -53.90
N GLU D 414 -9.22 5.94 -54.84
CA GLU D 414 -9.66 7.19 -55.48
C GLU D 414 -10.90 7.79 -54.80
N MET D 415 -10.92 9.11 -54.71
CA MET D 415 -12.00 9.80 -53.97
C MET D 415 -12.89 10.62 -54.89
N HIS D 416 -14.17 10.67 -54.56
CA HIS D 416 -15.14 11.33 -55.42
C HIS D 416 -16.12 12.13 -54.60
N GLY D 417 -16.18 13.41 -54.90
CA GLY D 417 -17.17 14.29 -54.29
C GLY D 417 -17.17 15.62 -55.03
N ASP D 418 -18.01 16.53 -54.57
CA ASP D 418 -18.11 17.85 -55.17
C ASP D 418 -16.70 18.45 -55.27
N PRO D 419 -16.38 19.16 -56.40
CA PRO D 419 -14.95 19.43 -56.74
C PRO D 419 -14.24 20.55 -55.95
N VAL D 420 -14.99 21.47 -55.33
CA VAL D 420 -14.41 22.46 -54.42
C VAL D 420 -13.78 21.77 -53.21
N LEU D 421 -14.52 20.81 -52.64
CA LEU D 421 -14.03 19.93 -51.57
C LEU D 421 -12.79 19.22 -52.05
N MET D 422 -12.98 18.28 -52.98
CA MET D 422 -11.88 17.48 -53.53
C MET D 422 -10.54 18.21 -53.73
N LYS D 423 -10.58 19.47 -54.21
CA LYS D 423 -9.32 20.23 -54.42
C LYS D 423 -8.77 20.78 -53.10
N LYS D 424 -9.64 21.29 -52.22
CA LYS D 424 -9.20 21.88 -50.95
C LYS D 424 -8.92 20.85 -49.83
N MET D 425 -9.65 19.73 -49.85
CA MET D 425 -9.26 18.53 -49.13
C MET D 425 -7.90 18.07 -49.68
N ASP D 426 -7.56 18.60 -50.84
CA ASP D 426 -6.44 18.07 -51.56
C ASP D 426 -5.19 18.87 -51.21
N GLN D 427 -5.37 20.19 -51.05
CA GLN D 427 -4.33 21.07 -50.47
C GLN D 427 -3.73 20.43 -49.16
N LEU D 428 -4.63 20.11 -48.22
CA LEU D 428 -4.29 19.56 -46.89
C LEU D 428 -3.54 18.26 -46.99
N LEU D 429 -4.06 17.34 -47.81
CA LEU D 429 -3.36 16.08 -48.02
C LEU D 429 -1.94 16.32 -48.55
N ASN D 430 -1.79 17.30 -49.46
CA ASN D 430 -0.49 17.74 -50.00
C ASN D 430 0.37 18.39 -48.96
N ASP D 431 -0.25 19.18 -48.08
CA ASP D 431 0.47 19.78 -46.95
C ASP D 431 1.09 18.69 -46.07
N PHE D 432 0.30 17.65 -45.77
CA PHE D 432 0.79 16.53 -44.96
C PHE D 432 2.05 16.01 -45.56
N VAL D 433 2.01 15.75 -46.87
CA VAL D 433 3.21 15.23 -47.53
C VAL D 433 4.32 16.26 -47.43
N ALA D 434 3.96 17.52 -47.69
CA ALA D 434 4.92 18.64 -47.74
C ALA D 434 5.60 18.77 -46.38
N GLN D 435 4.80 18.55 -45.31
CA GLN D 435 5.33 18.53 -43.95
C GLN D 435 5.82 17.17 -43.45
N ASN D 436 6.02 16.19 -44.33
CA ASN D 436 6.51 14.89 -43.87
C ASN D 436 5.66 14.21 -42.77
N ARG D 437 4.37 14.54 -42.71
CA ARG D 437 3.43 13.85 -41.86
C ARG D 437 3.00 12.41 -42.32
N MET D 438 3.52 11.90 -43.45
CA MET D 438 2.99 10.68 -44.03
C MET D 438 3.71 9.41 -43.62
S SO4 E . -26.39 -28.04 9.55
O1 SO4 E . -25.29 -28.97 9.83
O2 SO4 E . -26.72 -27.07 10.62
O3 SO4 E . -27.69 -28.82 9.24
O4 SO4 E . -25.98 -27.25 8.36
P PO4 F . -4.11 -3.96 38.96
O1 PO4 F . -3.42 -3.84 40.35
O2 PO4 F . -4.36 -5.45 38.71
O3 PO4 F . -3.13 -3.41 37.91
O4 PO4 F . -5.40 -3.22 38.78
P PO4 G . 31.27 21.68 -11.04
O1 PO4 G . 32.37 22.71 -10.71
O2 PO4 G . 30.64 21.24 -9.71
O3 PO4 G . 31.89 20.59 -11.91
O4 PO4 G . 30.13 22.29 -11.83
P PO4 H . -1.16 10.41 -38.37
O1 PO4 H . 0.30 10.09 -38.35
O2 PO4 H . -1.65 11.80 -38.02
O3 PO4 H . -1.76 9.43 -37.32
O4 PO4 H . -1.71 10.14 -39.77
C1 PEG I . 0.19 7.78 -52.99
O1 PEG I . 0.09 6.55 -52.24
C2 PEG I . -1.20 8.44 -53.03
O2 PEG I . -2.25 7.51 -52.68
C3 PEG I . -3.50 7.90 -53.24
C4 PEG I . -4.58 7.71 -52.20
O4 PEG I . -5.12 9.02 -51.94
#